data_4QXL
# 
_entry.id   4QXL 
# 
_audit_conform.dict_name       mmcif_pdbx.dic 
_audit_conform.dict_version    5.398 
_audit_conform.dict_location   http://mmcif.pdb.org/dictionaries/ascii/mmcif_pdbx.dic 
# 
loop_
_database_2.database_id 
_database_2.database_code 
_database_2.pdbx_database_accession 
_database_2.pdbx_DOI 
PDB   4QXL         pdb_00004qxl 10.2210/pdb4qxl/pdb 
RCSB  RCSB086640   ?            ?                   
WWPDB D_1000086640 ?            ?                   
# 
loop_
_pdbx_audit_revision_history.ordinal 
_pdbx_audit_revision_history.data_content_type 
_pdbx_audit_revision_history.major_revision 
_pdbx_audit_revision_history.minor_revision 
_pdbx_audit_revision_history.revision_date 
1 'Structure model' 1 0 2015-01-14 
2 'Structure model' 1 1 2015-03-25 
3 'Structure model' 1 2 2017-11-22 
4 'Structure model' 1 3 2024-11-06 
# 
_pdbx_audit_revision_details.ordinal             1 
_pdbx_audit_revision_details.revision_ordinal    1 
_pdbx_audit_revision_details.data_content_type   'Structure model' 
_pdbx_audit_revision_details.provider            repository 
_pdbx_audit_revision_details.type                'Initial release' 
_pdbx_audit_revision_details.description         ? 
_pdbx_audit_revision_details.details             ? 
# 
loop_
_pdbx_audit_revision_group.ordinal 
_pdbx_audit_revision_group.revision_ordinal 
_pdbx_audit_revision_group.data_content_type 
_pdbx_audit_revision_group.group 
1 2 'Structure model' 'Database references'    
2 3 'Structure model' 'Refinement description' 
3 4 'Structure model' 'Data collection'        
4 4 'Structure model' 'Database references'    
5 4 'Structure model' 'Structure summary'      
# 
loop_
_pdbx_audit_revision_category.ordinal 
_pdbx_audit_revision_category.revision_ordinal 
_pdbx_audit_revision_category.data_content_type 
_pdbx_audit_revision_category.category 
1 3 'Structure model' software                  
2 4 'Structure model' chem_comp_atom            
3 4 'Structure model' chem_comp_bond            
4 4 'Structure model' database_2                
5 4 'Structure model' pdbx_entry_details        
6 4 'Structure model' pdbx_modification_feature 
7 4 'Structure model' struct_ref_seq_dif        
# 
loop_
_pdbx_audit_revision_item.ordinal 
_pdbx_audit_revision_item.revision_ordinal 
_pdbx_audit_revision_item.data_content_type 
_pdbx_audit_revision_item.item 
1 4 'Structure model' '_database_2.pdbx_DOI'                
2 4 'Structure model' '_database_2.pdbx_database_accession' 
3 4 'Structure model' '_struct_ref_seq_dif.details'         
# 
_pdbx_database_status.entry_id                        4QXL 
_pdbx_database_status.deposit_site                    RCSB 
_pdbx_database_status.process_site                    RCSB 
_pdbx_database_status.recvd_initial_deposition_date   2014-07-21 
_pdbx_database_status.status_code                     REL 
_pdbx_database_status.status_code_sf                  REL 
_pdbx_database_status.status_code_mr                  ? 
_pdbx_database_status.SG_entry                        ? 
_pdbx_database_status.status_code_cs                  ? 
_pdbx_database_status.methods_development_category    ? 
_pdbx_database_status.pdb_format_compatible           Y 
_pdbx_database_status.status_code_nmr_data            ? 
# 
loop_
_audit_author.name 
_audit_author.pdbx_ordinal 
'Lee, J.'             1 
'Monzingo, A.F.'      2 
'Keatinge-Clay, A.T.' 3 
'Harshey, R.M.'       4 
# 
_citation.id                        primary 
_citation.title                     'Structure of Salmonella FlhE, Conserved Member of a Flagellar Type III Secretion Operon.' 
_citation.journal_abbrev            J.Mol.Biol. 
_citation.journal_volume            427 
_citation.page_first                1254 
_citation.page_last                 1262 
_citation.year                      2015 
_citation.journal_id_ASTM           JMOBAK 
_citation.country                   UK 
_citation.journal_id_ISSN           0022-2836 
_citation.journal_id_CSD            0070 
_citation.book_publisher            ? 
_citation.pdbx_database_id_PubMed   25545591 
_citation.pdbx_database_id_DOI      10.1016/j.jmb.2014.11.022 
# 
loop_
_citation_author.citation_id 
_citation_author.name 
_citation_author.ordinal 
_citation_author.identifier_ORCID 
primary 'Lee, J.'             1 ? 
primary 'Monzingo, A.F.'      2 ? 
primary 'Keatinge-Clay, A.T.' 3 ? 
primary 'Harshey, R.M.'       4 ? 
# 
loop_
_entity.id 
_entity.type 
_entity.src_method 
_entity.pdbx_description 
_entity.formula_weight 
_entity.pdbx_number_of_molecules 
_entity.pdbx_ec 
_entity.pdbx_mutation 
_entity.pdbx_fragment 
_entity.details 
1 polymer man 'Flagellar protein flhE' 13032.729 1  ? ? 'UNP residues 17-130' ? 
2 water   nat water                    18.015    86 ? ? ?                     ? 
# 
_entity_poly.entity_id                      1 
_entity_poly.type                           'polypeptide(L)' 
_entity_poly.nstd_linkage                   no 
_entity_poly.nstd_monomer                   no 
_entity_poly.pdbx_seq_one_letter_code       
;AGEGAWQDSGMGVTLNYRGVSASSSPLSARQPVSGVMTLVAWRYELNGPTPAGLRVRLCSQSRCVELDGQSGTTHGFAHV
PAVEPLRFVWEVPGGGRLIPALKVRSNQVIVNYRHHHHHH
;
_entity_poly.pdbx_seq_one_letter_code_can   
;AGEGAWQDSGMGVTLNYRGVSASSSPLSARQPVSGVMTLVAWRYELNGPTPAGLRVRLCSQSRCVELDGQSGTTHGFAHV
PAVEPLRFVWEVPGGGRLIPALKVRSNQVIVNYRHHHHHH
;
_entity_poly.pdbx_strand_id                 A 
_entity_poly.pdbx_target_identifier         ? 
# 
_pdbx_entity_nonpoly.entity_id   2 
_pdbx_entity_nonpoly.name        water 
_pdbx_entity_nonpoly.comp_id     HOH 
# 
loop_
_entity_poly_seq.entity_id 
_entity_poly_seq.num 
_entity_poly_seq.mon_id 
_entity_poly_seq.hetero 
1 1   ALA n 
1 2   GLY n 
1 3   GLU n 
1 4   GLY n 
1 5   ALA n 
1 6   TRP n 
1 7   GLN n 
1 8   ASP n 
1 9   SER n 
1 10  GLY n 
1 11  MET n 
1 12  GLY n 
1 13  VAL n 
1 14  THR n 
1 15  LEU n 
1 16  ASN n 
1 17  TYR n 
1 18  ARG n 
1 19  GLY n 
1 20  VAL n 
1 21  SER n 
1 22  ALA n 
1 23  SER n 
1 24  SER n 
1 25  SER n 
1 26  PRO n 
1 27  LEU n 
1 28  SER n 
1 29  ALA n 
1 30  ARG n 
1 31  GLN n 
1 32  PRO n 
1 33  VAL n 
1 34  SER n 
1 35  GLY n 
1 36  VAL n 
1 37  MET n 
1 38  THR n 
1 39  LEU n 
1 40  VAL n 
1 41  ALA n 
1 42  TRP n 
1 43  ARG n 
1 44  TYR n 
1 45  GLU n 
1 46  LEU n 
1 47  ASN n 
1 48  GLY n 
1 49  PRO n 
1 50  THR n 
1 51  PRO n 
1 52  ALA n 
1 53  GLY n 
1 54  LEU n 
1 55  ARG n 
1 56  VAL n 
1 57  ARG n 
1 58  LEU n 
1 59  CYS n 
1 60  SER n 
1 61  GLN n 
1 62  SER n 
1 63  ARG n 
1 64  CYS n 
1 65  VAL n 
1 66  GLU n 
1 67  LEU n 
1 68  ASP n 
1 69  GLY n 
1 70  GLN n 
1 71  SER n 
1 72  GLY n 
1 73  THR n 
1 74  THR n 
1 75  HIS n 
1 76  GLY n 
1 77  PHE n 
1 78  ALA n 
1 79  HIS n 
1 80  VAL n 
1 81  PRO n 
1 82  ALA n 
1 83  VAL n 
1 84  GLU n 
1 85  PRO n 
1 86  LEU n 
1 87  ARG n 
1 88  PHE n 
1 89  VAL n 
1 90  TRP n 
1 91  GLU n 
1 92  VAL n 
1 93  PRO n 
1 94  GLY n 
1 95  GLY n 
1 96  GLY n 
1 97  ARG n 
1 98  LEU n 
1 99  ILE n 
1 100 PRO n 
1 101 ALA n 
1 102 LEU n 
1 103 LYS n 
1 104 VAL n 
1 105 ARG n 
1 106 SER n 
1 107 ASN n 
1 108 GLN n 
1 109 VAL n 
1 110 ILE n 
1 111 VAL n 
1 112 ASN n 
1 113 TYR n 
1 114 ARG n 
1 115 HIS n 
1 116 HIS n 
1 117 HIS n 
1 118 HIS n 
1 119 HIS n 
1 120 HIS n 
# 
_entity_src_gen.entity_id                          1 
_entity_src_gen.pdbx_src_id                        1 
_entity_src_gen.pdbx_alt_source_flag               sample 
_entity_src_gen.pdbx_seq_type                      ? 
_entity_src_gen.pdbx_beg_seq_num                   ? 
_entity_src_gen.pdbx_end_seq_num                   ? 
_entity_src_gen.gene_src_common_name               ? 
_entity_src_gen.gene_src_genus                     ? 
_entity_src_gen.pdbx_gene_src_gene                 'FLHE, SEEA0014_18915' 
_entity_src_gen.gene_src_species                   ? 
_entity_src_gen.gene_src_strain                    ? 
_entity_src_gen.gene_src_tissue                    ? 
_entity_src_gen.gene_src_tissue_fraction           ? 
_entity_src_gen.gene_src_details                   ? 
_entity_src_gen.pdbx_gene_src_fragment             ? 
_entity_src_gen.pdbx_gene_src_scientific_name      'Salmonella enterica' 
_entity_src_gen.pdbx_gene_src_ncbi_taxonomy_id     28901 
_entity_src_gen.pdbx_gene_src_variant              ? 
_entity_src_gen.pdbx_gene_src_cell_line            ? 
_entity_src_gen.pdbx_gene_src_atcc                 ? 
_entity_src_gen.pdbx_gene_src_organ                ? 
_entity_src_gen.pdbx_gene_src_organelle            ? 
_entity_src_gen.pdbx_gene_src_cell                 ? 
_entity_src_gen.pdbx_gene_src_cellular_location    ? 
_entity_src_gen.host_org_common_name               ? 
_entity_src_gen.pdbx_host_org_scientific_name      'Salmonella enterica' 
_entity_src_gen.pdbx_host_org_ncbi_taxonomy_id     28901 
_entity_src_gen.host_org_genus                     ? 
_entity_src_gen.pdbx_host_org_gene                 ? 
_entity_src_gen.pdbx_host_org_organ                ? 
_entity_src_gen.host_org_species                   ? 
_entity_src_gen.pdbx_host_org_tissue               ? 
_entity_src_gen.pdbx_host_org_tissue_fraction      ? 
_entity_src_gen.pdbx_host_org_strain               ST004 
_entity_src_gen.pdbx_host_org_variant              ? 
_entity_src_gen.pdbx_host_org_cell_line            ? 
_entity_src_gen.pdbx_host_org_atcc                 ? 
_entity_src_gen.pdbx_host_org_culture_collection   ? 
_entity_src_gen.pdbx_host_org_cell                 ? 
_entity_src_gen.pdbx_host_org_organelle            ? 
_entity_src_gen.pdbx_host_org_cellular_location    ? 
_entity_src_gen.pdbx_host_org_vector_type          plasmid 
_entity_src_gen.pdbx_host_org_vector               ? 
_entity_src_gen.host_org_details                   ? 
_entity_src_gen.expression_system_id               ? 
_entity_src_gen.plasmid_name                       pTrc99a 
_entity_src_gen.plasmid_details                    ? 
_entity_src_gen.pdbx_description                   ? 
# 
loop_
_chem_comp.id 
_chem_comp.type 
_chem_comp.mon_nstd_flag 
_chem_comp.name 
_chem_comp.pdbx_synonyms 
_chem_comp.formula 
_chem_comp.formula_weight 
ALA 'L-peptide linking' y ALANINE         ? 'C3 H7 N O2'     89.093  
ARG 'L-peptide linking' y ARGININE        ? 'C6 H15 N4 O2 1' 175.209 
ASN 'L-peptide linking' y ASPARAGINE      ? 'C4 H8 N2 O3'    132.118 
ASP 'L-peptide linking' y 'ASPARTIC ACID' ? 'C4 H7 N O4'     133.103 
CYS 'L-peptide linking' y CYSTEINE        ? 'C3 H7 N O2 S'   121.158 
GLN 'L-peptide linking' y GLUTAMINE       ? 'C5 H10 N2 O3'   146.144 
GLU 'L-peptide linking' y 'GLUTAMIC ACID' ? 'C5 H9 N O4'     147.129 
GLY 'peptide linking'   y GLYCINE         ? 'C2 H5 N O2'     75.067  
HIS 'L-peptide linking' y HISTIDINE       ? 'C6 H10 N3 O2 1' 156.162 
HOH non-polymer         . WATER           ? 'H2 O'           18.015  
ILE 'L-peptide linking' y ISOLEUCINE      ? 'C6 H13 N O2'    131.173 
LEU 'L-peptide linking' y LEUCINE         ? 'C6 H13 N O2'    131.173 
LYS 'L-peptide linking' y LYSINE          ? 'C6 H15 N2 O2 1' 147.195 
MET 'L-peptide linking' y METHIONINE      ? 'C5 H11 N O2 S'  149.211 
PHE 'L-peptide linking' y PHENYLALANINE   ? 'C9 H11 N O2'    165.189 
PRO 'L-peptide linking' y PROLINE         ? 'C5 H9 N O2'     115.130 
SER 'L-peptide linking' y SERINE          ? 'C3 H7 N O3'     105.093 
THR 'L-peptide linking' y THREONINE       ? 'C4 H9 N O3'     119.119 
TRP 'L-peptide linking' y TRYPTOPHAN      ? 'C11 H12 N2 O2'  204.225 
TYR 'L-peptide linking' y TYROSINE        ? 'C9 H11 N O3'    181.189 
VAL 'L-peptide linking' y VALINE          ? 'C5 H11 N O2'    117.146 
# 
loop_
_pdbx_poly_seq_scheme.asym_id 
_pdbx_poly_seq_scheme.entity_id 
_pdbx_poly_seq_scheme.seq_id 
_pdbx_poly_seq_scheme.mon_id 
_pdbx_poly_seq_scheme.ndb_seq_num 
_pdbx_poly_seq_scheme.pdb_seq_num 
_pdbx_poly_seq_scheme.auth_seq_num 
_pdbx_poly_seq_scheme.pdb_mon_id 
_pdbx_poly_seq_scheme.auth_mon_id 
_pdbx_poly_seq_scheme.pdb_strand_id 
_pdbx_poly_seq_scheme.pdb_ins_code 
_pdbx_poly_seq_scheme.hetero 
A 1 1   ALA 1   1   1   ALA ALA A . n 
A 1 2   GLY 2   2   2   GLY GLY A . n 
A 1 3   GLU 3   3   3   GLU GLU A . n 
A 1 4   GLY 4   4   4   GLY GLY A . n 
A 1 5   ALA 5   5   5   ALA ALA A . n 
A 1 6   TRP 6   6   6   TRP TRP A . n 
A 1 7   GLN 7   7   7   GLN GLN A . n 
A 1 8   ASP 8   8   8   ASP ASP A . n 
A 1 9   SER 9   9   9   SER SER A . n 
A 1 10  GLY 10  10  10  GLY GLY A . n 
A 1 11  MET 11  11  11  MET MET A . n 
A 1 12  GLY 12  12  12  GLY GLY A . n 
A 1 13  VAL 13  13  13  VAL VAL A . n 
A 1 14  THR 14  14  14  THR THR A . n 
A 1 15  LEU 15  15  15  LEU LEU A . n 
A 1 16  ASN 16  16  16  ASN ASN A . n 
A 1 17  TYR 17  17  17  TYR TYR A . n 
A 1 18  ARG 18  18  18  ARG ARG A . n 
A 1 19  GLY 19  19  19  GLY GLY A . n 
A 1 20  VAL 20  20  20  VAL VAL A . n 
A 1 21  SER 21  21  21  SER SER A . n 
A 1 22  ALA 22  22  22  ALA ALA A . n 
A 1 23  SER 23  23  23  SER SER A . n 
A 1 24  SER 24  24  24  SER SER A . n 
A 1 25  SER 25  25  25  SER SER A . n 
A 1 26  PRO 26  26  26  PRO PRO A . n 
A 1 27  LEU 27  27  27  LEU LEU A . n 
A 1 28  SER 28  28  28  SER SER A . n 
A 1 29  ALA 29  29  29  ALA ALA A . n 
A 1 30  ARG 30  30  30  ARG ARG A . n 
A 1 31  GLN 31  31  31  GLN GLN A . n 
A 1 32  PRO 32  32  32  PRO PRO A . n 
A 1 33  VAL 33  33  33  VAL VAL A . n 
A 1 34  SER 34  34  34  SER SER A . n 
A 1 35  GLY 35  35  35  GLY GLY A . n 
A 1 36  VAL 36  36  36  VAL VAL A . n 
A 1 37  MET 37  37  37  MET MET A . n 
A 1 38  THR 38  38  38  THR THR A . n 
A 1 39  LEU 39  39  39  LEU LEU A . n 
A 1 40  VAL 40  40  40  VAL VAL A . n 
A 1 41  ALA 41  41  41  ALA ALA A . n 
A 1 42  TRP 42  42  42  TRP TRP A . n 
A 1 43  ARG 43  43  43  ARG ARG A . n 
A 1 44  TYR 44  44  44  TYR TYR A . n 
A 1 45  GLU 45  45  45  GLU GLU A . n 
A 1 46  LEU 46  46  46  LEU LEU A . n 
A 1 47  ASN 47  47  47  ASN ASN A . n 
A 1 48  GLY 48  48  48  GLY GLY A . n 
A 1 49  PRO 49  49  49  PRO PRO A . n 
A 1 50  THR 50  50  50  THR THR A . n 
A 1 51  PRO 51  51  51  PRO PRO A . n 
A 1 52  ALA 52  52  52  ALA ALA A . n 
A 1 53  GLY 53  53  53  GLY GLY A . n 
A 1 54  LEU 54  54  54  LEU LEU A . n 
A 1 55  ARG 55  55  55  ARG ARG A . n 
A 1 56  VAL 56  56  56  VAL VAL A . n 
A 1 57  ARG 57  57  57  ARG ARG A . n 
A 1 58  LEU 58  58  58  LEU LEU A . n 
A 1 59  CYS 59  59  59  CYS CYS A . n 
A 1 60  SER 60  60  60  SER SER A . n 
A 1 61  GLN 61  61  61  GLN GLN A . n 
A 1 62  SER 62  62  62  SER SER A . n 
A 1 63  ARG 63  63  63  ARG ARG A . n 
A 1 64  CYS 64  64  64  CYS CYS A . n 
A 1 65  VAL 65  65  65  VAL VAL A . n 
A 1 66  GLU 66  66  66  GLU GLU A . n 
A 1 67  LEU 67  67  67  LEU LEU A . n 
A 1 68  ASP 68  68  68  ASP ASP A . n 
A 1 69  GLY 69  69  69  GLY GLY A . n 
A 1 70  GLN 70  70  70  GLN GLN A . n 
A 1 71  SER 71  71  71  SER SER A . n 
A 1 72  GLY 72  72  72  GLY GLY A . n 
A 1 73  THR 73  73  73  THR THR A . n 
A 1 74  THR 74  74  74  THR THR A . n 
A 1 75  HIS 75  75  75  HIS HIS A . n 
A 1 76  GLY 76  76  76  GLY GLY A . n 
A 1 77  PHE 77  77  77  PHE PHE A . n 
A 1 78  ALA 78  78  78  ALA ALA A . n 
A 1 79  HIS 79  79  79  HIS HIS A . n 
A 1 80  VAL 80  80  80  VAL VAL A . n 
A 1 81  PRO 81  81  81  PRO PRO A . n 
A 1 82  ALA 82  82  82  ALA ALA A . n 
A 1 83  VAL 83  83  83  VAL VAL A . n 
A 1 84  GLU 84  84  84  GLU GLU A . n 
A 1 85  PRO 85  85  85  PRO PRO A . n 
A 1 86  LEU 86  86  86  LEU LEU A . n 
A 1 87  ARG 87  87  87  ARG ARG A . n 
A 1 88  PHE 88  88  88  PHE PHE A . n 
A 1 89  VAL 89  89  89  VAL VAL A . n 
A 1 90  TRP 90  90  90  TRP TRP A . n 
A 1 91  GLU 91  91  91  GLU GLU A . n 
A 1 92  VAL 92  92  92  VAL VAL A . n 
A 1 93  PRO 93  93  93  PRO PRO A . n 
A 1 94  GLY 94  94  94  GLY GLY A . n 
A 1 95  GLY 95  95  95  GLY GLY A . n 
A 1 96  GLY 96  96  96  GLY GLY A . n 
A 1 97  ARG 97  97  97  ARG ARG A . n 
A 1 98  LEU 98  98  98  LEU LEU A . n 
A 1 99  ILE 99  99  99  ILE ILE A . n 
A 1 100 PRO 100 100 100 PRO PRO A . n 
A 1 101 ALA 101 101 101 ALA ALA A . n 
A 1 102 LEU 102 102 102 LEU LEU A . n 
A 1 103 LYS 103 103 103 LYS LYS A . n 
A 1 104 VAL 104 104 104 VAL VAL A . n 
A 1 105 ARG 105 105 105 ARG ARG A . n 
A 1 106 SER 106 106 106 SER SER A . n 
A 1 107 ASN 107 107 107 ASN ASN A . n 
A 1 108 GLN 108 108 108 GLN GLN A . n 
A 1 109 VAL 109 109 109 VAL VAL A . n 
A 1 110 ILE 110 110 110 ILE ILE A . n 
A 1 111 VAL 111 111 111 VAL VAL A . n 
A 1 112 ASN 112 112 112 ASN ASN A . n 
A 1 113 TYR 113 113 113 TYR TYR A . n 
A 1 114 ARG 114 114 114 ARG ARG A . n 
A 1 115 HIS 115 115 115 HIS ALA A . n 
A 1 116 HIS 116 116 ?   ?   ?   A . n 
A 1 117 HIS 117 117 ?   ?   ?   A . n 
A 1 118 HIS 118 118 ?   ?   ?   A . n 
A 1 119 HIS 119 119 ?   ?   ?   A . n 
A 1 120 HIS 120 120 ?   ?   ?   A . n 
# 
loop_
_pdbx_nonpoly_scheme.asym_id 
_pdbx_nonpoly_scheme.entity_id 
_pdbx_nonpoly_scheme.mon_id 
_pdbx_nonpoly_scheme.ndb_seq_num 
_pdbx_nonpoly_scheme.pdb_seq_num 
_pdbx_nonpoly_scheme.auth_seq_num 
_pdbx_nonpoly_scheme.pdb_mon_id 
_pdbx_nonpoly_scheme.auth_mon_id 
_pdbx_nonpoly_scheme.pdb_strand_id 
_pdbx_nonpoly_scheme.pdb_ins_code 
B 2 HOH 1  201 1   HOH HOH A . 
B 2 HOH 2  202 2   HOH HOH A . 
B 2 HOH 3  203 3   HOH HOH A . 
B 2 HOH 4  204 4   HOH HOH A . 
B 2 HOH 5  205 5   HOH HOH A . 
B 2 HOH 6  206 6   HOH HOH A . 
B 2 HOH 7  207 7   HOH HOH A . 
B 2 HOH 8  208 8   HOH HOH A . 
B 2 HOH 9  209 9   HOH HOH A . 
B 2 HOH 10 210 10  HOH HOH A . 
B 2 HOH 11 211 11  HOH HOH A . 
B 2 HOH 12 212 12  HOH HOH A . 
B 2 HOH 13 213 13  HOH HOH A . 
B 2 HOH 14 214 14  HOH HOH A . 
B 2 HOH 15 215 15  HOH HOH A . 
B 2 HOH 16 216 16  HOH HOH A . 
B 2 HOH 17 217 17  HOH HOH A . 
B 2 HOH 18 218 18  HOH HOH A . 
B 2 HOH 19 219 19  HOH HOH A . 
B 2 HOH 20 220 20  HOH HOH A . 
B 2 HOH 21 221 21  HOH HOH A . 
B 2 HOH 22 222 22  HOH HOH A . 
B 2 HOH 23 223 23  HOH HOH A . 
B 2 HOH 24 224 24  HOH HOH A . 
B 2 HOH 25 225 25  HOH HOH A . 
B 2 HOH 26 226 26  HOH HOH A . 
B 2 HOH 27 227 27  HOH HOH A . 
B 2 HOH 28 228 28  HOH HOH A . 
B 2 HOH 29 229 29  HOH HOH A . 
B 2 HOH 30 230 30  HOH HOH A . 
B 2 HOH 31 231 31  HOH HOH A . 
B 2 HOH 32 232 32  HOH HOH A . 
B 2 HOH 33 233 33  HOH HOH A . 
B 2 HOH 34 234 34  HOH HOH A . 
B 2 HOH 35 235 35  HOH HOH A . 
B 2 HOH 36 236 36  HOH HOH A . 
B 2 HOH 37 237 37  HOH HOH A . 
B 2 HOH 38 238 38  HOH HOH A . 
B 2 HOH 39 239 39  HOH HOH A . 
B 2 HOH 40 240 40  HOH HOH A . 
B 2 HOH 41 241 41  HOH HOH A . 
B 2 HOH 42 242 42  HOH HOH A . 
B 2 HOH 43 243 43  HOH HOH A . 
B 2 HOH 44 244 44  HOH HOH A . 
B 2 HOH 45 245 45  HOH HOH A . 
B 2 HOH 46 246 46  HOH HOH A . 
B 2 HOH 47 247 47  HOH HOH A . 
B 2 HOH 48 248 48  HOH HOH A . 
B 2 HOH 49 249 49  HOH HOH A . 
B 2 HOH 50 250 50  HOH HOH A . 
B 2 HOH 51 251 51  HOH HOH A . 
B 2 HOH 52 252 52  HOH HOH A . 
B 2 HOH 53 253 55  HOH HOH A . 
B 2 HOH 54 254 57  HOH HOH A . 
B 2 HOH 55 255 58  HOH HOH A . 
B 2 HOH 56 256 59  HOH HOH A . 
B 2 HOH 57 257 60  HOH HOH A . 
B 2 HOH 58 258 61  HOH HOH A . 
B 2 HOH 59 259 63  HOH HOH A . 
B 2 HOH 60 260 64  HOH HOH A . 
B 2 HOH 61 261 65  HOH HOH A . 
B 2 HOH 62 262 66  HOH HOH A . 
B 2 HOH 63 263 68  HOH HOH A . 
B 2 HOH 64 264 69  HOH HOH A . 
B 2 HOH 65 265 70  HOH HOH A . 
B 2 HOH 66 266 73  HOH HOH A . 
B 2 HOH 67 267 74  HOH HOH A . 
B 2 HOH 68 268 77  HOH HOH A . 
B 2 HOH 69 269 78  HOH HOH A . 
B 2 HOH 70 270 79  HOH HOH A . 
B 2 HOH 71 271 80  HOH HOH A . 
B 2 HOH 72 272 86  HOH HOH A . 
B 2 HOH 73 273 87  HOH HOH A . 
B 2 HOH 74 274 88  HOH HOH A . 
B 2 HOH 75 275 89  HOH HOH A . 
B 2 HOH 76 276 90  HOH HOH A . 
B 2 HOH 77 277 91  HOH HOH A . 
B 2 HOH 78 278 93  HOH HOH A . 
B 2 HOH 79 279 94  HOH HOH A . 
B 2 HOH 80 280 95  HOH HOH A . 
B 2 HOH 81 281 107 HOH HOH A . 
B 2 HOH 82 282 108 HOH HOH A . 
B 2 HOH 83 283 110 HOH HOH A . 
B 2 HOH 84 284 117 HOH HOH A . 
B 2 HOH 85 285 120 HOH HOH A . 
B 2 HOH 86 286 121 HOH HOH A . 
# 
loop_
_pdbx_unobs_or_zero_occ_atoms.id 
_pdbx_unobs_or_zero_occ_atoms.PDB_model_num 
_pdbx_unobs_or_zero_occ_atoms.polymer_flag 
_pdbx_unobs_or_zero_occ_atoms.occupancy_flag 
_pdbx_unobs_or_zero_occ_atoms.auth_asym_id 
_pdbx_unobs_or_zero_occ_atoms.auth_comp_id 
_pdbx_unobs_or_zero_occ_atoms.auth_seq_id 
_pdbx_unobs_or_zero_occ_atoms.PDB_ins_code 
_pdbx_unobs_or_zero_occ_atoms.auth_atom_id 
_pdbx_unobs_or_zero_occ_atoms.label_alt_id 
_pdbx_unobs_or_zero_occ_atoms.label_asym_id 
_pdbx_unobs_or_zero_occ_atoms.label_comp_id 
_pdbx_unobs_or_zero_occ_atoms.label_seq_id 
_pdbx_unobs_or_zero_occ_atoms.label_atom_id 
1  1 Y 1 A GLU 45  ? CG  ? A GLU 45  CG  
2  1 Y 1 A GLU 45  ? CD  ? A GLU 45  CD  
3  1 Y 1 A GLU 45  ? OE1 ? A GLU 45  OE1 
4  1 Y 1 A GLU 45  ? OE2 ? A GLU 45  OE2 
5  1 Y 1 A ASP 68  ? CG  ? A ASP 68  CG  
6  1 Y 1 A ASP 68  ? OD1 ? A ASP 68  OD1 
7  1 Y 1 A ASP 68  ? OD2 ? A ASP 68  OD2 
8  1 Y 1 A HIS 115 ? CG  ? A HIS 115 CG  
9  1 Y 1 A HIS 115 ? ND1 ? A HIS 115 ND1 
10 1 Y 1 A HIS 115 ? CD2 ? A HIS 115 CD2 
11 1 Y 1 A HIS 115 ? CE1 ? A HIS 115 CE1 
12 1 Y 1 A HIS 115 ? NE2 ? A HIS 115 NE2 
# 
loop_
_software.pdbx_ordinal 
_software.name 
_software.version 
_software.date 
_software.type 
_software.contact_author 
_software.contact_author_email 
_software.classification 
_software.location 
_software.language 
_software.citation_id 
1 DENZO       .          ?               package 'Zbyszek Otwinowski' hkl@hkl-xray.com         'data reduction'  
http://www.hkl-xray.com/                  ?   ? 
2 SCALEPACK   .          ?               package 'Zbyszek Otwinowski' hkl@hkl-xray.com         'data scaling'    
http://www.hkl-xray.com/                  ?   ? 
3 PHENIX      1.8.1_1168 ?               package 'Paul D. Adams'      PDAdams@lbl.gov          refinement        
http://www.phenix-online.org/             C++ ? 
4 PDB_EXTRACT 3.14       'Dec. 10, 2013' package PDB                  deposit@deposit.rcsb.org 'data extraction' 
http://sw-tools.pdb.org/apps/PDB_EXTRACT/ C++ ? 
5 BOS         .          ?               ?       ?                    ?                        'data collection' ? ?   ? 
6 HKL-2000    .          ?               ?       ?                    ?                        'data reduction'  ? ?   ? 
7 HKL-2000    .          ?               ?       ?                    ?                        'data scaling'    ? ?   ? 
8 PHENIX      .          ?               ?       ?                    ?                        phasing           ? ?   ? 
# 
_cell.length_a           25.425 
_cell.length_b           36.755 
_cell.length_c           111.468 
_cell.angle_alpha        90.000 
_cell.angle_beta         90.000 
_cell.angle_gamma        90.000 
_cell.entry_id           4QXL 
_cell.pdbx_unique_axis   ? 
_cell.Z_PDB              4 
_cell.length_a_esd       ? 
_cell.length_b_esd       ? 
_cell.length_c_esd       ? 
_cell.angle_alpha_esd    ? 
_cell.angle_beta_esd     ? 
_cell.angle_gamma_esd    ? 
# 
_symmetry.space_group_name_H-M             'P 21 21 21' 
_symmetry.entry_id                         4QXL 
_symmetry.Int_Tables_number                19 
_symmetry.pdbx_full_space_group_name_H-M   ? 
_symmetry.cell_setting                     ? 
_symmetry.space_group_name_Hall            ? 
# 
_exptl.crystals_number   1 
_exptl.entry_id          4QXL 
_exptl.method            'X-RAY DIFFRACTION' 
# 
_exptl_crystal.id                    1 
_exptl_crystal.density_Matthews      2.00 
_exptl_crystal.density_meas          ? 
_exptl_crystal.density_percent_sol   38.44 
_exptl_crystal.description           ? 
_exptl_crystal.F_000                 ? 
_exptl_crystal.preparation           ? 
# 
_exptl_crystal_grow.crystal_id      1 
_exptl_crystal_grow.method          'VAPOR DIFFUSION, HANGING DROP' 
_exptl_crystal_grow.pH              7.0 
_exptl_crystal_grow.temp            277 
_exptl_crystal_grow.temp_details    ? 
_exptl_crystal_grow.pdbx_details    '1.5 M sodium chloride, 10% ethanol, pH 7.0, VAPOR DIFFUSION, HANGING DROP, temperature 277K' 
_exptl_crystal_grow.pdbx_pH_range   ? 
# 
_diffrn.id                     1 
_diffrn.ambient_temp           100 
_diffrn.ambient_temp_details   ? 
_diffrn.crystal_id             1 
# 
_diffrn_detector.diffrn_id              1 
_diffrn_detector.detector               CCD 
_diffrn_detector.type                   'ADSC QUANTUM 315r' 
_diffrn_detector.pdbx_collection_date   2012-06-25 
_diffrn_detector.details                ? 
# 
_diffrn_radiation.diffrn_id                        1 
_diffrn_radiation.wavelength_id                    1 
_diffrn_radiation.pdbx_diffrn_protocol             'SINGLE WAVELENGTH' 
_diffrn_radiation.monochromator                    'double crystal Si(111)' 
_diffrn_radiation.pdbx_monochromatic_or_laue_m_l   M 
_diffrn_radiation.pdbx_scattering_type             x-ray 
# 
_diffrn_radiation_wavelength.id           1 
_diffrn_radiation_wavelength.wavelength   1.00506 
_diffrn_radiation_wavelength.wt           1.0 
# 
_diffrn_source.diffrn_id                   1 
_diffrn_source.source                      SYNCHROTRON 
_diffrn_source.type                        'ALS BEAMLINE 5.0.2' 
_diffrn_source.pdbx_wavelength             ? 
_diffrn_source.pdbx_wavelength_list        1.00506 
_diffrn_source.pdbx_synchrotron_site       ALS 
_diffrn_source.pdbx_synchrotron_beamline   5.0.2 
# 
_reflns.entry_id                     4QXL 
_reflns.d_resolution_high            1.510 
_reflns.d_resolution_low             50.0 
_reflns.number_obs                   15949 
_reflns.pdbx_Rmerge_I_obs            0.063 
_reflns.pdbx_netI_over_sigmaI        17.3 
_reflns.pdbx_chi_squared             1.687 
_reflns.pdbx_redundancy              9.6 
_reflns.percent_possible_obs         92.3 
_reflns.B_iso_Wilson_estimate        11.89 
_reflns.observed_criterion_sigma_F   ? 
_reflns.observed_criterion_sigma_I   ? 
_reflns.number_all                   ? 
_reflns.pdbx_Rsym_value              ? 
_reflns.R_free_details               ? 
_reflns.limit_h_max                  ? 
_reflns.limit_h_min                  ? 
_reflns.limit_k_max                  ? 
_reflns.limit_k_min                  ? 
_reflns.limit_l_max                  ? 
_reflns.limit_l_min                  ? 
_reflns.observed_criterion_F_max     ? 
_reflns.observed_criterion_F_min     ? 
_reflns.pdbx_scaling_rejects         ? 
_reflns.pdbx_ordinal                 1 
_reflns.pdbx_diffrn_id               1 
# 
loop_
_reflns_shell.d_res_high 
_reflns_shell.d_res_low 
_reflns_shell.number_measured_obs 
_reflns_shell.number_measured_all 
_reflns_shell.number_unique_obs 
_reflns_shell.Rmerge_I_obs 
_reflns_shell.meanI_over_sigI_obs 
_reflns_shell.pdbx_Rsym_value 
_reflns_shell.pdbx_chi_squared 
_reflns_shell.pdbx_redundancy 
_reflns_shell.percent_possible_obs 
_reflns_shell.number_unique_all 
_reflns_shell.percent_possible_all 
_reflns_shell.pdbx_ordinal 
_reflns_shell.pdbx_diffrn_id 
1.510 1.540  ? ? ? 0.263 ? ? 0.690 7.70  ? 688 80.2  1  1 
1.540 1.560  ? ? ? 0.213 ? ? 0.743 9.10  ? 803 98.4  2  1 
1.560 1.590  ? ? ? 0.194 ? ? 0.783 9.50  ? 850 97.5  3  1 
1.590 1.630  ? ? ? 0.180 ? ? 0.827 10.30 ? 782 97.1  4  1 
1.630 1.660  ? ? ? 0.156 ? ? 1.021 9.70  ? 854 97.9  5  1 
1.660 1.700  ? ? ? 0.140 ? ? 0.980 9.90  ? 828 98.1  6  1 
1.700 1.740  ? ? ? 0.127 ? ? 1.177 9.70  ? 828 99.0  7  1 
1.740 1.790  ? ? ? 0.115 ? ? 1.414 9.80  ? 847 98.9  8  1 
1.790 1.840  ? ? ? 0.111 ? ? 1.494 9.90  ? 838 97.3  9  1 
1.840 1.900  ? ? ? 0.104 ? ? 2.001 9.40  ? 734 87.7  10 1 
1.900 1.970  ? ? ? 0.104 ? ? 2.351 6.60  ? 613 71.0  11 1 
1.970 2.050  ? ? ? 0.077 ? ? 2.125 9.80  ? 847 99.9  12 1 
2.050 2.140  ? ? ? 0.070 ? ? 2.325 9.80  ? 857 99.8  13 1 
2.140 2.260  ? ? ? 0.070 ? ? 2.456 9.40  ? 605 70.8  14 1 
2.260 2.400  ? ? ? 0.066 ? ? 2.385 9.50  ? 702 81.3  15 1 
2.400 2.580  ? ? ? 0.063 ? ? 2.204 10.10 ? 872 99.8  16 1 
2.580 2.840  ? ? ? 0.061 ? ? 2.474 10.40 ? 897 100.0 17 1 
2.840 3.250  ? ? ? 0.055 ? ? 2.532 10.60 ? 870 100.0 18 1 
3.250 4.100  ? ? ? 0.041 ? ? 2.067 8.70  ? 673 73.6  19 1 
4.100 50.000 ? ? ? 0.040 ? ? 1.748 10.00 ? 961 97.9  20 1 
# 
_refine.entry_id                                 4QXL 
_refine.ls_d_res_high                            1.5120 
_refine.ls_d_res_low                             34.9060 
_refine.pdbx_ls_sigma_F                          1.340 
_refine.pdbx_data_cutoff_high_absF               ? 
_refine.pdbx_data_cutoff_low_absF                ? 
_refine.ls_percent_reflns_obs                    92.6100 
_refine.ls_number_reflns_obs                     15847 
_refine.ls_number_reflns_all                     ? 
_refine.pdbx_ls_cross_valid_method               THROUGHOUT 
_refine.pdbx_R_Free_selection_details            RANDOM 
_refine.details                                  ? 
_refine.ls_R_factor_all                          ? 
_refine.ls_R_factor_obs                          0.2012 
_refine.ls_R_factor_R_work                       0.1999 
_refine.ls_wR_factor_R_work                      ? 
_refine.ls_R_factor_R_free                       0.2255 
_refine.ls_wR_factor_R_free                      ? 
_refine.ls_percent_reflns_R_free                 5.05 
_refine.ls_number_reflns_R_free                  800 
_refine.ls_R_factor_R_free_error                 ? 
_refine.B_iso_mean                               14.2500 
_refine.solvent_model_param_bsol                 ? 
_refine.solvent_model_param_ksol                 ? 
_refine.pdbx_isotropic_thermal_model             ? 
_refine.aniso_B[1][1]                            ? 
_refine.aniso_B[2][2]                            ? 
_refine.aniso_B[3][3]                            ? 
_refine.aniso_B[1][2]                            ? 
_refine.aniso_B[1][3]                            ? 
_refine.aniso_B[2][3]                            ? 
_refine.correlation_coeff_Fo_to_Fc               ? 
_refine.correlation_coeff_Fo_to_Fc_free          ? 
_refine.overall_SU_R_Cruickshank_DPI             ? 
_refine.overall_SU_R_free                        ? 
_refine.pdbx_overall_ESU_R                       ? 
_refine.pdbx_overall_ESU_R_Free                  ? 
_refine.overall_SU_ML                            0.1300 
_refine.overall_SU_B                             ? 
_refine.solvent_model_details                    'FLAT BULK SOLVENT MODEL' 
_refine.pdbx_solvent_vdw_probe_radii             1.1100 
_refine.pdbx_solvent_ion_probe_radii             ? 
_refine.pdbx_solvent_shrinkage_radii             0.9000 
_refine.ls_number_parameters                     ? 
_refine.ls_number_restraints                     ? 
_refine.pdbx_starting_model                      ? 
_refine.pdbx_method_to_determine_struct          SAD 
_refine.pdbx_stereochemistry_target_values       ML 
_refine.pdbx_stereochem_target_val_spec_case     ? 
_refine.overall_FOM_work_R_set                   0.8555 
_refine.B_iso_max                                47.210 
_refine.B_iso_min                                4.800 
_refine.pdbx_overall_phase_error                 20.5900 
_refine.occupancy_max                            ? 
_refine.occupancy_min                            ? 
_refine.pdbx_ls_sigma_I                          ? 
_refine.ls_redundancy_reflns_obs                 ? 
_refine.ls_R_factor_R_free_error_details         ? 
_refine.pdbx_data_cutoff_high_rms_absF           ? 
_refine.overall_FOM_free_R_set                   ? 
_refine.pdbx_diffrn_id                           1 
_refine.pdbx_refine_id                           'X-RAY DIFFRACTION' 
_refine.pdbx_TLS_residual_ADP_flag               ? 
_refine.pdbx_overall_SU_R_free_Cruickshank_DPI   ? 
_refine.pdbx_overall_SU_R_Blow_DPI               ? 
_refine.pdbx_overall_SU_R_free_Blow_DPI          ? 
# 
_refine_hist.pdbx_refine_id                   'X-RAY DIFFRACTION' 
_refine_hist.cycle_id                         LAST 
_refine_hist.pdbx_number_atoms_protein        855 
_refine_hist.pdbx_number_atoms_nucleic_acid   0 
_refine_hist.pdbx_number_atoms_ligand         0 
_refine_hist.number_atoms_solvent             86 
_refine_hist.number_atoms_total               941 
_refine_hist.d_res_high                       1.5120 
_refine_hist.d_res_low                        34.9060 
# 
loop_
_refine_ls_restr.type 
_refine_ls_restr.number 
_refine_ls_restr.dev_ideal 
_refine_ls_restr.dev_ideal_target 
_refine_ls_restr.weight 
_refine_ls_restr.pdbx_restraint_function 
_refine_ls_restr.pdbx_refine_id 
f_bond_d           876  0.007  ? ? ? 'X-RAY DIFFRACTION' 
f_angle_d          1192 1.217  ? ? ? 'X-RAY DIFFRACTION' 
f_chiral_restr     132  0.081  ? ? ? 'X-RAY DIFFRACTION' 
f_plane_restr      156  0.005  ? ? ? 'X-RAY DIFFRACTION' 
f_dihedral_angle_d 314  11.345 ? ? ? 'X-RAY DIFFRACTION' 
# 
loop_
_refine_ls_shell.d_res_high 
_refine_ls_shell.d_res_low 
_refine_ls_shell.pdbx_total_number_of_bins_used 
_refine_ls_shell.percent_reflns_obs 
_refine_ls_shell.number_reflns_R_work 
_refine_ls_shell.R_factor_all 
_refine_ls_shell.R_factor_R_work 
_refine_ls_shell.R_factor_R_free 
_refine_ls_shell.percent_reflns_R_free 
_refine_ls_shell.number_reflns_R_free 
_refine_ls_shell.R_factor_R_free_error 
_refine_ls_shell.number_reflns_all 
_refine_ls_shell.number_reflns_obs 
_refine_ls_shell.redundancy_reflns_obs 
_refine_ls_shell.pdbx_refine_id 
1.512  1.6066  6 96.0 2542 . 0.1845 0.2392 . 145 . 2687 . . 'X-RAY DIFFRACTION' 
1.6066 1.7306  6 98.0 2601 . 0.1833 0.2171 . 134 . 2735 . . 'X-RAY DIFFRACTION' 
1.7306 1.9048  6 97.0 2464 . 0.1962 0.2156 . 135 . 2599 . . 'X-RAY DIFFRACTION' 
1.9048 2.1803  6 92.0 2479 . 0.2023 0.2251 . 135 . 2614 . . 'X-RAY DIFFRACTION' 
2.1803 2.7468  6 85.0 2320 . 0.2223 0.2293 . 124 . 2444 . . 'X-RAY DIFFRACTION' 
2.7468 34.9156 6 91.0 2641 . 0.1954 0.2259 . 127 . 2768 . . 'X-RAY DIFFRACTION' 
# 
_struct.entry_id                  4QXL 
_struct.title                     'Crystal Structure of FLHE' 
_struct.pdbx_model_details        ? 
_struct.pdbx_CASP_flag            ? 
_struct.pdbx_model_type_details   ? 
# 
_struct_keywords.entry_id        4QXL 
_struct_keywords.pdbx_keywords   'MOTOR PROTEIN' 
_struct_keywords.text            
'beta-sandwich, flagellar type III secretion system, periplasmic, secretion pore plug, MOTOR PROTEIN' 
# 
loop_
_struct_asym.id 
_struct_asym.pdbx_blank_PDB_chainid_flag 
_struct_asym.pdbx_modified 
_struct_asym.entity_id 
_struct_asym.details 
A N N 1 ? 
B N N 2 ? 
# 
_struct_ref.id                         1 
_struct_ref.db_name                    UNP 
_struct_ref.db_code                    X5B9E9_SALAB 
_struct_ref.pdbx_db_accession          X5B9E9 
_struct_ref.entity_id                  1 
_struct_ref.pdbx_seq_one_letter_code   
;AGEGAWQDSGMGVTLNYRGVSASSSPLSARQPVSGVMTLVAWRYELNGPTPAGLRVRLCSQSRCVELDGQSGTTHGFAHV
PAVEPLRFVWEVPGGGRLIPALKVRSNQVIVNYR
;
_struct_ref.pdbx_align_begin           17 
_struct_ref.pdbx_db_isoform            ? 
# 
_struct_ref_seq.align_id                      1 
_struct_ref_seq.ref_id                        1 
_struct_ref_seq.pdbx_PDB_id_code              4QXL 
_struct_ref_seq.pdbx_strand_id                A 
_struct_ref_seq.seq_align_beg                 1 
_struct_ref_seq.pdbx_seq_align_beg_ins_code   ? 
_struct_ref_seq.seq_align_end                 114 
_struct_ref_seq.pdbx_seq_align_end_ins_code   ? 
_struct_ref_seq.pdbx_db_accession             X5B9E9 
_struct_ref_seq.db_align_beg                  17 
_struct_ref_seq.pdbx_db_align_beg_ins_code    ? 
_struct_ref_seq.db_align_end                  130 
_struct_ref_seq.pdbx_db_align_end_ins_code    ? 
_struct_ref_seq.pdbx_auth_seq_align_beg       1 
_struct_ref_seq.pdbx_auth_seq_align_end       114 
# 
loop_
_struct_ref_seq_dif.align_id 
_struct_ref_seq_dif.pdbx_pdb_id_code 
_struct_ref_seq_dif.mon_id 
_struct_ref_seq_dif.pdbx_pdb_strand_id 
_struct_ref_seq_dif.seq_num 
_struct_ref_seq_dif.pdbx_pdb_ins_code 
_struct_ref_seq_dif.pdbx_seq_db_name 
_struct_ref_seq_dif.pdbx_seq_db_accession_code 
_struct_ref_seq_dif.db_mon_id 
_struct_ref_seq_dif.pdbx_seq_db_seq_num 
_struct_ref_seq_dif.details 
_struct_ref_seq_dif.pdbx_auth_seq_num 
_struct_ref_seq_dif.pdbx_ordinal 
1 4QXL HIS A 115 ? UNP X5B9E9 ? ? 'expression tag' 115 1 
1 4QXL HIS A 116 ? UNP X5B9E9 ? ? 'expression tag' 116 2 
1 4QXL HIS A 117 ? UNP X5B9E9 ? ? 'expression tag' 117 3 
1 4QXL HIS A 118 ? UNP X5B9E9 ? ? 'expression tag' 118 4 
1 4QXL HIS A 119 ? UNP X5B9E9 ? ? 'expression tag' 119 5 
1 4QXL HIS A 120 ? UNP X5B9E9 ? ? 'expression tag' 120 6 
# 
_pdbx_struct_assembly.id                   1 
_pdbx_struct_assembly.details              author_and_software_defined_assembly 
_pdbx_struct_assembly.method_details       PISA 
_pdbx_struct_assembly.oligomeric_details   monomeric 
_pdbx_struct_assembly.oligomeric_count     1 
# 
_pdbx_struct_assembly_gen.assembly_id       1 
_pdbx_struct_assembly_gen.oper_expression   1 
_pdbx_struct_assembly_gen.asym_id_list      A,B 
# 
_pdbx_struct_oper_list.id                   1 
_pdbx_struct_oper_list.type                 'identity operation' 
_pdbx_struct_oper_list.name                 1_555 
_pdbx_struct_oper_list.symmetry_operation   x,y,z 
_pdbx_struct_oper_list.matrix[1][1]         1.0000000000 
_pdbx_struct_oper_list.matrix[1][2]         0.0000000000 
_pdbx_struct_oper_list.matrix[1][3]         0.0000000000 
_pdbx_struct_oper_list.vector[1]            0.0000000000 
_pdbx_struct_oper_list.matrix[2][1]         0.0000000000 
_pdbx_struct_oper_list.matrix[2][2]         1.0000000000 
_pdbx_struct_oper_list.matrix[2][3]         0.0000000000 
_pdbx_struct_oper_list.vector[2]            0.0000000000 
_pdbx_struct_oper_list.matrix[3][1]         0.0000000000 
_pdbx_struct_oper_list.matrix[3][2]         0.0000000000 
_pdbx_struct_oper_list.matrix[3][3]         1.0000000000 
_pdbx_struct_oper_list.vector[3]            0.0000000000 
# 
_struct_biol.id        1 
_struct_biol.details   ? 
# 
_struct_conn.id                            disulf1 
_struct_conn.conn_type_id                  disulf 
_struct_conn.pdbx_leaving_atom_flag        ? 
_struct_conn.pdbx_PDB_id                   ? 
_struct_conn.ptnr1_label_asym_id           A 
_struct_conn.ptnr1_label_comp_id           CYS 
_struct_conn.ptnr1_label_seq_id            59 
_struct_conn.ptnr1_label_atom_id           SG 
_struct_conn.pdbx_ptnr1_label_alt_id       ? 
_struct_conn.pdbx_ptnr1_PDB_ins_code       ? 
_struct_conn.pdbx_ptnr1_standard_comp_id   ? 
_struct_conn.ptnr1_symmetry                1_555 
_struct_conn.ptnr2_label_asym_id           A 
_struct_conn.ptnr2_label_comp_id           CYS 
_struct_conn.ptnr2_label_seq_id            64 
_struct_conn.ptnr2_label_atom_id           SG 
_struct_conn.pdbx_ptnr2_label_alt_id       ? 
_struct_conn.pdbx_ptnr2_PDB_ins_code       ? 
_struct_conn.ptnr1_auth_asym_id            A 
_struct_conn.ptnr1_auth_comp_id            CYS 
_struct_conn.ptnr1_auth_seq_id             59 
_struct_conn.ptnr2_auth_asym_id            A 
_struct_conn.ptnr2_auth_comp_id            CYS 
_struct_conn.ptnr2_auth_seq_id             64 
_struct_conn.ptnr2_symmetry                1_555 
_struct_conn.pdbx_ptnr3_label_atom_id      ? 
_struct_conn.pdbx_ptnr3_label_seq_id       ? 
_struct_conn.pdbx_ptnr3_label_comp_id      ? 
_struct_conn.pdbx_ptnr3_label_asym_id      ? 
_struct_conn.pdbx_ptnr3_label_alt_id       ? 
_struct_conn.pdbx_ptnr3_PDB_ins_code       ? 
_struct_conn.details                       ? 
_struct_conn.pdbx_dist_value               2.053 
_struct_conn.pdbx_value_order              ? 
_struct_conn.pdbx_role                     ? 
# 
_struct_conn_type.id          disulf 
_struct_conn_type.criteria    ? 
_struct_conn_type.reference   ? 
# 
_pdbx_modification_feature.ordinal                            1 
_pdbx_modification_feature.label_comp_id                      CYS 
_pdbx_modification_feature.label_asym_id                      A 
_pdbx_modification_feature.label_seq_id                       59 
_pdbx_modification_feature.label_alt_id                       ? 
_pdbx_modification_feature.modified_residue_label_comp_id     CYS 
_pdbx_modification_feature.modified_residue_label_asym_id     A 
_pdbx_modification_feature.modified_residue_label_seq_id      64 
_pdbx_modification_feature.modified_residue_label_alt_id      ? 
_pdbx_modification_feature.auth_comp_id                       CYS 
_pdbx_modification_feature.auth_asym_id                       A 
_pdbx_modification_feature.auth_seq_id                        59 
_pdbx_modification_feature.PDB_ins_code                       ? 
_pdbx_modification_feature.symmetry                           1_555 
_pdbx_modification_feature.modified_residue_auth_comp_id      CYS 
_pdbx_modification_feature.modified_residue_auth_asym_id      A 
_pdbx_modification_feature.modified_residue_auth_seq_id       64 
_pdbx_modification_feature.modified_residue_PDB_ins_code      ? 
_pdbx_modification_feature.modified_residue_symmetry          1_555 
_pdbx_modification_feature.comp_id_linking_atom               SG 
_pdbx_modification_feature.modified_residue_id_linking_atom   SG 
_pdbx_modification_feature.modified_residue_id                . 
_pdbx_modification_feature.ref_pcm_id                         . 
_pdbx_modification_feature.ref_comp_id                        . 
_pdbx_modification_feature.type                               None 
_pdbx_modification_feature.category                           'Disulfide bridge' 
# 
_struct_mon_prot_cis.pdbx_id                1 
_struct_mon_prot_cis.label_comp_id          ILE 
_struct_mon_prot_cis.label_seq_id           99 
_struct_mon_prot_cis.label_asym_id          A 
_struct_mon_prot_cis.label_alt_id           . 
_struct_mon_prot_cis.pdbx_PDB_ins_code      ? 
_struct_mon_prot_cis.auth_comp_id           ILE 
_struct_mon_prot_cis.auth_seq_id            99 
_struct_mon_prot_cis.auth_asym_id           A 
_struct_mon_prot_cis.pdbx_label_comp_id_2   PRO 
_struct_mon_prot_cis.pdbx_label_seq_id_2    100 
_struct_mon_prot_cis.pdbx_label_asym_id_2   A 
_struct_mon_prot_cis.pdbx_PDB_ins_code_2    ? 
_struct_mon_prot_cis.pdbx_auth_comp_id_2    PRO 
_struct_mon_prot_cis.pdbx_auth_seq_id_2     100 
_struct_mon_prot_cis.pdbx_auth_asym_id_2    A 
_struct_mon_prot_cis.pdbx_PDB_model_num     1 
_struct_mon_prot_cis.pdbx_omega_angle       -3.63 
# 
loop_
_struct_sheet.id 
_struct_sheet.type 
_struct_sheet.number_strands 
_struct_sheet.details 
A ? 3 ? 
B ? 4 ? 
C ? 4 ? 
# 
loop_
_struct_sheet_order.sheet_id 
_struct_sheet_order.range_id_1 
_struct_sheet_order.range_id_2 
_struct_sheet_order.offset 
_struct_sheet_order.sense 
A 1 2 ? anti-parallel 
A 2 3 ? anti-parallel 
B 1 2 ? anti-parallel 
B 2 3 ? anti-parallel 
B 3 4 ? anti-parallel 
C 1 2 ? anti-parallel 
C 2 3 ? anti-parallel 
C 3 4 ? anti-parallel 
# 
loop_
_struct_sheet_range.sheet_id 
_struct_sheet_range.id 
_struct_sheet_range.beg_label_comp_id 
_struct_sheet_range.beg_label_asym_id 
_struct_sheet_range.beg_label_seq_id 
_struct_sheet_range.pdbx_beg_PDB_ins_code 
_struct_sheet_range.end_label_comp_id 
_struct_sheet_range.end_label_asym_id 
_struct_sheet_range.end_label_seq_id 
_struct_sheet_range.pdbx_end_PDB_ins_code 
_struct_sheet_range.beg_auth_comp_id 
_struct_sheet_range.beg_auth_asym_id 
_struct_sheet_range.beg_auth_seq_id 
_struct_sheet_range.end_auth_comp_id 
_struct_sheet_range.end_auth_asym_id 
_struct_sheet_range.end_auth_seq_id 
A 1 GLY A 4  ? GLY A 10  ? GLY A 4  GLY A 10  
A 2 ARG A 97 ? ARG A 114 ? ARG A 97 ARG A 114 
A 3 THR A 14 ? TYR A 17  ? THR A 14 TYR A 17  
B 1 GLY A 4  ? GLY A 10  ? GLY A 4  GLY A 10  
B 2 ARG A 97 ? ARG A 114 ? ARG A 97 ARG A 114 
B 3 VAL A 36 ? LEU A 46  ? VAL A 36 LEU A 46  
B 4 SER A 71 ? THR A 74  ? SER A 71 THR A 74  
C 1 SER A 21 ? SER A 23  ? SER A 21 SER A 23  
C 2 ARG A 87 ? GLU A 91  ? ARG A 87 GLU A 91  
C 3 ARG A 55 ? CYS A 59  ? ARG A 55 CYS A 59  
C 4 CYS A 64 ? GLU A 66  ? CYS A 64 GLU A 66  
# 
loop_
_pdbx_struct_sheet_hbond.sheet_id 
_pdbx_struct_sheet_hbond.range_id_1 
_pdbx_struct_sheet_hbond.range_id_2 
_pdbx_struct_sheet_hbond.range_1_label_atom_id 
_pdbx_struct_sheet_hbond.range_1_label_comp_id 
_pdbx_struct_sheet_hbond.range_1_label_asym_id 
_pdbx_struct_sheet_hbond.range_1_label_seq_id 
_pdbx_struct_sheet_hbond.range_1_PDB_ins_code 
_pdbx_struct_sheet_hbond.range_1_auth_atom_id 
_pdbx_struct_sheet_hbond.range_1_auth_comp_id 
_pdbx_struct_sheet_hbond.range_1_auth_asym_id 
_pdbx_struct_sheet_hbond.range_1_auth_seq_id 
_pdbx_struct_sheet_hbond.range_2_label_atom_id 
_pdbx_struct_sheet_hbond.range_2_label_comp_id 
_pdbx_struct_sheet_hbond.range_2_label_asym_id 
_pdbx_struct_sheet_hbond.range_2_label_seq_id 
_pdbx_struct_sheet_hbond.range_2_PDB_ins_code 
_pdbx_struct_sheet_hbond.range_2_auth_atom_id 
_pdbx_struct_sheet_hbond.range_2_auth_comp_id 
_pdbx_struct_sheet_hbond.range_2_auth_asym_id 
_pdbx_struct_sheet_hbond.range_2_auth_seq_id 
A 1 2 N TRP A 6   ? N TRP A 6   O VAL A 111 ? O VAL A 111 
A 2 3 O LEU A 98  ? O LEU A 98  N ASN A 16  ? N ASN A 16  
B 1 2 N TRP A 6   ? N TRP A 6   O VAL A 111 ? O VAL A 111 
B 2 3 O ARG A 114 ? O ARG A 114 N VAL A 36  ? N VAL A 36  
B 3 4 N VAL A 40  ? N VAL A 40  O THR A 74  ? O THR A 74  
C 1 2 N ALA A 22  ? N ALA A 22  O TRP A 90  ? O TRP A 90  
C 2 3 O GLU A 91  ? O GLU A 91  N ARG A 55  ? N ARG A 55  
C 3 4 N LEU A 58  ? N LEU A 58  O VAL A 65  ? O VAL A 65  
# 
_pdbx_entry_details.entry_id                   4QXL 
_pdbx_entry_details.compound_details           ? 
_pdbx_entry_details.source_details             ? 
_pdbx_entry_details.nonpolymer_details         ? 
_pdbx_entry_details.sequence_details           ? 
_pdbx_entry_details.has_ligand_of_interest     ? 
_pdbx_entry_details.has_protein_modification   Y 
# 
_pdbx_validate_close_contact.id               1 
_pdbx_validate_close_contact.PDB_model_num    1 
_pdbx_validate_close_contact.auth_atom_id_1   NH2 
_pdbx_validate_close_contact.auth_asym_id_1   A 
_pdbx_validate_close_contact.auth_comp_id_1   ARG 
_pdbx_validate_close_contact.auth_seq_id_1    18 
_pdbx_validate_close_contact.PDB_ins_code_1   ? 
_pdbx_validate_close_contact.label_alt_id_1   ? 
_pdbx_validate_close_contact.auth_atom_id_2   O 
_pdbx_validate_close_contact.auth_asym_id_2   A 
_pdbx_validate_close_contact.auth_comp_id_2   HOH 
_pdbx_validate_close_contact.auth_seq_id_2    211 
_pdbx_validate_close_contact.PDB_ins_code_2   ? 
_pdbx_validate_close_contact.label_alt_id_2   ? 
_pdbx_validate_close_contact.dist             2.16 
# 
_pdbx_validate_torsion.id              1 
_pdbx_validate_torsion.PDB_model_num   1 
_pdbx_validate_torsion.auth_comp_id    THR 
_pdbx_validate_torsion.auth_asym_id    A 
_pdbx_validate_torsion.auth_seq_id     38 
_pdbx_validate_torsion.PDB_ins_code    ? 
_pdbx_validate_torsion.label_alt_id    ? 
_pdbx_validate_torsion.phi             -118.54 
_pdbx_validate_torsion.psi             -83.23 
# 
loop_
_pdbx_unobs_or_zero_occ_residues.id 
_pdbx_unobs_or_zero_occ_residues.PDB_model_num 
_pdbx_unobs_or_zero_occ_residues.polymer_flag 
_pdbx_unobs_or_zero_occ_residues.occupancy_flag 
_pdbx_unobs_or_zero_occ_residues.auth_asym_id 
_pdbx_unobs_or_zero_occ_residues.auth_comp_id 
_pdbx_unobs_or_zero_occ_residues.auth_seq_id 
_pdbx_unobs_or_zero_occ_residues.PDB_ins_code 
_pdbx_unobs_or_zero_occ_residues.label_asym_id 
_pdbx_unobs_or_zero_occ_residues.label_comp_id 
_pdbx_unobs_or_zero_occ_residues.label_seq_id 
1 1 Y 1 A HIS 116 ? A HIS 116 
2 1 Y 1 A HIS 117 ? A HIS 117 
3 1 Y 1 A HIS 118 ? A HIS 118 
4 1 Y 1 A HIS 119 ? A HIS 119 
5 1 Y 1 A HIS 120 ? A HIS 120 
# 
loop_
_chem_comp_atom.comp_id 
_chem_comp_atom.atom_id 
_chem_comp_atom.type_symbol 
_chem_comp_atom.pdbx_aromatic_flag 
_chem_comp_atom.pdbx_stereo_config 
_chem_comp_atom.pdbx_ordinal 
ALA N    N N N 1   
ALA CA   C N S 2   
ALA C    C N N 3   
ALA O    O N N 4   
ALA CB   C N N 5   
ALA OXT  O N N 6   
ALA H    H N N 7   
ALA H2   H N N 8   
ALA HA   H N N 9   
ALA HB1  H N N 10  
ALA HB2  H N N 11  
ALA HB3  H N N 12  
ALA HXT  H N N 13  
ARG N    N N N 14  
ARG CA   C N S 15  
ARG C    C N N 16  
ARG O    O N N 17  
ARG CB   C N N 18  
ARG CG   C N N 19  
ARG CD   C N N 20  
ARG NE   N N N 21  
ARG CZ   C N N 22  
ARG NH1  N N N 23  
ARG NH2  N N N 24  
ARG OXT  O N N 25  
ARG H    H N N 26  
ARG H2   H N N 27  
ARG HA   H N N 28  
ARG HB2  H N N 29  
ARG HB3  H N N 30  
ARG HG2  H N N 31  
ARG HG3  H N N 32  
ARG HD2  H N N 33  
ARG HD3  H N N 34  
ARG HE   H N N 35  
ARG HH11 H N N 36  
ARG HH12 H N N 37  
ARG HH21 H N N 38  
ARG HH22 H N N 39  
ARG HXT  H N N 40  
ASN N    N N N 41  
ASN CA   C N S 42  
ASN C    C N N 43  
ASN O    O N N 44  
ASN CB   C N N 45  
ASN CG   C N N 46  
ASN OD1  O N N 47  
ASN ND2  N N N 48  
ASN OXT  O N N 49  
ASN H    H N N 50  
ASN H2   H N N 51  
ASN HA   H N N 52  
ASN HB2  H N N 53  
ASN HB3  H N N 54  
ASN HD21 H N N 55  
ASN HD22 H N N 56  
ASN HXT  H N N 57  
ASP N    N N N 58  
ASP CA   C N S 59  
ASP C    C N N 60  
ASP O    O N N 61  
ASP CB   C N N 62  
ASP CG   C N N 63  
ASP OD1  O N N 64  
ASP OD2  O N N 65  
ASP OXT  O N N 66  
ASP H    H N N 67  
ASP H2   H N N 68  
ASP HA   H N N 69  
ASP HB2  H N N 70  
ASP HB3  H N N 71  
ASP HD2  H N N 72  
ASP HXT  H N N 73  
CYS N    N N N 74  
CYS CA   C N R 75  
CYS C    C N N 76  
CYS O    O N N 77  
CYS CB   C N N 78  
CYS SG   S N N 79  
CYS OXT  O N N 80  
CYS H    H N N 81  
CYS H2   H N N 82  
CYS HA   H N N 83  
CYS HB2  H N N 84  
CYS HB3  H N N 85  
CYS HG   H N N 86  
CYS HXT  H N N 87  
GLN N    N N N 88  
GLN CA   C N S 89  
GLN C    C N N 90  
GLN O    O N N 91  
GLN CB   C N N 92  
GLN CG   C N N 93  
GLN CD   C N N 94  
GLN OE1  O N N 95  
GLN NE2  N N N 96  
GLN OXT  O N N 97  
GLN H    H N N 98  
GLN H2   H N N 99  
GLN HA   H N N 100 
GLN HB2  H N N 101 
GLN HB3  H N N 102 
GLN HG2  H N N 103 
GLN HG3  H N N 104 
GLN HE21 H N N 105 
GLN HE22 H N N 106 
GLN HXT  H N N 107 
GLU N    N N N 108 
GLU CA   C N S 109 
GLU C    C N N 110 
GLU O    O N N 111 
GLU CB   C N N 112 
GLU CG   C N N 113 
GLU CD   C N N 114 
GLU OE1  O N N 115 
GLU OE2  O N N 116 
GLU OXT  O N N 117 
GLU H    H N N 118 
GLU H2   H N N 119 
GLU HA   H N N 120 
GLU HB2  H N N 121 
GLU HB3  H N N 122 
GLU HG2  H N N 123 
GLU HG3  H N N 124 
GLU HE2  H N N 125 
GLU HXT  H N N 126 
GLY N    N N N 127 
GLY CA   C N N 128 
GLY C    C N N 129 
GLY O    O N N 130 
GLY OXT  O N N 131 
GLY H    H N N 132 
GLY H2   H N N 133 
GLY HA2  H N N 134 
GLY HA3  H N N 135 
GLY HXT  H N N 136 
HIS N    N N N 137 
HIS CA   C N S 138 
HIS C    C N N 139 
HIS O    O N N 140 
HIS CB   C N N 141 
HIS CG   C Y N 142 
HIS ND1  N Y N 143 
HIS CD2  C Y N 144 
HIS CE1  C Y N 145 
HIS NE2  N Y N 146 
HIS OXT  O N N 147 
HIS H    H N N 148 
HIS H2   H N N 149 
HIS HA   H N N 150 
HIS HB2  H N N 151 
HIS HB3  H N N 152 
HIS HD1  H N N 153 
HIS HD2  H N N 154 
HIS HE1  H N N 155 
HIS HE2  H N N 156 
HIS HXT  H N N 157 
HOH O    O N N 158 
HOH H1   H N N 159 
HOH H2   H N N 160 
ILE N    N N N 161 
ILE CA   C N S 162 
ILE C    C N N 163 
ILE O    O N N 164 
ILE CB   C N S 165 
ILE CG1  C N N 166 
ILE CG2  C N N 167 
ILE CD1  C N N 168 
ILE OXT  O N N 169 
ILE H    H N N 170 
ILE H2   H N N 171 
ILE HA   H N N 172 
ILE HB   H N N 173 
ILE HG12 H N N 174 
ILE HG13 H N N 175 
ILE HG21 H N N 176 
ILE HG22 H N N 177 
ILE HG23 H N N 178 
ILE HD11 H N N 179 
ILE HD12 H N N 180 
ILE HD13 H N N 181 
ILE HXT  H N N 182 
LEU N    N N N 183 
LEU CA   C N S 184 
LEU C    C N N 185 
LEU O    O N N 186 
LEU CB   C N N 187 
LEU CG   C N N 188 
LEU CD1  C N N 189 
LEU CD2  C N N 190 
LEU OXT  O N N 191 
LEU H    H N N 192 
LEU H2   H N N 193 
LEU HA   H N N 194 
LEU HB2  H N N 195 
LEU HB3  H N N 196 
LEU HG   H N N 197 
LEU HD11 H N N 198 
LEU HD12 H N N 199 
LEU HD13 H N N 200 
LEU HD21 H N N 201 
LEU HD22 H N N 202 
LEU HD23 H N N 203 
LEU HXT  H N N 204 
LYS N    N N N 205 
LYS CA   C N S 206 
LYS C    C N N 207 
LYS O    O N N 208 
LYS CB   C N N 209 
LYS CG   C N N 210 
LYS CD   C N N 211 
LYS CE   C N N 212 
LYS NZ   N N N 213 
LYS OXT  O N N 214 
LYS H    H N N 215 
LYS H2   H N N 216 
LYS HA   H N N 217 
LYS HB2  H N N 218 
LYS HB3  H N N 219 
LYS HG2  H N N 220 
LYS HG3  H N N 221 
LYS HD2  H N N 222 
LYS HD3  H N N 223 
LYS HE2  H N N 224 
LYS HE3  H N N 225 
LYS HZ1  H N N 226 
LYS HZ2  H N N 227 
LYS HZ3  H N N 228 
LYS HXT  H N N 229 
MET N    N N N 230 
MET CA   C N S 231 
MET C    C N N 232 
MET O    O N N 233 
MET CB   C N N 234 
MET CG   C N N 235 
MET SD   S N N 236 
MET CE   C N N 237 
MET OXT  O N N 238 
MET H    H N N 239 
MET H2   H N N 240 
MET HA   H N N 241 
MET HB2  H N N 242 
MET HB3  H N N 243 
MET HG2  H N N 244 
MET HG3  H N N 245 
MET HE1  H N N 246 
MET HE2  H N N 247 
MET HE3  H N N 248 
MET HXT  H N N 249 
PHE N    N N N 250 
PHE CA   C N S 251 
PHE C    C N N 252 
PHE O    O N N 253 
PHE CB   C N N 254 
PHE CG   C Y N 255 
PHE CD1  C Y N 256 
PHE CD2  C Y N 257 
PHE CE1  C Y N 258 
PHE CE2  C Y N 259 
PHE CZ   C Y N 260 
PHE OXT  O N N 261 
PHE H    H N N 262 
PHE H2   H N N 263 
PHE HA   H N N 264 
PHE HB2  H N N 265 
PHE HB3  H N N 266 
PHE HD1  H N N 267 
PHE HD2  H N N 268 
PHE HE1  H N N 269 
PHE HE2  H N N 270 
PHE HZ   H N N 271 
PHE HXT  H N N 272 
PRO N    N N N 273 
PRO CA   C N S 274 
PRO C    C N N 275 
PRO O    O N N 276 
PRO CB   C N N 277 
PRO CG   C N N 278 
PRO CD   C N N 279 
PRO OXT  O N N 280 
PRO H    H N N 281 
PRO HA   H N N 282 
PRO HB2  H N N 283 
PRO HB3  H N N 284 
PRO HG2  H N N 285 
PRO HG3  H N N 286 
PRO HD2  H N N 287 
PRO HD3  H N N 288 
PRO HXT  H N N 289 
SER N    N N N 290 
SER CA   C N S 291 
SER C    C N N 292 
SER O    O N N 293 
SER CB   C N N 294 
SER OG   O N N 295 
SER OXT  O N N 296 
SER H    H N N 297 
SER H2   H N N 298 
SER HA   H N N 299 
SER HB2  H N N 300 
SER HB3  H N N 301 
SER HG   H N N 302 
SER HXT  H N N 303 
THR N    N N N 304 
THR CA   C N S 305 
THR C    C N N 306 
THR O    O N N 307 
THR CB   C N R 308 
THR OG1  O N N 309 
THR CG2  C N N 310 
THR OXT  O N N 311 
THR H    H N N 312 
THR H2   H N N 313 
THR HA   H N N 314 
THR HB   H N N 315 
THR HG1  H N N 316 
THR HG21 H N N 317 
THR HG22 H N N 318 
THR HG23 H N N 319 
THR HXT  H N N 320 
TRP N    N N N 321 
TRP CA   C N S 322 
TRP C    C N N 323 
TRP O    O N N 324 
TRP CB   C N N 325 
TRP CG   C Y N 326 
TRP CD1  C Y N 327 
TRP CD2  C Y N 328 
TRP NE1  N Y N 329 
TRP CE2  C Y N 330 
TRP CE3  C Y N 331 
TRP CZ2  C Y N 332 
TRP CZ3  C Y N 333 
TRP CH2  C Y N 334 
TRP OXT  O N N 335 
TRP H    H N N 336 
TRP H2   H N N 337 
TRP HA   H N N 338 
TRP HB2  H N N 339 
TRP HB3  H N N 340 
TRP HD1  H N N 341 
TRP HE1  H N N 342 
TRP HE3  H N N 343 
TRP HZ2  H N N 344 
TRP HZ3  H N N 345 
TRP HH2  H N N 346 
TRP HXT  H N N 347 
TYR N    N N N 348 
TYR CA   C N S 349 
TYR C    C N N 350 
TYR O    O N N 351 
TYR CB   C N N 352 
TYR CG   C Y N 353 
TYR CD1  C Y N 354 
TYR CD2  C Y N 355 
TYR CE1  C Y N 356 
TYR CE2  C Y N 357 
TYR CZ   C Y N 358 
TYR OH   O N N 359 
TYR OXT  O N N 360 
TYR H    H N N 361 
TYR H2   H N N 362 
TYR HA   H N N 363 
TYR HB2  H N N 364 
TYR HB3  H N N 365 
TYR HD1  H N N 366 
TYR HD2  H N N 367 
TYR HE1  H N N 368 
TYR HE2  H N N 369 
TYR HH   H N N 370 
TYR HXT  H N N 371 
VAL N    N N N 372 
VAL CA   C N S 373 
VAL C    C N N 374 
VAL O    O N N 375 
VAL CB   C N N 376 
VAL CG1  C N N 377 
VAL CG2  C N N 378 
VAL OXT  O N N 379 
VAL H    H N N 380 
VAL H2   H N N 381 
VAL HA   H N N 382 
VAL HB   H N N 383 
VAL HG11 H N N 384 
VAL HG12 H N N 385 
VAL HG13 H N N 386 
VAL HG21 H N N 387 
VAL HG22 H N N 388 
VAL HG23 H N N 389 
VAL HXT  H N N 390 
# 
loop_
_chem_comp_bond.comp_id 
_chem_comp_bond.atom_id_1 
_chem_comp_bond.atom_id_2 
_chem_comp_bond.value_order 
_chem_comp_bond.pdbx_aromatic_flag 
_chem_comp_bond.pdbx_stereo_config 
_chem_comp_bond.pdbx_ordinal 
ALA N   CA   sing N N 1   
ALA N   H    sing N N 2   
ALA N   H2   sing N N 3   
ALA CA  C    sing N N 4   
ALA CA  CB   sing N N 5   
ALA CA  HA   sing N N 6   
ALA C   O    doub N N 7   
ALA C   OXT  sing N N 8   
ALA CB  HB1  sing N N 9   
ALA CB  HB2  sing N N 10  
ALA CB  HB3  sing N N 11  
ALA OXT HXT  sing N N 12  
ARG N   CA   sing N N 13  
ARG N   H    sing N N 14  
ARG N   H2   sing N N 15  
ARG CA  C    sing N N 16  
ARG CA  CB   sing N N 17  
ARG CA  HA   sing N N 18  
ARG C   O    doub N N 19  
ARG C   OXT  sing N N 20  
ARG CB  CG   sing N N 21  
ARG CB  HB2  sing N N 22  
ARG CB  HB3  sing N N 23  
ARG CG  CD   sing N N 24  
ARG CG  HG2  sing N N 25  
ARG CG  HG3  sing N N 26  
ARG CD  NE   sing N N 27  
ARG CD  HD2  sing N N 28  
ARG CD  HD3  sing N N 29  
ARG NE  CZ   sing N N 30  
ARG NE  HE   sing N N 31  
ARG CZ  NH1  sing N N 32  
ARG CZ  NH2  doub N N 33  
ARG NH1 HH11 sing N N 34  
ARG NH1 HH12 sing N N 35  
ARG NH2 HH21 sing N N 36  
ARG NH2 HH22 sing N N 37  
ARG OXT HXT  sing N N 38  
ASN N   CA   sing N N 39  
ASN N   H    sing N N 40  
ASN N   H2   sing N N 41  
ASN CA  C    sing N N 42  
ASN CA  CB   sing N N 43  
ASN CA  HA   sing N N 44  
ASN C   O    doub N N 45  
ASN C   OXT  sing N N 46  
ASN CB  CG   sing N N 47  
ASN CB  HB2  sing N N 48  
ASN CB  HB3  sing N N 49  
ASN CG  OD1  doub N N 50  
ASN CG  ND2  sing N N 51  
ASN ND2 HD21 sing N N 52  
ASN ND2 HD22 sing N N 53  
ASN OXT HXT  sing N N 54  
ASP N   CA   sing N N 55  
ASP N   H    sing N N 56  
ASP N   H2   sing N N 57  
ASP CA  C    sing N N 58  
ASP CA  CB   sing N N 59  
ASP CA  HA   sing N N 60  
ASP C   O    doub N N 61  
ASP C   OXT  sing N N 62  
ASP CB  CG   sing N N 63  
ASP CB  HB2  sing N N 64  
ASP CB  HB3  sing N N 65  
ASP CG  OD1  doub N N 66  
ASP CG  OD2  sing N N 67  
ASP OD2 HD2  sing N N 68  
ASP OXT HXT  sing N N 69  
CYS N   CA   sing N N 70  
CYS N   H    sing N N 71  
CYS N   H2   sing N N 72  
CYS CA  C    sing N N 73  
CYS CA  CB   sing N N 74  
CYS CA  HA   sing N N 75  
CYS C   O    doub N N 76  
CYS C   OXT  sing N N 77  
CYS CB  SG   sing N N 78  
CYS CB  HB2  sing N N 79  
CYS CB  HB3  sing N N 80  
CYS SG  HG   sing N N 81  
CYS OXT HXT  sing N N 82  
GLN N   CA   sing N N 83  
GLN N   H    sing N N 84  
GLN N   H2   sing N N 85  
GLN CA  C    sing N N 86  
GLN CA  CB   sing N N 87  
GLN CA  HA   sing N N 88  
GLN C   O    doub N N 89  
GLN C   OXT  sing N N 90  
GLN CB  CG   sing N N 91  
GLN CB  HB2  sing N N 92  
GLN CB  HB3  sing N N 93  
GLN CG  CD   sing N N 94  
GLN CG  HG2  sing N N 95  
GLN CG  HG3  sing N N 96  
GLN CD  OE1  doub N N 97  
GLN CD  NE2  sing N N 98  
GLN NE2 HE21 sing N N 99  
GLN NE2 HE22 sing N N 100 
GLN OXT HXT  sing N N 101 
GLU N   CA   sing N N 102 
GLU N   H    sing N N 103 
GLU N   H2   sing N N 104 
GLU CA  C    sing N N 105 
GLU CA  CB   sing N N 106 
GLU CA  HA   sing N N 107 
GLU C   O    doub N N 108 
GLU C   OXT  sing N N 109 
GLU CB  CG   sing N N 110 
GLU CB  HB2  sing N N 111 
GLU CB  HB3  sing N N 112 
GLU CG  CD   sing N N 113 
GLU CG  HG2  sing N N 114 
GLU CG  HG3  sing N N 115 
GLU CD  OE1  doub N N 116 
GLU CD  OE2  sing N N 117 
GLU OE2 HE2  sing N N 118 
GLU OXT HXT  sing N N 119 
GLY N   CA   sing N N 120 
GLY N   H    sing N N 121 
GLY N   H2   sing N N 122 
GLY CA  C    sing N N 123 
GLY CA  HA2  sing N N 124 
GLY CA  HA3  sing N N 125 
GLY C   O    doub N N 126 
GLY C   OXT  sing N N 127 
GLY OXT HXT  sing N N 128 
HIS N   CA   sing N N 129 
HIS N   H    sing N N 130 
HIS N   H2   sing N N 131 
HIS CA  C    sing N N 132 
HIS CA  CB   sing N N 133 
HIS CA  HA   sing N N 134 
HIS C   O    doub N N 135 
HIS C   OXT  sing N N 136 
HIS CB  CG   sing N N 137 
HIS CB  HB2  sing N N 138 
HIS CB  HB3  sing N N 139 
HIS CG  ND1  sing Y N 140 
HIS CG  CD2  doub Y N 141 
HIS ND1 CE1  doub Y N 142 
HIS ND1 HD1  sing N N 143 
HIS CD2 NE2  sing Y N 144 
HIS CD2 HD2  sing N N 145 
HIS CE1 NE2  sing Y N 146 
HIS CE1 HE1  sing N N 147 
HIS NE2 HE2  sing N N 148 
HIS OXT HXT  sing N N 149 
HOH O   H1   sing N N 150 
HOH O   H2   sing N N 151 
ILE N   CA   sing N N 152 
ILE N   H    sing N N 153 
ILE N   H2   sing N N 154 
ILE CA  C    sing N N 155 
ILE CA  CB   sing N N 156 
ILE CA  HA   sing N N 157 
ILE C   O    doub N N 158 
ILE C   OXT  sing N N 159 
ILE CB  CG1  sing N N 160 
ILE CB  CG2  sing N N 161 
ILE CB  HB   sing N N 162 
ILE CG1 CD1  sing N N 163 
ILE CG1 HG12 sing N N 164 
ILE CG1 HG13 sing N N 165 
ILE CG2 HG21 sing N N 166 
ILE CG2 HG22 sing N N 167 
ILE CG2 HG23 sing N N 168 
ILE CD1 HD11 sing N N 169 
ILE CD1 HD12 sing N N 170 
ILE CD1 HD13 sing N N 171 
ILE OXT HXT  sing N N 172 
LEU N   CA   sing N N 173 
LEU N   H    sing N N 174 
LEU N   H2   sing N N 175 
LEU CA  C    sing N N 176 
LEU CA  CB   sing N N 177 
LEU CA  HA   sing N N 178 
LEU C   O    doub N N 179 
LEU C   OXT  sing N N 180 
LEU CB  CG   sing N N 181 
LEU CB  HB2  sing N N 182 
LEU CB  HB3  sing N N 183 
LEU CG  CD1  sing N N 184 
LEU CG  CD2  sing N N 185 
LEU CG  HG   sing N N 186 
LEU CD1 HD11 sing N N 187 
LEU CD1 HD12 sing N N 188 
LEU CD1 HD13 sing N N 189 
LEU CD2 HD21 sing N N 190 
LEU CD2 HD22 sing N N 191 
LEU CD2 HD23 sing N N 192 
LEU OXT HXT  sing N N 193 
LYS N   CA   sing N N 194 
LYS N   H    sing N N 195 
LYS N   H2   sing N N 196 
LYS CA  C    sing N N 197 
LYS CA  CB   sing N N 198 
LYS CA  HA   sing N N 199 
LYS C   O    doub N N 200 
LYS C   OXT  sing N N 201 
LYS CB  CG   sing N N 202 
LYS CB  HB2  sing N N 203 
LYS CB  HB3  sing N N 204 
LYS CG  CD   sing N N 205 
LYS CG  HG2  sing N N 206 
LYS CG  HG3  sing N N 207 
LYS CD  CE   sing N N 208 
LYS CD  HD2  sing N N 209 
LYS CD  HD3  sing N N 210 
LYS CE  NZ   sing N N 211 
LYS CE  HE2  sing N N 212 
LYS CE  HE3  sing N N 213 
LYS NZ  HZ1  sing N N 214 
LYS NZ  HZ2  sing N N 215 
LYS NZ  HZ3  sing N N 216 
LYS OXT HXT  sing N N 217 
MET N   CA   sing N N 218 
MET N   H    sing N N 219 
MET N   H2   sing N N 220 
MET CA  C    sing N N 221 
MET CA  CB   sing N N 222 
MET CA  HA   sing N N 223 
MET C   O    doub N N 224 
MET C   OXT  sing N N 225 
MET CB  CG   sing N N 226 
MET CB  HB2  sing N N 227 
MET CB  HB3  sing N N 228 
MET CG  SD   sing N N 229 
MET CG  HG2  sing N N 230 
MET CG  HG3  sing N N 231 
MET SD  CE   sing N N 232 
MET CE  HE1  sing N N 233 
MET CE  HE2  sing N N 234 
MET CE  HE3  sing N N 235 
MET OXT HXT  sing N N 236 
PHE N   CA   sing N N 237 
PHE N   H    sing N N 238 
PHE N   H2   sing N N 239 
PHE CA  C    sing N N 240 
PHE CA  CB   sing N N 241 
PHE CA  HA   sing N N 242 
PHE C   O    doub N N 243 
PHE C   OXT  sing N N 244 
PHE CB  CG   sing N N 245 
PHE CB  HB2  sing N N 246 
PHE CB  HB3  sing N N 247 
PHE CG  CD1  doub Y N 248 
PHE CG  CD2  sing Y N 249 
PHE CD1 CE1  sing Y N 250 
PHE CD1 HD1  sing N N 251 
PHE CD2 CE2  doub Y N 252 
PHE CD2 HD2  sing N N 253 
PHE CE1 CZ   doub Y N 254 
PHE CE1 HE1  sing N N 255 
PHE CE2 CZ   sing Y N 256 
PHE CE2 HE2  sing N N 257 
PHE CZ  HZ   sing N N 258 
PHE OXT HXT  sing N N 259 
PRO N   CA   sing N N 260 
PRO N   CD   sing N N 261 
PRO N   H    sing N N 262 
PRO CA  C    sing N N 263 
PRO CA  CB   sing N N 264 
PRO CA  HA   sing N N 265 
PRO C   O    doub N N 266 
PRO C   OXT  sing N N 267 
PRO CB  CG   sing N N 268 
PRO CB  HB2  sing N N 269 
PRO CB  HB3  sing N N 270 
PRO CG  CD   sing N N 271 
PRO CG  HG2  sing N N 272 
PRO CG  HG3  sing N N 273 
PRO CD  HD2  sing N N 274 
PRO CD  HD3  sing N N 275 
PRO OXT HXT  sing N N 276 
SER N   CA   sing N N 277 
SER N   H    sing N N 278 
SER N   H2   sing N N 279 
SER CA  C    sing N N 280 
SER CA  CB   sing N N 281 
SER CA  HA   sing N N 282 
SER C   O    doub N N 283 
SER C   OXT  sing N N 284 
SER CB  OG   sing N N 285 
SER CB  HB2  sing N N 286 
SER CB  HB3  sing N N 287 
SER OG  HG   sing N N 288 
SER OXT HXT  sing N N 289 
THR N   CA   sing N N 290 
THR N   H    sing N N 291 
THR N   H2   sing N N 292 
THR CA  C    sing N N 293 
THR CA  CB   sing N N 294 
THR CA  HA   sing N N 295 
THR C   O    doub N N 296 
THR C   OXT  sing N N 297 
THR CB  OG1  sing N N 298 
THR CB  CG2  sing N N 299 
THR CB  HB   sing N N 300 
THR OG1 HG1  sing N N 301 
THR CG2 HG21 sing N N 302 
THR CG2 HG22 sing N N 303 
THR CG2 HG23 sing N N 304 
THR OXT HXT  sing N N 305 
TRP N   CA   sing N N 306 
TRP N   H    sing N N 307 
TRP N   H2   sing N N 308 
TRP CA  C    sing N N 309 
TRP CA  CB   sing N N 310 
TRP CA  HA   sing N N 311 
TRP C   O    doub N N 312 
TRP C   OXT  sing N N 313 
TRP CB  CG   sing N N 314 
TRP CB  HB2  sing N N 315 
TRP CB  HB3  sing N N 316 
TRP CG  CD1  doub Y N 317 
TRP CG  CD2  sing Y N 318 
TRP CD1 NE1  sing Y N 319 
TRP CD1 HD1  sing N N 320 
TRP CD2 CE2  doub Y N 321 
TRP CD2 CE3  sing Y N 322 
TRP NE1 CE2  sing Y N 323 
TRP NE1 HE1  sing N N 324 
TRP CE2 CZ2  sing Y N 325 
TRP CE3 CZ3  doub Y N 326 
TRP CE3 HE3  sing N N 327 
TRP CZ2 CH2  doub Y N 328 
TRP CZ2 HZ2  sing N N 329 
TRP CZ3 CH2  sing Y N 330 
TRP CZ3 HZ3  sing N N 331 
TRP CH2 HH2  sing N N 332 
TRP OXT HXT  sing N N 333 
TYR N   CA   sing N N 334 
TYR N   H    sing N N 335 
TYR N   H2   sing N N 336 
TYR CA  C    sing N N 337 
TYR CA  CB   sing N N 338 
TYR CA  HA   sing N N 339 
TYR C   O    doub N N 340 
TYR C   OXT  sing N N 341 
TYR CB  CG   sing N N 342 
TYR CB  HB2  sing N N 343 
TYR CB  HB3  sing N N 344 
TYR CG  CD1  doub Y N 345 
TYR CG  CD2  sing Y N 346 
TYR CD1 CE1  sing Y N 347 
TYR CD1 HD1  sing N N 348 
TYR CD2 CE2  doub Y N 349 
TYR CD2 HD2  sing N N 350 
TYR CE1 CZ   doub Y N 351 
TYR CE1 HE1  sing N N 352 
TYR CE2 CZ   sing Y N 353 
TYR CE2 HE2  sing N N 354 
TYR CZ  OH   sing N N 355 
TYR OH  HH   sing N N 356 
TYR OXT HXT  sing N N 357 
VAL N   CA   sing N N 358 
VAL N   H    sing N N 359 
VAL N   H2   sing N N 360 
VAL CA  C    sing N N 361 
VAL CA  CB   sing N N 362 
VAL CA  HA   sing N N 363 
VAL C   O    doub N N 364 
VAL C   OXT  sing N N 365 
VAL CB  CG1  sing N N 366 
VAL CB  CG2  sing N N 367 
VAL CB  HB   sing N N 368 
VAL CG1 HG11 sing N N 369 
VAL CG1 HG12 sing N N 370 
VAL CG1 HG13 sing N N 371 
VAL CG2 HG21 sing N N 372 
VAL CG2 HG22 sing N N 373 
VAL CG2 HG23 sing N N 374 
VAL OXT HXT  sing N N 375 
# 
_atom_sites.entry_id                    4QXL 
_atom_sites.fract_transf_matrix[1][1]   -0.02729914 
_atom_sites.fract_transf_matrix[1][2]   0.02611686 
_atom_sites.fract_transf_matrix[1][3]   -0.01093591 
_atom_sites.fract_transf_matrix[2][1]   -0.01562037 
_atom_sites.fract_transf_matrix[2][2]   -0.00755224 
_atom_sites.fract_transf_matrix[2][3]   0.02095682 
_atom_sites.fract_transf_matrix[3][1]   0.00389611 
_atom_sites.fract_transf_matrix[3][2]   0.00622832 
_atom_sites.fract_transf_matrix[3][3]   0.00514851 
_atom_sites.fract_transf_vector[1]      0.593609 
_atom_sites.fract_transf_vector[2]      0.321956 
_atom_sites.fract_transf_vector[3]      0.624879 
# 
loop_
_atom_type.symbol 
C 
N 
O 
S 
# 
loop_
_atom_site.group_PDB 
_atom_site.id 
_atom_site.type_symbol 
_atom_site.label_atom_id 
_atom_site.label_alt_id 
_atom_site.label_comp_id 
_atom_site.label_asym_id 
_atom_site.label_entity_id 
_atom_site.label_seq_id 
_atom_site.pdbx_PDB_ins_code 
_atom_site.Cartn_x 
_atom_site.Cartn_y 
_atom_site.Cartn_z 
_atom_site.occupancy 
_atom_site.B_iso_or_equiv 
_atom_site.pdbx_formal_charge 
_atom_site.auth_seq_id 
_atom_site.auth_comp_id 
_atom_site.auth_asym_id 
_atom_site.auth_atom_id 
_atom_site.pdbx_PDB_model_num 
ATOM   1   N N   . ALA A 1 1   ? -12.824 -20.760 -10.565 1.00 31.67 ? 1   ALA A N   1 
ATOM   2   C CA  . ALA A 1 1   ? -12.769 -20.863 -9.115  1.00 23.71 ? 1   ALA A CA  1 
ATOM   3   C C   . ALA A 1 1   ? -13.253 -19.571 -8.468  1.00 21.66 ? 1   ALA A C   1 
ATOM   4   O O   . ALA A 1 1   ? -12.640 -19.074 -7.521  1.00 19.55 ? 1   ALA A O   1 
ATOM   5   C CB  . ALA A 1 1   ? -11.353 -21.184 -8.668  1.00 24.89 ? 1   ALA A CB  1 
ATOM   6   N N   . GLY A 1 2   ? -14.343 -19.023 -8.999  1.00 22.47 ? 2   GLY A N   1 
ATOM   7   C CA  . GLY A 1 2   ? -14.950 -17.822 -8.457  1.00 20.73 ? 2   GLY A CA  1 
ATOM   8   C C   . GLY A 1 2   ? -14.029 -16.616 -8.471  1.00 15.89 ? 2   GLY A C   1 
ATOM   9   O O   . GLY A 1 2   ? -14.066 -15.784 -7.561  1.00 19.18 ? 2   GLY A O   1 
ATOM   10  N N   . GLU A 1 3   ? -13.202 -16.521 -9.503  1.00 14.73 ? 3   GLU A N   1 
ATOM   11  C CA  . GLU A 1 3   ? -12.216 -15.450 -9.582  1.00 11.16 ? 3   GLU A CA  1 
ATOM   12  C C   . GLU A 1 3   ? -12.840 -14.095 -9.861  1.00 9.93  ? 3   GLU A C   1 
ATOM   13  O O   . GLU A 1 3   ? -13.776 -13.966 -10.645 1.00 15.19 ? 3   GLU A O   1 
ATOM   14  C CB  . GLU A 1 3   ? -11.184 -15.740 -10.671 1.00 13.81 ? 3   GLU A CB  1 
ATOM   15  C CG  . GLU A 1 3   ? -10.028 -16.622 -10.238 1.00 22.27 ? 3   GLU A CG  1 
ATOM   16  C CD  . GLU A 1 3   ? -10.369 -18.093 -10.220 1.00 22.01 ? 3   GLU A CD  1 
ATOM   17  O OE1 . GLU A 1 3   ? -11.420 -18.481 -10.772 1.00 27.06 ? 3   GLU A OE1 1 
ATOM   18  O OE2 . GLU A 1 3   ? -9.573  -18.865 -9.648  1.00 23.57 ? 3   GLU A OE2 1 
ATOM   19  N N   . GLY A 1 4   ? -12.266 -13.073 -9.237  1.00 8.75  ? 4   GLY A N   1 
ATOM   20  C CA  . GLY A 1 4   ? -12.634 -11.700 -9.494  1.00 10.35 ? 4   GLY A CA  1 
ATOM   21  C C   . GLY A 1 4   ? -11.462 -10.801 -9.147  1.00 10.20 ? 4   GLY A C   1 
ATOM   22  O O   . GLY A 1 4   ? -10.370 -11.268 -8.847  1.00 7.89  ? 4   GLY A O   1 
ATOM   23  N N   . ALA A 1 5   ? -11.689 -9.497  -9.227  1.00 5.72  ? 5   ALA A N   1 
ATOM   24  C CA  . ALA A 1 5   ? -10.682 -8.530  -8.824  1.00 4.80  ? 5   ALA A CA  1 
ATOM   25  C C   . ALA A 1 5   ? -11.354 -7.287  -8.336  1.00 7.56  ? 5   ALA A C   1 
ATOM   26  O O   . ALA A 1 5   ? -12.407 -6.901  -8.839  1.00 10.25 ? 5   ALA A O   1 
ATOM   27  C CB  . ALA A 1 5   ? -9.753  -8.209  -9.981  1.00 8.48  ? 5   ALA A CB  1 
ATOM   28  N N   . TRP A 1 6   ? -10.747 -6.656  -7.342  1.00 6.01  ? 6   TRP A N   1 
ATOM   29  C CA  . TRP A 1 6   ? -11.211 -5.354  -6.913  1.00 6.44  ? 6   TRP A CA  1 
ATOM   30  C C   . TRP A 1 6   ? -10.067 -4.363  -6.959  1.00 6.60  ? 6   TRP A C   1 
ATOM   31  O O   . TRP A 1 6   ? -8.892  -4.736  -6.983  1.00 7.43  ? 6   TRP A O   1 
ATOM   32  C CB  . TRP A 1 6   ? -11.884 -5.392  -5.528  1.00 5.90  ? 6   TRP A CB  1 
ATOM   33  C CG  . TRP A 1 6   ? -11.075 -5.797  -4.293  1.00 7.11  ? 6   TRP A CG  1 
ATOM   34  C CD1 . TRP A 1 6   ? -11.073 -7.025  -3.666  1.00 7.60  ? 6   TRP A CD1 1 
ATOM   35  C CD2 . TRP A 1 6   ? -10.243 -4.942  -3.481  1.00 6.71  ? 6   TRP A CD2 1 
ATOM   36  N NE1 . TRP A 1 6   ? -10.268 -6.989  -2.543  1.00 8.38  ? 6   TRP A NE1 1 
ATOM   37  C CE2 . TRP A 1 6   ? -9.756  -5.722  -2.406  1.00 7.77  ? 6   TRP A CE2 1 
ATOM   38  C CE3 . TRP A 1 6   ? -9.857  -3.592  -3.565  1.00 7.23  ? 6   TRP A CE3 1 
ATOM   39  C CZ2 . TRP A 1 6   ? -8.898  -5.200  -1.424  1.00 8.70  ? 6   TRP A CZ2 1 
ATOM   40  C CZ3 . TRP A 1 6   ? -9.007  -3.079  -2.589  1.00 7.05  ? 6   TRP A CZ3 1 
ATOM   41  C CH2 . TRP A 1 6   ? -8.540  -3.882  -1.536  1.00 8.33  ? 6   TRP A CH2 1 
ATOM   42  N N   . GLN A 1 7   ? -10.409 -3.084  -7.008  1.00 6.92  ? 7   GLN A N   1 
ATOM   43  C CA  . GLN A 1 7   ? -9.378  -2.064  -6.975  1.00 9.06  ? 7   GLN A CA  1 
ATOM   44  C C   . GLN A 1 7   ? -9.830  -0.847  -6.210  1.00 8.06  ? 7   GLN A C   1 
ATOM   45  O O   . GLN A 1 7   ? -11.018 -0.580  -6.068  1.00 8.77  ? 7   GLN A O   1 
ATOM   46  C CB  . GLN A 1 7   ? -8.941  -1.660  -8.377  1.00 11.51 ? 7   GLN A CB  1 
ATOM   47  C CG  . GLN A 1 7   ? -9.943  -0.831  -9.133  1.00 12.84 ? 7   GLN A CG  1 
ATOM   48  C CD  . GLN A 1 7   ? -9.445  -0.445  -10.514 1.00 17.19 ? 7   GLN A CD  1 
ATOM   49  O OE1 . GLN A 1 7   ? -8.262  -0.156  -10.705 1.00 18.76 ? 7   GLN A OE1 1 
ATOM   50  N NE2 . GLN A 1 7   ? -10.343 -0.452  -11.487 1.00 13.94 ? 7   GLN A NE2 1 
ATOM   51  N N   . ASP A 1 8   ? -8.858  -0.099  -5.717  1.00 7.33  ? 8   ASP A N   1 
ATOM   52  C CA  . ASP A 1 8   ? -9.156  1.125   -5.000  1.00 8.71  ? 8   ASP A CA  1 
ATOM   53  C C   . ASP A 1 8   ? -7.914  2.002   -4.968  1.00 8.63  ? 8   ASP A C   1 
ATOM   54  O O   . ASP A 1 8   ? -6.788  1.542   -5.171  1.00 8.78  ? 8   ASP A O   1 
ATOM   55  C CB  . ASP A 1 8   ? -9.649  0.788   -3.598  1.00 9.56  ? 8   ASP A CB  1 
ATOM   56  C CG  . ASP A 1 8   ? -10.315 1.963   -2.907  1.00 14.59 ? 8   ASP A CG  1 
ATOM   57  O OD1 . ASP A 1 8   ? -10.734 2.926   -3.596  1.00 16.40 ? 8   ASP A OD1 1 
ATOM   58  O OD2 . ASP A 1 8   ? -10.405 1.916   -1.656  1.00 17.92 ? 8   ASP A OD2 1 
ATOM   59  N N   . SER A 1 9   ? -8.137  3.287   -4.742  1.00 8.16  ? 9   SER A N   1 
ATOM   60  C CA  . SER A 1 9   ? -7.058  4.264   -4.766  1.00 10.38 ? 9   SER A CA  1 
ATOM   61  C C   . SER A 1 9   ? -7.398  5.363   -3.786  1.00 11.24 ? 9   SER A C   1 
ATOM   62  O O   . SER A 1 9   ? -8.539  5.495   -3.359  1.00 10.84 ? 9   SER A O   1 
ATOM   63  C CB  . SER A 1 9   ? -6.878  4.840   -6.174  1.00 13.82 ? 9   SER A CB  1 
ATOM   64  O OG  . SER A 1 9   ? -8.069  5.430   -6.656  1.00 20.94 ? 9   SER A OG  1 
ATOM   65  N N   . GLY A 1 10  ? -6.384  6.123   -3.391  1.00 8.18  ? 10  GLY A N   1 
ATOM   66  C CA  . GLY A 1 10  ? -6.612  7.265   -2.537  1.00 11.40 ? 10  GLY A CA  1 
ATOM   67  C C   . GLY A 1 10  ? -5.367  8.099   -2.429  1.00 9.93  ? 10  GLY A C   1 
ATOM   68  O O   . GLY A 1 10  ? -4.318  7.751   -2.956  1.00 11.05 ? 10  GLY A O   1 
ATOM   69  N N   . MET A 1 11  ? -5.482  9.232   -1.753  1.00 11.03 ? 11  MET A N   1 
ATOM   70  C CA  . MET A 1 11  ? -4.304  10.026  -1.487  1.00 13.42 ? 11  MET A CA  1 
ATOM   71  C C   . MET A 1 11  ? -3.524  9.341   -0.375  1.00 13.37 ? 11  MET A C   1 
ATOM   72  O O   . MET A 1 11  ? -4.098  8.679   0.482   1.00 15.38 ? 11  MET A O   1 
ATOM   73  C CB  . MET A 1 11  ? -4.686  11.449  -1.092  1.00 16.23 ? 11  MET A CB  1 
ATOM   74  C CG  . MET A 1 11  ? -3.493  12.348  -0.864  1.00 12.82 ? 11  MET A CG  1 
ATOM   75  S SD  . MET A 1 11  ? -3.981  14.032  -0.508  1.00 26.11 ? 11  MET A SD  1 
ATOM   76  C CE  . MET A 1 11  ? -4.321  14.597  -2.170  1.00 24.55 ? 11  MET A CE  1 
ATOM   77  N N   . GLY A 1 12  ? -2.203  9.480   -0.405  1.00 13.10 ? 12  GLY A N   1 
ATOM   78  C CA  . GLY A 1 12  ? -1.373  8.939   0.648   1.00 10.94 ? 12  GLY A CA  1 
ATOM   79  C C   . GLY A 1 12  ? -0.969  9.971   1.680   1.00 12.75 ? 12  GLY A C   1 
ATOM   80  O O   . GLY A 1 12  ? -1.537  11.066  1.762   1.00 15.16 ? 12  GLY A O   1 
ATOM   81  N N   . VAL A 1 13  ? 0.053   9.623   2.447   1.00 13.26 ? 13  VAL A N   1 
ATOM   82  C CA  . VAL A 1 13  ? 0.480   10.428  3.578   1.00 10.83 ? 13  VAL A CA  1 
ATOM   83  C C   . VAL A 1 13  ? 1.417   11.548  3.184   1.00 10.06 ? 13  VAL A C   1 
ATOM   84  O O   . VAL A 1 13  ? 1.954   11.571  2.082   1.00 11.99 ? 13  VAL A O   1 
ATOM   85  C CB  . VAL A 1 13  ? 1.222   9.569   4.631   1.00 10.99 ? 13  VAL A CB  1 
ATOM   86  C CG1 . VAL A 1 13  ? 0.361   8.408   5.075   1.00 12.88 ? 13  VAL A CG1 1 
ATOM   87  C CG2 . VAL A 1 13  ? 2.566   9.073   4.087   1.00 11.79 ? 13  VAL A CG2 1 
ATOM   88  N N   . THR A 1 14  ? 1.600   12.473  4.123   1.00 13.40 ? 14  THR A N   1 
ATOM   89  C CA  . THR A 1 14  ? 2.676   13.452  4.083   1.00 13.59 ? 14  THR A CA  1 
ATOM   90  C C   . THR A 1 14  ? 3.555   13.208  5.306   1.00 16.98 ? 14  THR A C   1 
ATOM   91  O O   . THR A 1 14  ? 3.059   13.147  6.434   1.00 19.47 ? 14  THR A O   1 
ATOM   92  C CB  . THR A 1 14  ? 2.125   14.903  4.116   1.00 16.16 ? 14  THR A CB  1 
ATOM   93  O OG1 . THR A 1 14  ? 1.451   15.193  2.887   1.00 22.41 ? 14  THR A OG1 1 
ATOM   94  C CG2 . THR A 1 14  ? 3.250   15.918  4.308   1.00 18.70 ? 14  THR A CG2 1 
ATOM   95  N N   . LEU A 1 15  ? 4.854   13.037  5.090   1.00 11.13 ? 15  LEU A N   1 
ATOM   96  C CA  . LEU A 1 15  ? 5.794   12.939  6.207   1.00 12.53 ? 15  LEU A CA  1 
ATOM   97  C C   . LEU A 1 15  ? 6.699   14.155  6.184   1.00 12.18 ? 15  LEU A C   1 
ATOM   98  O O   . LEU A 1 15  ? 7.358   14.415  5.182   1.00 11.80 ? 15  LEU A O   1 
ATOM   99  C CB  . LEU A 1 15  ? 6.649   11.675  6.108   1.00 13.13 ? 15  LEU A CB  1 
ATOM   100 C CG  . LEU A 1 15  ? 5.985   10.323  6.376   1.00 16.01 ? 15  LEU A CG  1 
ATOM   101 C CD1 . LEU A 1 15  ? 6.957   9.202   6.078   1.00 17.10 ? 15  LEU A CD1 1 
ATOM   102 C CD2 . LEU A 1 15  ? 5.520   10.252  7.804   1.00 17.31 ? 15  LEU A CD2 1 
ATOM   103 N N   . ASN A 1 16  ? 6.727   14.907  7.279   1.00 12.42 ? 16  ASN A N   1 
ATOM   104 C CA  . ASN A 1 16  ? 7.617   16.057  7.375   1.00 12.85 ? 16  ASN A CA  1 
ATOM   105 C C   . ASN A 1 16  ? 8.891   15.736  8.138   1.00 14.90 ? 16  ASN A C   1 
ATOM   106 O O   . ASN A 1 16  ? 9.833   16.530  8.143   1.00 15.19 ? 16  ASN A O   1 
ATOM   107 C CB  . ASN A 1 16  ? 6.906   17.237  8.043   1.00 16.09 ? 16  ASN A CB  1 
ATOM   108 C CG  . ASN A 1 16  ? 5.771   17.786  7.201   1.00 20.00 ? 16  ASN A CG  1 
ATOM   109 O OD1 . ASN A 1 16  ? 4.601   17.715  7.584   1.00 25.73 ? 16  ASN A OD1 1 
ATOM   110 N ND2 . ASN A 1 16  ? 6.111   18.328  6.044   1.00 22.28 ? 16  ASN A ND2 1 
ATOM   111 N N   . TYR A 1 17  ? 8.922   14.575  8.785   1.00 13.41 ? 17  TYR A N   1 
ATOM   112 C CA  . TYR A 1 17  ? 10.059  14.187  9.610   1.00 11.71 ? 17  TYR A CA  1 
ATOM   113 C C   . TYR A 1 17  ? 10.465  12.741  9.417   1.00 12.70 ? 17  TYR A C   1 
ATOM   114 O O   . TYR A 1 17  ? 9.627   11.885  9.106   1.00 11.68 ? 17  TYR A O   1 
ATOM   115 C CB  . TYR A 1 17  ? 9.725   14.406  11.086  1.00 16.52 ? 17  TYR A CB  1 
ATOM   116 C CG  . TYR A 1 17  ? 9.580   15.860  11.443  1.00 17.37 ? 17  TYR A CG  1 
ATOM   117 C CD1 . TYR A 1 17  ? 8.351   16.497  11.343  1.00 16.55 ? 17  TYR A CD1 1 
ATOM   118 C CD2 . TYR A 1 17  ? 10.674  16.597  11.856  1.00 21.23 ? 17  TYR A CD2 1 
ATOM   119 C CE1 . TYR A 1 17  ? 8.214   17.828  11.655  1.00 22.70 ? 17  TYR A CE1 1 
ATOM   120 C CE2 . TYR A 1 17  ? 10.547  17.932  12.172  1.00 16.79 ? 17  TYR A CE2 1 
ATOM   121 C CZ  . TYR A 1 17  ? 9.310   18.536  12.070  1.00 20.63 ? 17  TYR A CZ  1 
ATOM   122 O OH  . TYR A 1 17  ? 9.156   19.866  12.380  1.00 27.42 ? 17  TYR A OH  1 
ATOM   123 N N   . ARG A 1 18  ? 11.755  12.472  9.587   1.00 11.81 ? 18  ARG A N   1 
ATOM   124 C CA  . ARG A 1 18  ? 12.242  11.110  9.700   1.00 10.55 ? 18  ARG A CA  1 
ATOM   125 C C   . ARG A 1 18  ? 11.845  10.537  11.048  1.00 10.55 ? 18  ARG A C   1 
ATOM   126 O O   . ARG A 1 18  ? 11.533  11.278  11.989  1.00 12.99 ? 18  ARG A O   1 
ATOM   127 C CB  . ARG A 1 18  ? 13.762  11.081  9.589   1.00 15.54 ? 18  ARG A CB  1 
ATOM   128 C CG  . ARG A 1 18  ? 14.274  11.505  8.236   1.00 17.97 ? 18  ARG A CG  1 
ATOM   129 C CD  . ARG A 1 18  ? 15.742  11.851  8.274   1.00 23.81 ? 18  ARG A CD  1 
ATOM   130 N NE  . ARG A 1 18  ? 16.212  12.105  6.923   1.00 30.76 ? 18  ARG A NE  1 
ATOM   131 C CZ  . ARG A 1 18  ? 16.649  11.155  6.110   1.00 24.88 ? 18  ARG A CZ  1 
ATOM   132 N NH1 . ARG A 1 18  ? 16.717  9.893   6.526   1.00 29.60 ? 18  ARG A NH1 1 
ATOM   133 N NH2 . ARG A 1 18  ? 17.039  11.468  4.884   1.00 31.27 ? 18  ARG A NH2 1 
ATOM   134 N N   . GLY A 1 19  ? 11.878  9.211   11.141  1.00 13.51 ? 19  GLY A N   1 
ATOM   135 C CA  . GLY A 1 19  ? 11.569  8.536   12.386  1.00 13.23 ? 19  GLY A CA  1 
ATOM   136 C C   . GLY A 1 19  ? 10.089  8.567   12.708  1.00 11.60 ? 19  GLY A C   1 
ATOM   137 O O   . GLY A 1 19  ? 9.712   8.443   13.868  1.00 13.77 ? 19  GLY A O   1 
ATOM   138 N N   . VAL A 1 20  ? 9.252   8.736   11.687  1.00 9.41  ? 20  VAL A N   1 
ATOM   139 C CA  . VAL A 1 20  ? 7.807   8.732   11.872  1.00 10.32 ? 20  VAL A CA  1 
ATOM   140 C C   . VAL A 1 20  ? 7.218   7.716   10.913  1.00 7.81  ? 20  VAL A C   1 
ATOM   141 O O   . VAL A 1 20  ? 7.521   7.746   9.727   1.00 9.92  ? 20  VAL A O   1 
ATOM   142 C CB  . VAL A 1 20  ? 7.196   10.105  11.533  1.00 10.20 ? 20  VAL A CB  1 
ATOM   143 C CG1 . VAL A 1 20  ? 5.690   10.074  11.702  1.00 13.39 ? 20  VAL A CG1 1 
ATOM   144 C CG2 . VAL A 1 20  ? 7.811   11.199  12.408  1.00 12.33 ? 20  VAL A CG2 1 
ATOM   145 N N   . SER A 1 21  ? 6.410   6.794   11.436  1.00 7.98  ? 21  SER A N   1 
ATOM   146 C CA  . SER A 1 21  ? 5.706   5.831   10.605  1.00 9.31  ? 21  SER A CA  1 
ATOM   147 C C   . SER A 1 21  ? 4.243   6.233   10.475  1.00 10.63 ? 21  SER A C   1 
ATOM   148 O O   . SER A 1 21  ? 3.556   6.399   11.480  1.00 11.18 ? 21  SER A O   1 
ATOM   149 C CB  . SER A 1 21  ? 5.808   4.442   11.217  1.00 9.10  ? 21  SER A CB  1 
ATOM   150 O OG  . SER A 1 21  ? 5.113   3.496   10.411  1.00 11.72 ? 21  SER A OG  1 
ATOM   151 N N   . ALA A 1 22  ? 3.762   6.362   9.235   1.00 8.33  ? 22  ALA A N   1 
ATOM   152 C CA  . ALA A 1 22  ? 2.398   6.808   8.961   1.00 9.54  ? 22  ALA A CA  1 
ATOM   153 C C   . ALA A 1 22  ? 1.721   5.872   7.988   1.00 8.59  ? 22  ALA A C   1 
ATOM   154 O O   . ALA A 1 22  ? 2.341   5.398   7.040   1.00 10.68 ? 22  ALA A O   1 
ATOM   155 C CB  . ALA A 1 22  ? 2.391   8.195   8.384   1.00 9.51  ? 22  ALA A CB  1 
ATOM   156 N N   . SER A 1 23  ? 0.438   5.632   8.210   1.00 10.61 ? 23  SER A N   1 
ATOM   157 C CA  . SER A 1 23  ? -0.362  4.826   7.304   1.00 8.89  ? 23  SER A CA  1 
ATOM   158 C C   . SER A 1 23  ? -1.297  5.676   6.458   1.00 10.04 ? 23  SER A C   1 
ATOM   159 O O   . SER A 1 23  ? -1.943  6.592   6.965   1.00 11.87 ? 23  SER A O   1 
ATOM   160 C CB  . SER A 1 23  ? -1.202  3.841   8.107   1.00 13.34 ? 23  SER A CB  1 
ATOM   161 O OG  . SER A 1 23  ? -2.116  3.159   7.272   1.00 19.28 ? 23  SER A OG  1 
ATOM   162 N N   . SER A 1 24  ? -1.380  5.348   5.167   1.00 8.91  ? 24  SER A N   1 
ATOM   163 C CA  . SER A 1 24  ? -2.415  5.894   4.287   1.00 8.73  ? 24  SER A CA  1 
ATOM   164 C C   . SER A 1 24  ? -3.775  5.411   4.735   1.00 9.55  ? 24  SER A C   1 
ATOM   165 O O   . SER A 1 24  ? -3.893  4.401   5.414   1.00 11.62 ? 24  SER A O   1 
ATOM   166 C CB  . SER A 1 24  ? -2.197  5.428   2.840   1.00 9.95  ? 24  SER A CB  1 
ATOM   167 O OG  . SER A 1 24  ? -0.987  5.949   2.324   1.00 11.28 ? 24  SER A OG  1 
ATOM   168 N N   . SER A 1 25  ? -4.812  6.130   4.330   1.00 10.77 ? 25  SER A N   1 
ATOM   169 C CA  . SER A 1 25  ? -6.170  5.658   4.550   1.00 10.34 ? 25  SER A CA  1 
ATOM   170 C C   . SER A 1 25  ? -6.333  4.316   3.856   1.00 11.46 ? 25  SER A C   1 
ATOM   171 O O   . SER A 1 25  ? -5.717  4.082   2.821   1.00 10.74 ? 25  SER A O   1 
ATOM   172 C CB  . SER A 1 25  ? -7.163  6.680   4.000   1.00 14.72 ? 25  SER A CB  1 
ATOM   173 O OG  . SER A 1 25  ? -6.913  6.939   2.631   1.00 23.01 ? 25  SER A OG  1 
ATOM   174 N N   . PRO A 1 26  ? -7.151  3.423   4.438   1.00 13.21 ? 26  PRO A N   1 
ATOM   175 C CA  . PRO A 1 26  ? -7.352  2.063   3.917   1.00 14.32 ? 26  PRO A CA  1 
ATOM   176 C C   . PRO A 1 26  ? -7.976  2.016   2.533   1.00 15.67 ? 26  PRO A C   1 
ATOM   177 O O   . PRO A 1 26  ? -8.824  2.827   2.164   1.00 15.40 ? 26  PRO A O   1 
ATOM   178 C CB  . PRO A 1 26  ? -8.314  1.436   4.932   1.00 16.69 ? 26  PRO A CB  1 
ATOM   179 C CG  . PRO A 1 26  ? -9.013  2.621   5.556   1.00 16.20 ? 26  PRO A CG  1 
ATOM   180 C CD  . PRO A 1 26  ? -7.946  3.660   5.655   1.00 16.69 ? 26  PRO A CD  1 
ATOM   181 N N   . LEU A 1 27  ? -7.533  1.038   1.761   1.00 11.27 ? 27  LEU A N   1 
ATOM   182 C CA  . LEU A 1 27  ? -8.084  0.791   0.446   1.00 11.26 ? 27  LEU A CA  1 
ATOM   183 C C   . LEU A 1 27  ? -8.870  -0.505  0.535   1.00 10.88 ? 27  LEU A C   1 
ATOM   184 O O   . LEU A 1 27  ? -8.395  -1.487  1.096   1.00 12.94 ? 27  LEU A O   1 
ATOM   185 C CB  . LEU A 1 27  ? -6.960  0.665   -0.571  1.00 10.07 ? 27  LEU A CB  1 
ATOM   186 C CG  . LEU A 1 27  ? -6.055  1.889   -0.687  1.00 11.24 ? 27  LEU A CG  1 
ATOM   187 C CD1 . LEU A 1 27  ? -4.890  1.610   -1.606  1.00 12.18 ? 27  LEU A CD1 1 
ATOM   188 C CD2 . LEU A 1 27  ? -6.858  3.095   -1.162  1.00 12.85 ? 27  LEU A CD2 1 
ATOM   189 N N   . SER A 1 28  ? -10.088 -0.500  0.013   1.00 10.49 ? 28  SER A N   1 
ATOM   190 C CA  . SER A 1 28  ? -10.918 -1.696  0.090   1.00 14.62 ? 28  SER A CA  1 
ATOM   191 C C   . SER A 1 28  ? -11.826 -1.805  -1.116  1.00 10.84 ? 28  SER A C   1 
ATOM   192 O O   . SER A 1 28  ? -12.031 -0.837  -1.838  1.00 10.64 ? 28  SER A O   1 
ATOM   193 C CB  . SER A 1 28  ? -11.766 -1.665  1.355   1.00 19.24 ? 28  SER A CB  1 
ATOM   194 O OG  . SER A 1 28  ? -12.674 -0.588  1.303   1.00 23.25 ? 28  SER A OG  1 
ATOM   195 N N   . ALA A 1 29  ? -12.372 -3.001  -1.312  1.00 12.11 ? 29  ALA A N   1 
ATOM   196 C CA  . ALA A 1 29  ? -13.261 -3.286  -2.429  1.00 11.88 ? 29  ALA A CA  1 
ATOM   197 C C   . ALA A 1 29  ? -14.499 -2.396  -2.425  1.00 12.97 ? 29  ALA A C   1 
ATOM   198 O O   . ALA A 1 29  ? -15.049 -2.102  -1.365  1.00 15.91 ? 29  ALA A O   1 
ATOM   199 C CB  . ALA A 1 29  ? -13.675 -4.736  -2.390  1.00 13.81 ? 29  ALA A CB  1 
ATOM   200 N N   . ARG A 1 30  ? -14.927 -1.986  -3.613  1.00 13.56 ? 30  ARG A N   1 
ATOM   201 C CA  . ARG A 1 30  ? -16.152 -1.204  -3.749  1.00 17.74 ? 30  ARG A CA  1 
ATOM   202 C C   . ARG A 1 30  ? -17.348 -2.110  -3.982  1.00 18.84 ? 30  ARG A C   1 
ATOM   203 O O   . ARG A 1 30  ? -18.472 -1.729  -3.663  1.00 21.74 ? 30  ARG A O   1 
ATOM   204 C CB  . ARG A 1 30  ? -16.062 -0.215  -4.904  1.00 20.65 ? 30  ARG A CB  1 
ATOM   205 C CG  . ARG A 1 30  ? -15.077 0.912   -4.689  1.00 20.81 ? 30  ARG A CG  1 
ATOM   206 C CD  . ARG A 1 30  ? -13.936 0.771   -5.658  1.00 19.54 ? 30  ARG A CD  1 
ATOM   207 N NE  . ARG A 1 30  ? -13.064 1.940   -5.716  1.00 16.38 ? 30  ARG A NE  1 
ATOM   208 C CZ  . ARG A 1 30  ? -12.509 2.370   -6.842  1.00 16.02 ? 30  ARG A CZ  1 
ATOM   209 N NH1 . ARG A 1 30  ? -12.749 1.732   -7.978  1.00 15.26 ? 30  ARG A NH1 1 
ATOM   210 N NH2 . ARG A 1 30  ? -11.716 3.428   -6.833  1.00 20.71 ? 30  ARG A NH2 1 
ATOM   211 N N   . GLN A 1 31  ? -17.109 -3.285  -4.567  1.00 21.10 ? 31  GLN A N   1 
ATOM   212 C CA  . GLN A 1 31  ? -18.163 -4.274  -4.781  1.00 21.81 ? 31  GLN A CA  1 
ATOM   213 C C   . GLN A 1 31  ? -18.124 -5.296  -3.652  1.00 19.01 ? 31  GLN A C   1 
ATOM   214 O O   . GLN A 1 31  ? -17.133 -5.374  -2.921  1.00 21.20 ? 31  GLN A O   1 
ATOM   215 C CB  . GLN A 1 31  ? -17.995 -4.980  -6.139  1.00 19.99 ? 31  GLN A CB  1 
ATOM   216 C CG  . GLN A 1 31  ? -16.961 -6.105  -6.175  1.00 24.27 ? 31  GLN A CG  1 
ATOM   217 C CD  . GLN A 1 31  ? -15.615 -5.655  -6.713  1.00 22.26 ? 31  GLN A CD  1 
ATOM   218 O OE1 . GLN A 1 31  ? -15.207 -4.511  -6.514  1.00 22.61 ? 31  GLN A OE1 1 
ATOM   219 N NE2 . GLN A 1 31  ? -14.916 -6.558  -7.398  1.00 16.92 ? 31  GLN A NE2 1 
ATOM   220 N N   . PRO A 1 32  ? -19.206 -6.077  -3.494  1.00 21.55 ? 32  PRO A N   1 
ATOM   221 C CA  . PRO A 1 32  ? -19.169 -7.197  -2.552  1.00 22.57 ? 32  PRO A CA  1 
ATOM   222 C C   . PRO A 1 32  ? -18.157 -8.233  -3.016  1.00 19.42 ? 32  PRO A C   1 
ATOM   223 O O   . PRO A 1 32  ? -18.124 -8.584  -4.197  1.00 21.57 ? 32  PRO A O   1 
ATOM   224 C CB  . PRO A 1 32  ? -20.588 -7.776  -2.639  1.00 23.34 ? 32  PRO A CB  1 
ATOM   225 C CG  . PRO A 1 32  ? -21.431 -6.639  -3.117  1.00 26.05 ? 32  PRO A CG  1 
ATOM   226 C CD  . PRO A 1 32  ? -20.551 -5.889  -4.073  1.00 21.89 ? 32  PRO A CD  1 
ATOM   227 N N   . VAL A 1 33  ? -17.314 -8.686  -2.097  1.00 20.80 ? 33  VAL A N   1 
ATOM   228 C CA  . VAL A 1 33  ? -16.346 -9.723  -2.404  1.00 17.59 ? 33  VAL A CA  1 
ATOM   229 C C   . VAL A 1 33  ? -16.332 -10.768 -1.301  1.00 16.41 ? 33  VAL A C   1 
ATOM   230 O O   . VAL A 1 33  ? -16.763 -10.513 -0.175  1.00 22.38 ? 33  VAL A O   1 
ATOM   231 C CB  . VAL A 1 33  ? -14.907 -9.168  -2.587  1.00 14.99 ? 33  VAL A CB  1 
ATOM   232 C CG1 . VAL A 1 33  ? -14.868 -8.089  -3.657  1.00 16.03 ? 33  VAL A CG1 1 
ATOM   233 C CG2 . VAL A 1 33  ? -14.346 -8.666  -1.271  1.00 15.86 ? 33  VAL A CG2 1 
ATOM   234 N N   . SER A 1 34  ? -15.847 -11.951 -1.649  1.00 17.62 ? 34  SER A N   1 
ATOM   235 C CA  . SER A 1 34  ? -15.615 -13.016 -0.687  1.00 15.71 ? 34  SER A CA  1 
ATOM   236 C C   . SER A 1 34  ? -14.485 -13.854 -1.243  1.00 20.12 ? 34  SER A C   1 
ATOM   237 O O   . SER A 1 34  ? -14.054 -13.643 -2.375  1.00 22.07 ? 34  SER A O   1 
ATOM   238 C CB  . SER A 1 34  ? -16.869 -13.870 -0.499  1.00 18.91 ? 34  SER A CB  1 
ATOM   239 O OG  . SER A 1 34  ? -17.186 -14.581 -1.682  1.00 31.04 ? 34  SER A OG  1 
ATOM   240 N N   . GLY A 1 35  ? -13.999 -14.803 -0.459  1.00 13.97 ? 35  GLY A N   1 
ATOM   241 C CA  . GLY A 1 35  ? -12.897 -15.629 -0.910  1.00 13.45 ? 35  GLY A CA  1 
ATOM   242 C C   . GLY A 1 35  ? -11.561 -15.130 -0.398  1.00 10.16 ? 35  GLY A C   1 
ATOM   243 O O   . GLY A 1 35  ? -11.483 -14.427 0.622   1.00 11.39 ? 35  GLY A O   1 
ATOM   244 N N   . VAL A 1 36  ? -10.498 -15.499 -1.101  1.00 8.74  ? 36  VAL A N   1 
ATOM   245 C CA  . VAL A 1 36  ? -9.153  -15.138 -0.672  1.00 9.31  ? 36  VAL A CA  1 
ATOM   246 C C   . VAL A 1 36  ? -8.325  -14.482 -1.766  1.00 9.26  ? 36  VAL A C   1 
ATOM   247 O O   . VAL A 1 36  ? -8.518  -14.732 -2.959  1.00 7.74  ? 36  VAL A O   1 
ATOM   248 C CB  . VAL A 1 36  ? -8.358  -16.345 -0.116  1.00 13.84 ? 36  VAL A CB  1 
ATOM   249 C CG1 . VAL A 1 36  ? -9.047  -16.912 1.111   1.00 15.40 ? 36  VAL A CG1 1 
ATOM   250 C CG2 . VAL A 1 36  ? -8.175  -17.409 -1.184  1.00 15.18 ? 36  VAL A CG2 1 
ATOM   251 N N   . MET A 1 37  ? -7.407  -13.621 -1.347  1.00 9.44  ? 37  MET A N   1 
ATOM   252 C CA  . MET A 1 37  ? -6.539  -12.949 -2.290  1.00 8.46  ? 37  MET A CA  1 
ATOM   253 C C   . MET A 1 37  ? -5.589  -13.931 -2.948  1.00 10.11 ? 37  MET A C   1 
ATOM   254 O O   . MET A 1 37  ? -5.207  -14.950 -2.357  1.00 9.27  ? 37  MET A O   1 
ATOM   255 C CB  . MET A 1 37  ? -5.725  -11.868 -1.587  1.00 7.41  ? 37  MET A CB  1 
ATOM   256 C CG  . MET A 1 37  ? -6.587  -10.818 -0.934  1.00 11.41 ? 37  MET A CG  1 
ATOM   257 S SD  . MET A 1 37  ? -5.609  -9.458  -0.291  1.00 9.93  ? 37  MET A SD  1 
ATOM   258 C CE  . MET A 1 37  ? -6.893  -8.486  0.493   1.00 12.33 ? 37  MET A CE  1 
ATOM   259 N N   . THR A 1 38  ? -5.190  -13.596 -4.168  1.00 7.52  ? 38  THR A N   1 
ATOM   260 C CA  . THR A 1 38  ? -4.160  -14.334 -4.886  1.00 7.06  ? 38  THR A CA  1 
ATOM   261 C C   . THR A 1 38  ? -2.970  -13.414 -5.179  1.00 9.50  ? 38  THR A C   1 
ATOM   262 O O   . THR A 1 38  ? -2.012  -13.400 -4.412  1.00 10.54 ? 38  THR A O   1 
ATOM   263 C CB  . THR A 1 38  ? -4.718  -15.004 -6.155  1.00 10.94 ? 38  THR A CB  1 
ATOM   264 O OG1 . THR A 1 38  ? -5.309  -14.019 -7.017  1.00 11.05 ? 38  THR A OG1 1 
ATOM   265 C CG2 . THR A 1 38  ? -5.778  -16.027 -5.773  1.00 11.33 ? 38  THR A CG2 1 
ATOM   266 N N   . LEU A 1 39  ? -3.049  -12.633 -6.252  1.00 7.38  ? 39  LEU A N   1 
ATOM   267 C CA  . LEU A 1 39  ? -2.011  -11.682 -6.636  1.00 6.43  ? 39  LEU A CA  1 
ATOM   268 C C   . LEU A 1 39  ? -2.515  -10.262 -6.423  1.00 6.81  ? 39  LEU A C   1 
ATOM   269 O O   . LEU A 1 39  ? -3.661  -9.951  -6.766  1.00 8.76  ? 39  LEU A O   1 
ATOM   270 C CB  . LEU A 1 39  ? -1.685  -11.879 -8.112  1.00 10.79 ? 39  LEU A CB  1 
ATOM   271 C CG  . LEU A 1 39  ? -0.552  -11.128 -8.791  1.00 14.31 ? 39  LEU A CG  1 
ATOM   272 C CD1 . LEU A 1 39  ? 0.005   -12.084 -9.857  1.00 14.69 ? 39  LEU A CD1 1 
ATOM   273 C CD2 . LEU A 1 39  ? -1.056  -9.827  -9.409  1.00 16.75 ? 39  LEU A CD2 1 
ATOM   274 N N   . VAL A 1 40  ? -1.638  -9.396  -5.922  1.00 5.85  ? 40  VAL A N   1 
ATOM   275 C CA  . VAL A 1 40  ? -1.957  -7.988  -5.681  1.00 7.50  ? 40  VAL A CA  1 
ATOM   276 C C   . VAL A 1 40  ? -0.985  -7.115  -6.457  1.00 8.83  ? 40  VAL A C   1 
ATOM   277 O O   . VAL A 1 40  ? 0.232   -7.319  -6.381  1.00 9.80  ? 40  VAL A O   1 
ATOM   278 C CB  . VAL A 1 40  ? -1.857  -7.629  -4.179  1.00 6.62  ? 40  VAL A CB  1 
ATOM   279 C CG1 . VAL A 1 40  ? -2.039  -6.119  -3.967  1.00 8.52  ? 40  VAL A CG1 1 
ATOM   280 C CG2 . VAL A 1 40  ? -2.889  -8.410  -3.383  1.00 9.11  ? 40  VAL A CG2 1 
ATOM   281 N N   . ALA A 1 41  ? -1.518  -6.171  -7.230  1.00 6.33  ? 41  ALA A N   1 
ATOM   282 C CA  . ALA A 1 41  ? -0.704  -5.203  -7.949  1.00 6.66  ? 41  ALA A CA  1 
ATOM   283 C C   . ALA A 1 41  ? -0.857  -3.875  -7.221  1.00 8.65  ? 41  ALA A C   1 
ATOM   284 O O   . ALA A 1 41  ? -1.923  -3.565  -6.679  1.00 8.07  ? 41  ALA A O   1 
ATOM   285 C CB  . ALA A 1 41  ? -1.164  -5.070  -9.391  1.00 9.24  ? 41  ALA A CB  1 
ATOM   286 N N   . TRP A 1 42  ? 0.211   -3.096  -7.184  1.00 6.69  ? 42  TRP A N   1 
ATOM   287 C CA  . TRP A 1 42  ? 0.156   -1.829  -6.478  1.00 6.14  ? 42  TRP A CA  1 
ATOM   288 C C   . TRP A 1 42  ? 0.917   -0.761  -7.253  1.00 7.03  ? 42  TRP A C   1 
ATOM   289 O O   . TRP A 1 42  ? 1.771   -1.059  -8.103  1.00 7.55  ? 42  TRP A O   1 
ATOM   290 C CB  . TRP A 1 42  ? 0.715   -2.001  -5.064  1.00 9.02  ? 42  TRP A CB  1 
ATOM   291 C CG  . TRP A 1 42  ? 2.059   -2.573  -5.085  1.00 10.82 ? 42  TRP A CG  1 
ATOM   292 C CD1 . TRP A 1 42  ? 2.403   -3.902  -5.074  1.00 10.98 ? 42  TRP A CD1 1 
ATOM   293 C CD2 . TRP A 1 42  ? 3.272   -1.846  -5.182  1.00 8.66  ? 42  TRP A CD2 1 
ATOM   294 N NE1 . TRP A 1 42  ? 3.759   -4.035  -5.148  1.00 10.89 ? 42  TRP A NE1 1 
ATOM   295 C CE2 . TRP A 1 42  ? 4.318   -2.783  -5.209  1.00 11.22 ? 42  TRP A CE2 1 
ATOM   296 C CE3 . TRP A 1 42  ? 3.586   -0.473  -5.234  1.00 7.79  ? 42  TRP A CE3 1 
ATOM   297 C CZ2 . TRP A 1 42  ? 5.653   -2.410  -5.281  1.00 11.53 ? 42  TRP A CZ2 1 
ATOM   298 C CZ3 . TRP A 1 42  ? 4.909   -0.106  -5.304  1.00 11.87 ? 42  TRP A CZ3 1 
ATOM   299 C CH2 . TRP A 1 42  ? 5.929   -1.067  -5.334  1.00 13.65 ? 42  TRP A CH2 1 
ATOM   300 N N   . ARG A 1 43  ? 0.592   0.496   -6.951  1.00 7.68  ? 43  ARG A N   1 
ATOM   301 C CA  . ARG A 1 43  ? 1.245   1.637   -7.581  1.00 8.40  ? 43  ARG A CA  1 
ATOM   302 C C   . ARG A 1 43  ? 1.128   2.795   -6.617  1.00 7.27  ? 43  ARG A C   1 
ATOM   303 O O   . ARG A 1 43  ? 0.179   2.873   -5.840  1.00 6.38  ? 43  ARG A O   1 
ATOM   304 C CB  . ARG A 1 43  ? 0.534   1.991   -8.893  1.00 13.43 ? 43  ARG A CB  1 
ATOM   305 C CG  . ARG A 1 43  ? 1.136   3.136   -9.697  1.00 18.69 ? 43  ARG A CG  1 
ATOM   306 C CD  . ARG A 1 43  ? 0.485   3.222   -11.080 1.00 20.03 ? 43  ARG A CD  1 
ATOM   307 N NE  . ARG A 1 43  ? 0.518   1.923   -11.738 1.00 19.19 ? 43  ARG A NE  1 
ATOM   308 C CZ  . ARG A 1 43  ? 1.526   1.488   -12.489 1.00 20.12 ? 43  ARG A CZ  1 
ATOM   309 N NH1 . ARG A 1 43  ? 2.589   2.259   -12.701 1.00 23.31 ? 43  ARG A NH1 1 
ATOM   310 N NH2 . ARG A 1 43  ? 1.474   0.280   -13.026 1.00 20.24 ? 43  ARG A NH2 1 
ATOM   311 N N   . TYR A 1 44  ? 2.108   3.682   -6.660  1.00 5.67  ? 44  TYR A N   1 
ATOM   312 C CA  . TYR A 1 44  ? 1.957   4.975   -6.006  1.00 6.66  ? 44  TYR A CA  1 
ATOM   313 C C   . TYR A 1 44  ? 2.685   6.058   -6.765  1.00 7.90  ? 44  TYR A C   1 
ATOM   314 O O   . TYR A 1 44  ? 3.579   5.795   -7.569  1.00 9.20  ? 44  TYR A O   1 
ATOM   315 C CB  . TYR A 1 44  ? 2.374   4.939   -4.529  1.00 5.94  ? 44  TYR A CB  1 
ATOM   316 C CG  . TYR A 1 44  ? 3.839   4.726   -4.228  1.00 5.98  ? 44  TYR A CG  1 
ATOM   317 C CD1 . TYR A 1 44  ? 4.727   5.788   -4.246  1.00 7.11  ? 44  TYR A CD1 1 
ATOM   318 C CD2 . TYR A 1 44  ? 4.319   3.475   -3.866  1.00 7.65  ? 44  TYR A CD2 1 
ATOM   319 C CE1 . TYR A 1 44  ? 6.074   5.605   -3.932  1.00 8.79  ? 44  TYR A CE1 1 
ATOM   320 C CE2 . TYR A 1 44  ? 5.642   3.277   -3.562  1.00 7.72  ? 44  TYR A CE2 1 
ATOM   321 C CZ  . TYR A 1 44  ? 6.522   4.352   -3.586  1.00 8.94  ? 44  TYR A CZ  1 
ATOM   322 O OH  . TYR A 1 44  ? 7.852   4.170   -3.263  1.00 11.83 ? 44  TYR A OH  1 
ATOM   323 N N   . GLU A 1 45  ? 2.290   7.294   -6.486  1.00 9.21  ? 45  GLU A N   1 
ATOM   324 C CA  . GLU A 1 45  ? 2.878   8.448   -7.152  1.00 8.64  ? 45  GLU A CA  1 
ATOM   325 C C   . GLU A 1 45  ? 3.161   9.512   -6.110  1.00 9.61  ? 45  GLU A C   1 
ATOM   326 O O   . GLU A 1 45  ? 2.360   9.737   -5.211  1.00 8.57  ? 45  GLU A O   1 
ATOM   327 C CB  . GLU A 1 45  ? 1.920   8.995   -8.200  1.00 11.14 ? 45  GLU A CB  1 
ATOM   328 N N   . LEU A 1 46  ? 4.309   10.168  -6.241  1.00 9.80  ? 46  LEU A N   1 
ATOM   329 C CA  . LEU A 1 46  ? 4.711   11.197  -5.303  1.00 10.10 ? 46  LEU A CA  1 
ATOM   330 C C   . LEU A 1 46  ? 4.631   12.572  -5.933  1.00 12.84 ? 46  LEU A C   1 
ATOM   331 O O   . LEU A 1 46  ? 4.778   12.718  -7.152  1.00 14.84 ? 46  LEU A O   1 
ATOM   332 C CB  . LEU A 1 46  ? 6.139   10.941  -4.863  1.00 11.13 ? 46  LEU A CB  1 
ATOM   333 C CG  . LEU A 1 46  ? 6.425   9.600   -4.204  1.00 11.30 ? 46  LEU A CG  1 
ATOM   334 C CD1 . LEU A 1 46  ? 7.871   9.622   -3.776  1.00 10.17 ? 46  LEU A CD1 1 
ATOM   335 C CD2 . LEU A 1 46  ? 5.539   9.376   -3.003  1.00 9.50  ? 46  LEU A CD2 1 
ATOM   336 N N   . ASN A 1 47  ? 4.386   13.568  -5.085  1.00 12.11 ? 47  ASN A N   1 
ATOM   337 C CA  . ASN A 1 47  ? 4.572   14.966  -5.432  1.00 12.84 ? 47  ASN A CA  1 
ATOM   338 C C   . ASN A 1 47  ? 5.968   15.301  -4.963  1.00 13.22 ? 47  ASN A C   1 
ATOM   339 O O   . ASN A 1 47  ? 6.255   15.248  -3.775  1.00 14.76 ? 47  ASN A O   1 
ATOM   340 C CB  . ASN A 1 47  ? 3.562   15.850  -4.709  1.00 16.41 ? 47  ASN A CB  1 
ATOM   341 C CG  . ASN A 1 47  ? 2.160   15.682  -5.236  1.00 20.13 ? 47  ASN A CG  1 
ATOM   342 O OD1 . ASN A 1 47  ? 1.957   15.421  -6.424  1.00 26.43 ? 47  ASN A OD1 1 
ATOM   343 N ND2 . ASN A 1 47  ? 1.179   15.827  -4.355  1.00 23.76 ? 47  ASN A ND2 1 
ATOM   344 N N   . GLY A 1 48  ? 6.856   15.580  -5.900  1.00 14.20 ? 48  GLY A N   1 
ATOM   345 C CA  . GLY A 1 48  ? 8.231   15.856  -5.542  1.00 15.02 ? 48  GLY A CA  1 
ATOM   346 C C   . GLY A 1 48  ? 9.060   14.590  -5.515  1.00 13.47 ? 48  GLY A C   1 
ATOM   347 O O   . GLY A 1 48  ? 8.628   13.529  -5.972  1.00 13.56 ? 48  GLY A O   1 
ATOM   348 N N   . PRO A 1 49  ? 10.277  14.693  -4.984  1.00 11.42 ? 49  PRO A N   1 
ATOM   349 C CA  . PRO A 1 49  ? 11.197  13.554  -5.022  1.00 11.66 ? 49  PRO A CA  1 
ATOM   350 C C   . PRO A 1 49  ? 10.882  12.507  -3.961  1.00 11.17 ? 49  PRO A C   1 
ATOM   351 O O   . PRO A 1 49  ? 10.149  12.769  -3.002  1.00 13.19 ? 49  PRO A O   1 
ATOM   352 C CB  . PRO A 1 49  ? 12.544  14.199  -4.702  1.00 13.22 ? 49  PRO A CB  1 
ATOM   353 C CG  . PRO A 1 49  ? 12.191  15.344  -3.828  1.00 14.14 ? 49  PRO A CG  1 
ATOM   354 C CD  . PRO A 1 49  ? 10.908  15.892  -4.403  1.00 13.35 ? 49  PRO A CD  1 
ATOM   355 N N   . THR A 1 50  ? 11.439  11.318  -4.142  1.00 9.84  ? 50  THR A N   1 
ATOM   356 C CA  . THR A 1 50  ? 11.380  10.302  -3.101  1.00 11.07 ? 50  THR A CA  1 
ATOM   357 C C   . THR A 1 50  ? 12.567  10.501  -2.147  1.00 12.28 ? 50  THR A C   1 
ATOM   358 O O   . THR A 1 50  ? 13.669  10.829  -2.581  1.00 11.81 ? 50  THR A O   1 
ATOM   359 C CB  . THR A 1 50  ? 11.364  8.884   -3.703  1.00 15.61 ? 50  THR A CB  1 
ATOM   360 O OG1 . THR A 1 50  ? 11.154  7.923   -2.662  1.00 15.91 ? 50  THR A OG1 1 
ATOM   361 C CG2 . THR A 1 50  ? 12.660  8.572   -4.438  1.00 16.71 ? 50  THR A CG2 1 
ATOM   362 N N   . PRO A 1 51  ? 12.342  10.342  -0.841  1.00 9.34  ? 51  PRO A N   1 
ATOM   363 C CA  . PRO A 1 51  ? 13.459  10.515  0.097   1.00 10.13 ? 51  PRO A CA  1 
ATOM   364 C C   . PRO A 1 51  ? 14.337  9.275   0.042   1.00 15.00 ? 51  PRO A C   1 
ATOM   365 O O   . PRO A 1 51  ? 13.811  8.172   0.016   1.00 14.23 ? 51  PRO A O   1 
ATOM   366 C CB  . PRO A 1 51  ? 12.779  10.619  1.468   1.00 14.27 ? 51  PRO A CB  1 
ATOM   367 C CG  . PRO A 1 51  ? 11.281  10.550  1.207   1.00 12.29 ? 51  PRO A CG  1 
ATOM   368 C CD  . PRO A 1 51  ? 11.073  10.019  -0.165  1.00 11.83 ? 51  PRO A CD  1 
ATOM   369 N N   . ALA A 1 52  ? 15.651  9.441   -0.002  1.00 12.46 ? 52  ALA A N   1 
ATOM   370 C CA  . ALA A 1 52  ? 16.527  8.287   0.124   1.00 14.62 ? 52  ALA A CA  1 
ATOM   371 C C   . ALA A 1 52  ? 16.259  7.614   1.471   1.00 13.17 ? 52  ALA A C   1 
ATOM   372 O O   . ALA A 1 52  ? 16.041  8.279   2.472   1.00 19.50 ? 52  ALA A O   1 
ATOM   373 C CB  . ALA A 1 52  ? 17.987  8.714   0.021   1.00 16.23 ? 52  ALA A CB  1 
ATOM   374 N N   . GLY A 1 53  ? 16.244  6.286   1.475   1.00 18.40 ? 53  GLY A N   1 
ATOM   375 C CA  . GLY A 1 53  ? 15.991  5.560   2.705   1.00 18.38 ? 53  GLY A CA  1 
ATOM   376 C C   . GLY A 1 53  ? 14.522  5.270   2.986   1.00 17.02 ? 53  GLY A C   1 
ATOM   377 O O   . GLY A 1 53  ? 14.211  4.655   4.000   1.00 16.79 ? 53  GLY A O   1 
ATOM   378 N N   . LEU A 1 54  ? 13.626  5.709   2.104   1.00 12.09 ? 54  LEU A N   1 
ATOM   379 C CA  . LEU A 1 54  ? 12.196  5.455   2.283   1.00 11.81 ? 54  LEU A CA  1 
ATOM   380 C C   . LEU A 1 54  ? 11.898  3.964   2.346   1.00 12.24 ? 54  LEU A C   1 
ATOM   381 O O   . LEU A 1 54  ? 12.395  3.184   1.524   1.00 14.11 ? 54  LEU A O   1 
ATOM   382 C CB  . LEU A 1 54  ? 11.370  6.107   1.168   1.00 11.64 ? 54  LEU A CB  1 
ATOM   383 C CG  . LEU A 1 54  ? 9.849   5.915   1.216   1.00 9.41  ? 54  LEU A CG  1 
ATOM   384 C CD1 . LEU A 1 54  ? 9.259   6.553   2.437   1.00 11.48 ? 54  LEU A CD1 1 
ATOM   385 C CD2 . LEU A 1 54  ? 9.182   6.462   -0.039  1.00 12.73 ? 54  LEU A CD2 1 
ATOM   386 N N   . ARG A 1 55  ? 11.099  3.582   3.341   1.00 8.80  ? 55  ARG A N   1 
ATOM   387 C CA  . ARG A 1 55  ? 10.611  2.225   3.485   1.00 8.72  ? 55  ARG A CA  1 
ATOM   388 C C   . ARG A 1 55  ? 9.095   2.266   3.320   1.00 8.28  ? 55  ARG A C   1 
ATOM   389 O O   . ARG A 1 55  ? 8.395   3.019   4.009   1.00 8.82  ? 55  ARG A O   1 
ATOM   390 C CB  . ARG A 1 55  ? 10.985  1.668   4.856   1.00 10.35 ? 55  ARG A CB  1 
ATOM   391 C CG  . ARG A 1 55  ? 10.507  0.255   5.069   1.00 15.23 ? 55  ARG A CG  1 
ATOM   392 C CD  . ARG A 1 55  ? 10.697  -0.206  6.495   1.00 19.74 ? 55  ARG A CD  1 
ATOM   393 N NE  . ARG A 1 55  ? 10.269  -1.592  6.626   1.00 18.24 ? 55  ARG A NE  1 
ATOM   394 C CZ  . ARG A 1 55  ? 10.353  -2.292  7.748   1.00 21.26 ? 55  ARG A CZ  1 
ATOM   395 N NH1 . ARG A 1 55  ? 10.844  -1.732  8.842   1.00 26.05 ? 55  ARG A NH1 1 
ATOM   396 N NH2 . ARG A 1 55  ? 9.940   -3.547  7.774   1.00 15.99 ? 55  ARG A NH2 1 
ATOM   397 N N   . VAL A 1 56  ? 8.598   1.502   2.356   1.00 7.67  ? 56  VAL A N   1 
ATOM   398 C CA  . VAL A 1 56  ? 7.167   1.401   2.119   1.00 8.90  ? 56  VAL A CA  1 
ATOM   399 C C   . VAL A 1 56  ? 6.746   -0.042  2.278   1.00 8.02  ? 56  VAL A C   1 
ATOM   400 O O   . VAL A 1 56  ? 7.416   -0.951  1.786   1.00 9.64  ? 56  VAL A O   1 
ATOM   401 C CB  . VAL A 1 56  ? 6.771   1.883   0.717   1.00 8.87  ? 56  VAL A CB  1 
ATOM   402 C CG1 . VAL A 1 56  ? 5.246   2.014   0.618   1.00 10.74 ? 56  VAL A CG1 1 
ATOM   403 C CG2 . VAL A 1 56  ? 7.420   3.222   0.409   1.00 10.32 ? 56  VAL A CG2 1 
ATOM   404 N N   . ARG A 1 57  ? 5.652   -0.237  3.001   1.00 7.87  ? 57  ARG A N   1 
ATOM   405 C CA  . ARG A 1 57  ? 5.041   -1.544  3.146   1.00 7.43  ? 57  ARG A CA  1 
ATOM   406 C C   . ARG A 1 57  ? 3.582   -1.451  2.761   1.00 8.82  ? 57  ARG A C   1 
ATOM   407 O O   . ARG A 1 57  ? 2.952   -0.398  2.849   1.00 7.13  ? 57  ARG A O   1 
ATOM   408 C CB  . ARG A 1 57  ? 5.140   -2.019  4.591   1.00 11.77 ? 57  ARG A CB  1 
ATOM   409 C CG  . ARG A 1 57  ? 6.528   -2.466  4.986   1.00 15.82 ? 57  ARG A CG  1 
ATOM   410 C CD  . ARG A 1 57  ? 6.571   -2.865  6.452   1.00 17.83 ? 57  ARG A CD  1 
ATOM   411 N NE  . ARG A 1 57  ? 6.633   -1.708  7.336   1.00 16.95 ? 57  ARG A NE  1 
ATOM   412 C CZ  . ARG A 1 57  ? 6.900   -1.791  8.634   1.00 21.71 ? 57  ARG A CZ  1 
ATOM   413 N NH1 . ARG A 1 57  ? 7.114   -2.975  9.187   1.00 26.05 ? 57  ARG A NH1 1 
ATOM   414 N NH2 . ARG A 1 57  ? 6.950   -0.699  9.380   1.00 25.97 ? 57  ARG A NH2 1 
ATOM   415 N N   . LEU A 1 58  ? 3.047   -2.573  2.314   1.00 7.95  ? 58  LEU A N   1 
ATOM   416 C CA  . LEU A 1 58  ? 1.622   -2.681  2.101   1.00 7.66  ? 58  LEU A CA  1 
ATOM   417 C C   . LEU A 1 58  ? 1.126   -3.736  3.083   1.00 8.49  ? 58  LEU A C   1 
ATOM   418 O O   . LEU A 1 58  ? 1.698   -4.813  3.176   1.00 9.03  ? 58  LEU A O   1 
ATOM   419 C CB  . LEU A 1 58  ? 1.372   -3.103  0.659   1.00 9.00  ? 58  LEU A CB  1 
ATOM   420 C CG  . LEU A 1 58  ? -0.070  -3.181  0.173   1.00 7.65  ? 58  LEU A CG  1 
ATOM   421 C CD1 . LEU A 1 58  ? -0.761  -1.833  0.331   1.00 9.27  ? 58  LEU A CD1 1 
ATOM   422 C CD2 . LEU A 1 58  ? -0.040  -3.590  -1.283  1.00 8.25  ? 58  LEU A CD2 1 
ATOM   423 N N   . CYS A 1 59  ? 0.085   -3.416  3.835   1.00 10.06 ? 59  CYS A N   1 
ATOM   424 C CA  . CYS A 1 59  ? -0.303  -4.254  4.963   1.00 10.52 ? 59  CYS A CA  1 
ATOM   425 C C   . CYS A 1 59  ? -1.778  -4.584  4.963   1.00 10.67 ? 59  CYS A C   1 
ATOM   426 O O   . CYS A 1 59  ? -2.626  -3.720  4.745   1.00 10.73 ? 59  CYS A O   1 
ATOM   427 C CB  . CYS A 1 59  ? 0.042   -3.581  6.291   1.00 12.75 ? 59  CYS A CB  1 
ATOM   428 S SG  . CYS A 1 59  ? 1.791   -3.157  6.498   1.00 18.15 ? 59  CYS A SG  1 
ATOM   429 N N   . SER A 1 60  ? -2.081  -5.853  5.225   1.00 11.15 ? 60  SER A N   1 
ATOM   430 C CA  . SER A 1 60  ? -3.443  -6.284  5.481   1.00 10.58 ? 60  SER A CA  1 
ATOM   431 C C   . SER A 1 60  ? -3.602  -6.337  6.990   1.00 11.77 ? 60  SER A C   1 
ATOM   432 O O   . SER A 1 60  ? -2.785  -5.766  7.706   1.00 16.45 ? 60  SER A O   1 
ATOM   433 C CB  . SER A 1 60  ? -3.679  -7.653  4.858   1.00 12.37 ? 60  SER A CB  1 
ATOM   434 O OG  . SER A 1 60  ? -2.704  -8.571  5.307   1.00 11.38 ? 60  SER A OG  1 
ATOM   435 N N   . GLN A 1 61  ? -4.631  -7.024  7.479   1.00 14.36 ? 61  GLN A N   1 
ATOM   436 C CA  . GLN A 1 61  ? -4.869  -7.049  8.921   1.00 15.64 ? 61  GLN A CA  1 
ATOM   437 C C   . GLN A 1 61  ? -3.734  -7.717  9.695   1.00 17.71 ? 61  GLN A C   1 
ATOM   438 O O   . GLN A 1 61  ? -3.419  -7.304  10.811  1.00 20.28 ? 61  GLN A O   1 
ATOM   439 C CB  . GLN A 1 61  ? -6.197  -7.734  9.241   1.00 21.20 ? 61  GLN A CB  1 
ATOM   440 C CG  . GLN A 1 61  ? -7.420  -6.961  8.798   1.00 23.88 ? 61  GLN A CG  1 
ATOM   441 C CD  . GLN A 1 61  ? -8.701  -7.598  9.293   1.00 30.89 ? 61  GLN A CD  1 
ATOM   442 O OE1 . GLN A 1 61  ? -8.684  -8.413  10.218  1.00 34.16 ? 61  GLN A OE1 1 
ATOM   443 N NE2 . GLN A 1 61  ? -9.823  -7.228  8.681   1.00 31.86 ? 61  GLN A NE2 1 
ATOM   444 N N   . SER A 1 62  ? -3.113  -8.732  9.097   1.00 17.13 ? 62  SER A N   1 
ATOM   445 C CA  . SER A 1 62  ? -2.128  -9.554  9.799   1.00 16.29 ? 62  SER A CA  1 
ATOM   446 C C   . SER A 1 62  ? -0.821  -9.783  9.030   1.00 21.90 ? 62  SER A C   1 
ATOM   447 O O   . SER A 1 62  ? 0.091   -10.443 9.530   1.00 24.24 ? 62  SER A O   1 
ATOM   448 C CB  . SER A 1 62  ? -2.748  -10.901 10.175  1.00 21.42 ? 62  SER A CB  1 
ATOM   449 O OG  . SER A 1 62  ? -3.948  -10.716 10.903  1.00 27.12 ? 62  SER A OG  1 
ATOM   450 N N   . ARG A 1 63  ? -0.730  -9.249  7.814   1.00 16.74 ? 63  ARG A N   1 
ATOM   451 C CA  . ARG A 1 63  ? 0.472   -9.412  7.008   1.00 15.32 ? 63  ARG A CA  1 
ATOM   452 C C   . ARG A 1 63  ? 0.973   -8.080  6.484   1.00 13.48 ? 63  ARG A C   1 
ATOM   453 O O   . ARG A 1 63  ? 0.200   -7.146  6.327   1.00 12.63 ? 63  ARG A O   1 
ATOM   454 C CB  . ARG A 1 63  ? 0.202   -10.302 5.808   1.00 16.74 ? 63  ARG A CB  1 
ATOM   455 C CG  . ARG A 1 63  ? -0.115  -11.721 6.146   1.00 20.27 ? 63  ARG A CG  1 
ATOM   456 C CD  . ARG A 1 63  ? -0.064  -12.526 4.890   1.00 14.61 ? 63  ARG A CD  1 
ATOM   457 N NE  . ARG A 1 63  ? -0.630  -13.839 5.092   1.00 18.02 ? 63  ARG A NE  1 
ATOM   458 C CZ  . ARG A 1 63  ? -0.773  -14.720 4.117   1.00 13.61 ? 63  ARG A CZ  1 
ATOM   459 N NH1 . ARG A 1 63  ? -0.368  -14.387 2.898   1.00 12.86 ? 63  ARG A NH1 1 
ATOM   460 N NH2 . ARG A 1 63  ? -1.297  -15.909 4.353   1.00 21.83 ? 63  ARG A NH2 1 
ATOM   461 N N   . CYS A 1 64  ? 2.270   -8.017  6.201   1.00 14.49 ? 64  CYS A N   1 
ATOM   462 C CA  . CYS A 1 64  ? 2.874   -6.862  5.540   1.00 14.51 ? 64  CYS A CA  1 
ATOM   463 C C   . CYS A 1 64  ? 3.868   -7.348  4.499   1.00 16.53 ? 64  CYS A C   1 
ATOM   464 O O   . CYS A 1 64  ? 4.557   -8.352  4.703   1.00 17.86 ? 64  CYS A O   1 
ATOM   465 C CB  . CYS A 1 64  ? 3.596   -5.956  6.541   1.00 19.82 ? 64  CYS A CB  1 
ATOM   466 S SG  . CYS A 1 64  ? 2.522   -4.814  7.465   1.00 25.60 ? 64  CYS A SG  1 
ATOM   467 N N   . VAL A 1 65  ? 3.938   -6.629  3.386   1.00 11.82 ? 65  VAL A N   1 
ATOM   468 C CA  . VAL A 1 65  ? 4.905   -6.902  2.334   1.00 10.26 ? 65  VAL A CA  1 
ATOM   469 C C   . VAL A 1 65  ? 5.721   -5.643  2.061   1.00 12.28 ? 65  VAL A C   1 
ATOM   470 O O   . VAL A 1 65  ? 5.172   -4.541  1.984   1.00 11.47 ? 65  VAL A O   1 
ATOM   471 C CB  . VAL A 1 65  ? 4.207   -7.338  1.035   1.00 14.13 ? 65  VAL A CB  1 
ATOM   472 C CG1 . VAL A 1 65  ? 5.211   -7.522  -0.086  1.00 20.82 ? 65  VAL A CG1 1 
ATOM   473 C CG2 . VAL A 1 65  ? 3.425   -8.612  1.265   1.00 14.32 ? 65  VAL A CG2 1 
ATOM   474 N N   . GLU A 1 66  ? 7.037   -5.799  1.949   1.00 10.82 ? 66  GLU A N   1 
ATOM   475 C CA  . GLU A 1 66  ? 7.920   -4.690  1.594   1.00 10.10 ? 66  GLU A CA  1 
ATOM   476 C C   . GLU A 1 66  ? 7.772   -4.364  0.108   1.00 10.38 ? 66  GLU A C   1 
ATOM   477 O O   . GLU A 1 66  ? 7.751   -5.263  -0.728  1.00 14.44 ? 66  GLU A O   1 
ATOM   478 C CB  . GLU A 1 66  ? 9.376   -5.055  1.879   1.00 13.08 ? 66  GLU A CB  1 
ATOM   479 C CG  . GLU A 1 66  ? 9.664   -5.560  3.291   1.00 17.73 ? 66  GLU A CG  1 
ATOM   480 C CD  . GLU A 1 66  ? 9.567   -4.485  4.362   1.00 19.70 ? 66  GLU A CD  1 
ATOM   481 O OE1 . GLU A 1 66  ? 9.881   -3.302  4.084   1.00 20.76 ? 66  GLU A OE1 1 
ATOM   482 O OE2 . GLU A 1 66  ? 9.189   -4.833  5.504   1.00 21.39 ? 66  GLU A OE2 1 
ATOM   483 N N   . LEU A 1 67  ? 7.681   -3.080  -0.218  1.00 9.89  ? 67  LEU A N   1 
ATOM   484 C CA  . LEU A 1 67  ? 7.581   -2.647  -1.604  1.00 11.68 ? 67  LEU A CA  1 
ATOM   485 C C   . LEU A 1 67  ? 8.924   -2.095  -2.088  1.00 14.79 ? 67  LEU A C   1 
ATOM   486 O O   . LEU A 1 67  ? 9.688   -1.527  -1.313  1.00 17.47 ? 67  LEU A O   1 
ATOM   487 C CB  . LEU A 1 67  ? 6.491   -1.579  -1.741  1.00 11.09 ? 67  LEU A CB  1 
ATOM   488 C CG  . LEU A 1 67  ? 5.122   -1.936  -1.163  1.00 10.63 ? 67  LEU A CG  1 
ATOM   489 C CD1 . LEU A 1 67  ? 4.115   -0.845  -1.494  1.00 12.90 ? 67  LEU A CD1 1 
ATOM   490 C CD2 . LEU A 1 67  ? 4.649   -3.280  -1.690  1.00 10.44 ? 67  LEU A CD2 1 
ATOM   491 N N   . ASP A 1 68  ? 9.219   -2.293  -3.367  1.00 13.40 ? 68  ASP A N   1 
ATOM   492 C CA  . ASP A 1 68  ? 10.407  -1.735  -3.983  1.00 13.14 ? 68  ASP A CA  1 
ATOM   493 C C   . ASP A 1 68  ? 9.965   -0.999  -5.239  1.00 14.59 ? 68  ASP A C   1 
ATOM   494 O O   . ASP A 1 68  ? 9.259   -1.555  -6.076  1.00 17.81 ? 68  ASP A O   1 
ATOM   495 C CB  . ASP A 1 68  ? 11.401  -2.850  -4.322  1.00 18.17 ? 68  ASP A CB  1 
ATOM   496 N N   . GLY A 1 69  ? 10.348  0.266   -5.356  1.00 15.41 ? 69  GLY A N   1 
ATOM   497 C CA  . GLY A 1 69  ? 9.950   1.050   -6.510  1.00 14.94 ? 69  GLY A CA  1 
ATOM   498 C C   . GLY A 1 69  ? 8.539   1.573   -6.343  1.00 11.54 ? 69  GLY A C   1 
ATOM   499 O O   . GLY A 1 69  ? 7.955   1.464   -5.263  1.00 15.70 ? 69  GLY A O   1 
ATOM   500 N N   . GLN A 1 70  ? 7.993   2.146   -7.406  1.00 12.11 ? 70  GLN A N   1 
ATOM   501 C CA  . GLN A 1 70  ? 6.693   2.803   -7.326  1.00 11.17 ? 70  GLN A CA  1 
ATOM   502 C C   . GLN A 1 70  ? 5.563   1.996   -7.961  1.00 10.19 ? 70  GLN A C   1 
ATOM   503 O O   . GLN A 1 70  ? 4.423   2.435   -7.991  1.00 10.89 ? 70  GLN A O   1 
ATOM   504 C CB  . GLN A 1 70  ? 6.768   4.216   -7.910  1.00 12.06 ? 70  GLN A CB  1 
ATOM   505 C CG  . GLN A 1 70  ? 7.845   5.045   -7.210  1.00 13.25 ? 70  GLN A CG  1 
ATOM   506 C CD  . GLN A 1 70  ? 7.666   6.541   -7.344  1.00 17.87 ? 70  GLN A CD  1 
ATOM   507 O OE1 . GLN A 1 70  ? 6.853   7.018   -8.128  1.00 22.05 ? 70  GLN A OE1 1 
ATOM   508 N NE2 . GLN A 1 70  ? 8.413   7.295   -6.536  1.00 19.92 ? 70  GLN A NE2 1 
ATOM   509 N N   . SER A 1 71  ? 5.870   0.802   -8.460  1.00 9.05  ? 71  SER A N   1 
ATOM   510 C CA  . SER A 1 71  ? 4.816   -0.108  -8.912  1.00 9.33  ? 71  SER A CA  1 
ATOM   511 C C   . SER A 1 71  ? 5.347   -1.525  -8.819  1.00 7.46  ? 71  SER A C   1 
ATOM   512 O O   . SER A 1 71  ? 6.554   -1.752  -8.863  1.00 10.35 ? 71  SER A O   1 
ATOM   513 C CB  . SER A 1 71  ? 4.338   0.218   -10.331 1.00 12.19 ? 71  SER A CB  1 
ATOM   514 O OG  . SER A 1 71  ? 5.388   0.072   -11.269 1.00 17.92 ? 71  SER A OG  1 
ATOM   515 N N   . GLY A 1 72  ? 4.443   -2.476  -8.657  1.00 7.38  ? 72  GLY A N   1 
ATOM   516 C CA  . GLY A 1 72  ? 4.857   -3.861  -8.569  1.00 9.17  ? 72  GLY A CA  1 
ATOM   517 C C   . GLY A 1 72  ? 3.700   -4.815  -8.406  1.00 7.75  ? 72  GLY A C   1 
ATOM   518 O O   . GLY A 1 72  ? 2.529   -4.423  -8.432  1.00 7.46  ? 72  GLY A O   1 
ATOM   519 N N   . THR A 1 73  ? 4.059   -6.090  -8.254  1.00 9.06  ? 73  THR A N   1 
ATOM   520 C CA  . THR A 1 73  ? 3.115   -7.179  -8.057  1.00 9.24  ? 73  THR A CA  1 
ATOM   521 C C   . THR A 1 73  ? 3.655   -8.087  -6.967  1.00 11.53 ? 73  THR A C   1 
ATOM   522 O O   . THR A 1 73  ? 4.877   -8.226  -6.807  1.00 13.03 ? 73  THR A O   1 
ATOM   523 C CB  . THR A 1 73  ? 2.951   -7.983  -9.345  1.00 10.49 ? 73  THR A CB  1 
ATOM   524 O OG1 . THR A 1 73  ? 4.249   -8.254  -9.899  1.00 14.01 ? 73  THR A OG1 1 
ATOM   525 C CG2 . THR A 1 73  ? 2.135   -7.197  -10.344 1.00 10.85 ? 73  THR A CG2 1 
ATOM   526 N N   . THR A 1 74  ? 2.757   -8.689  -6.195  1.00 9.37  ? 74  THR A N   1 
ATOM   527 C CA  . THR A 1 74  ? 3.182   -9.578  -5.121  1.00 9.79  ? 74  THR A CA  1 
ATOM   528 C C   . THR A 1 74  ? 2.196   -10.711 -4.894  1.00 9.32  ? 74  THR A C   1 
ATOM   529 O O   . THR A 1 74  ? 0.989   -10.535 -5.051  1.00 8.41  ? 74  THR A O   1 
ATOM   530 C CB  . THR A 1 74  ? 3.370   -8.816  -3.801  1.00 11.80 ? 74  THR A CB  1 
ATOM   531 O OG1 . THR A 1 74  ? 3.777   -9.729  -2.774  1.00 12.05 ? 74  THR A OG1 1 
ATOM   532 C CG2 . THR A 1 74  ? 2.085   -8.128  -3.379  1.00 13.46 ? 74  THR A CG2 1 
ATOM   533 N N   . HIS A 1 75  ? 2.737   -11.877 -4.549  1.00 7.80  ? 75  HIS A N   1 
ATOM   534 C CA  . HIS A 1 75  ? 1.980   -13.037 -4.127  1.00 8.07  ? 75  HIS A CA  1 
ATOM   535 C C   . HIS A 1 75  ? 1.926   -13.118 -2.599  1.00 7.36  ? 75  HIS A C   1 
ATOM   536 O O   . HIS A 1 75  ? 1.431   -14.093 -2.039  1.00 7.36  ? 75  HIS A O   1 
ATOM   537 C CB  . HIS A 1 75  ? 2.674   -14.279 -4.693  1.00 7.84  ? 75  HIS A CB  1 
ATOM   538 C CG  . HIS A 1 75  ? 1.807   -15.493 -4.774  1.00 10.37 ? 75  HIS A CG  1 
ATOM   539 N ND1 . HIS A 1 75  ? 2.331   -16.757 -4.955  1.00 13.18 ? 75  HIS A ND1 1 
ATOM   540 C CD2 . HIS A 1 75  ? 0.464   -15.644 -4.721  1.00 8.70  ? 75  HIS A CD2 1 
ATOM   541 C CE1 . HIS A 1 75  ? 1.345   -17.635 -5.009  1.00 10.49 ? 75  HIS A CE1 1 
ATOM   542 N NE2 . HIS A 1 75  ? 0.203   -16.988 -4.858  1.00 9.64  ? 75  HIS A NE2 1 
ATOM   543 N N   . GLY A 1 76  ? 2.410   -12.075 -1.928  1.00 10.79 ? 76  GLY A N   1 
ATOM   544 C CA  . GLY A 1 76  ? 2.529   -12.089 -0.478  1.00 8.61  ? 76  GLY A CA  1 
ATOM   545 C C   . GLY A 1 76  ? 1.227   -12.066 0.305   1.00 9.40  ? 76  GLY A C   1 
ATOM   546 O O   . GLY A 1 76  ? 1.240   -12.298 1.517   1.00 10.15 ? 76  GLY A O   1 
ATOM   547 N N   . PHE A 1 77  ? 0.109   -11.799 -0.366  1.00 8.32  ? 77  PHE A N   1 
ATOM   548 C CA  . PHE A 1 77  ? -1.190  -11.797 0.307   1.00 6.07  ? 77  PHE A CA  1 
ATOM   549 C C   . PHE A 1 77  ? -2.003  -13.038 0.001   1.00 7.42  ? 77  PHE A C   1 
ATOM   550 O O   . PHE A 1 77  ? -3.196  -13.099 0.305   1.00 7.88  ? 77  PHE A O   1 
ATOM   551 C CB  . PHE A 1 77  ? -1.992  -10.526 -0.034  1.00 5.34  ? 77  PHE A CB  1 
ATOM   552 C CG  . PHE A 1 77  ? -1.333  -9.273  0.456   1.00 7.90  ? 77  PHE A CG  1 
ATOM   553 C CD1 . PHE A 1 77  ? -1.382  -8.932  1.794   1.00 8.73  ? 77  PHE A CD1 1 
ATOM   554 C CD2 . PHE A 1 77  ? -0.621  -8.473  -0.420  1.00 8.97  ? 77  PHE A CD2 1 
ATOM   555 C CE1 . PHE A 1 77  ? -0.733  -7.777  2.255   1.00 10.01 ? 77  PHE A CE1 1 
ATOM   556 C CE2 . PHE A 1 77  ? 0.024   -7.344  0.024   1.00 9.99  ? 77  PHE A CE2 1 
ATOM   557 C CZ  . PHE A 1 77  ? -0.040  -6.991  1.366   1.00 11.15 ? 77  PHE A CZ  1 
ATOM   558 N N   . ALA A 1 78  ? -1.352  -14.033 -0.600  1.00 7.85  ? 78  ALA A N   1 
ATOM   559 C CA  . ALA A 1 78  ? -2.029  -15.284 -0.910  1.00 9.34  ? 78  ALA A CA  1 
ATOM   560 C C   . ALA A 1 78  ? -2.707  -15.818 0.344   1.00 10.77 ? 78  ALA A C   1 
ATOM   561 O O   . ALA A 1 78  ? -2.100  -15.885 1.403   1.00 11.05 ? 78  ALA A O   1 
ATOM   562 C CB  . ALA A 1 78  ? -1.042  -16.311 -1.442  1.00 12.28 ? 78  ALA A CB  1 
ATOM   563 N N   . HIS A 1 79  ? -3.978  -16.166 0.199   1.00 11.43 ? 79  HIS A N   1 
ATOM   564 C CA  . HIS A 1 79  ? -4.814  -16.730 1.264   1.00 13.82 ? 79  HIS A CA  1 
ATOM   565 C C   . HIS A 1 79  ? -5.330  -15.745 2.317   1.00 10.63 ? 79  HIS A C   1 
ATOM   566 O O   . HIS A 1 79  ? -6.032  -16.145 3.240   1.00 17.04 ? 79  HIS A O   1 
ATOM   567 C CB  . HIS A 1 79  ? -4.174  -17.971 1.900   1.00 15.70 ? 79  HIS A CB  1 
ATOM   568 C CG  . HIS A 1 79  ? -3.900  -19.064 0.917   1.00 17.15 ? 79  HIS A CG  1 
ATOM   569 N ND1 . HIS A 1 79  ? -2.713  -19.165 0.225   1.00 22.93 ? 79  HIS A ND1 1 
ATOM   570 C CD2 . HIS A 1 79  ? -4.676  -20.086 0.480   1.00 17.66 ? 79  HIS A CD2 1 
ATOM   571 C CE1 . HIS A 1 79  ? -2.761  -20.210 -0.582  1.00 19.05 ? 79  HIS A CE1 1 
ATOM   572 N NE2 . HIS A 1 79  ? -3.940  -20.789 -0.443  1.00 22.69 ? 79  HIS A NE2 1 
ATOM   573 N N   . VAL A 1 80  ? -5.009  -14.462 2.166   1.00 9.64  ? 80  VAL A N   1 
ATOM   574 C CA  . VAL A 1 80  ? -5.646  -13.421 2.972   1.00 8.43  ? 80  VAL A CA  1 
ATOM   575 C C   . VAL A 1 80  ? -7.102  -13.236 2.524   1.00 9.87  ? 80  VAL A C   1 
ATOM   576 O O   . VAL A 1 80  ? -7.373  -13.201 1.333   1.00 10.66 ? 80  VAL A O   1 
ATOM   577 C CB  . VAL A 1 80  ? -4.874  -12.079 2.836   1.00 8.73  ? 80  VAL A CB  1 
ATOM   578 C CG1 . VAL A 1 80  ? -5.639  -10.922 3.477   1.00 11.36 ? 80  VAL A CG1 1 
ATOM   579 C CG2 . VAL A 1 80  ? -3.473  -12.193 3.438   1.00 11.02 ? 80  VAL A CG2 1 
ATOM   580 N N   . PRO A 1 81  ? -8.048  -13.132 3.469   1.00 10.96 ? 81  PRO A N   1 
ATOM   581 C CA  . PRO A 1 81  ? -9.430  -12.890 3.048   1.00 11.63 ? 81  PRO A CA  1 
ATOM   582 C C   . PRO A 1 81  ? -9.565  -11.635 2.179   1.00 11.52 ? 81  PRO A C   1 
ATOM   583 O O   . PRO A 1 81  ? -9.055  -10.565 2.518   1.00 12.65 ? 81  PRO A O   1 
ATOM   584 C CB  . PRO A 1 81  ? -10.178 -12.718 4.378   1.00 13.60 ? 81  PRO A CB  1 
ATOM   585 C CG  . PRO A 1 81  ? -9.347  -13.439 5.374   1.00 16.44 ? 81  PRO A CG  1 
ATOM   586 C CD  . PRO A 1 81  ? -7.923  -13.233 4.934   1.00 15.55 ? 81  PRO A CD  1 
ATOM   587 N N   . ALA A 1 82  ? -10.249 -11.785 1.045   1.00 9.89  ? 82  ALA A N   1 
ATOM   588 C CA  . ALA A 1 82  ? -10.371 -10.703 0.071   1.00 10.88 ? 82  ALA A CA  1 
ATOM   589 C C   . ALA A 1 82  ? -11.089 -9.459  0.584   1.00 12.47 ? 82  ALA A C   1 
ATOM   590 O O   . ALA A 1 82  ? -10.910 -8.365  0.050   1.00 13.89 ? 82  ALA A O   1 
ATOM   591 C CB  . ALA A 1 82  ? -11.051 -11.203 -1.182  1.00 9.85  ? 82  ALA A CB  1 
ATOM   592 N N   . VAL A 1 83  ? -11.915 -9.624  1.606   1.00 12.39 ? 83  VAL A N   1 
ATOM   593 C CA  . VAL A 1 83  ? -12.633 -8.485  2.175   1.00 13.69 ? 83  VAL A CA  1 
ATOM   594 C C   . VAL A 1 83  ? -11.745 -7.522  2.962   1.00 17.09 ? 83  VAL A C   1 
ATOM   595 O O   . VAL A 1 83  ? -12.156 -6.398  3.250   1.00 19.43 ? 83  VAL A O   1 
ATOM   596 C CB  . VAL A 1 83  ? -13.801 -8.927  3.084   1.00 15.46 ? 83  VAL A CB  1 
ATOM   597 C CG1 . VAL A 1 83  ? -14.883 -9.631  2.276   1.00 20.34 ? 83  VAL A CG1 1 
ATOM   598 C CG2 . VAL A 1 83  ? -13.293 -9.810  4.205   1.00 14.84 ? 83  VAL A CG2 1 
ATOM   599 N N   . GLU A 1 84  ? -10.539 -7.953  3.321   1.00 13.52 ? 84  GLU A N   1 
ATOM   600 C CA  . GLU A 1 84  ? -9.642  -7.118  4.120   1.00 14.39 ? 84  GLU A CA  1 
ATOM   601 C C   . GLU A 1 84  ? -9.145  -5.901  3.362   1.00 16.08 ? 84  GLU A C   1 
ATOM   602 O O   . GLU A 1 84  ? -8.828  -5.978  2.185   1.00 16.29 ? 84  GLU A O   1 
ATOM   603 C CB  . GLU A 1 84  ? -8.445  -7.926  4.614   1.00 13.82 ? 84  GLU A CB  1 
ATOM   604 C CG  . GLU A 1 84  ? -8.824  -8.995  5.622   1.00 18.42 ? 84  GLU A CG  1 
ATOM   605 C CD  . GLU A 1 84  ? -7.634  -9.569  6.366   1.00 17.84 ? 84  GLU A CD  1 
ATOM   606 O OE1 . GLU A 1 84  ? -6.508  -9.043  6.218   1.00 16.10 ? 84  GLU A OE1 1 
ATOM   607 O OE2 . GLU A 1 84  ? -7.821  -10.564 7.100   1.00 22.32 ? 84  GLU A OE2 1 
ATOM   608 N N   . PRO A 1 85  ? -9.080  -4.761  4.052   1.00 14.62 ? 85  PRO A N   1 
ATOM   609 C CA  . PRO A 1 85  ? -8.495  -3.551  3.475   1.00 12.94 ? 85  PRO A CA  1 
ATOM   610 C C   . PRO A 1 85  ? -6.971  -3.619  3.485   1.00 13.34 ? 85  PRO A C   1 
ATOM   611 O O   . PRO A 1 85  ? -6.374  -4.367  4.262   1.00 15.04 ? 85  PRO A O   1 
ATOM   612 C CB  . PRO A 1 85  ? -8.979  -2.466  4.426   1.00 19.17 ? 85  PRO A CB  1 
ATOM   613 C CG  . PRO A 1 85  ? -9.025  -3.160  5.746   1.00 22.90 ? 85  PRO A CG  1 
ATOM   614 C CD  . PRO A 1 85  ? -9.538  -4.544  5.435   1.00 19.98 ? 85  PRO A CD  1 
ATOM   615 N N   . LEU A 1 86  ? -6.361  -2.834  2.613   1.00 10.28 ? 86  LEU A N   1 
ATOM   616 C CA  . LEU A 1 86  ? -4.912  -2.773  2.505   1.00 7.76  ? 86  LEU A CA  1 
ATOM   617 C C   . LEU A 1 86  ? -4.448  -1.355  2.804   1.00 9.90  ? 86  LEU A C   1 
ATOM   618 O O   . LEU A 1 86  ? -5.056  -0.377  2.354   1.00 10.68 ? 86  LEU A O   1 
ATOM   619 C CB  . LEU A 1 86  ? -4.443  -3.212  1.112   1.00 8.23  ? 86  LEU A CB  1 
ATOM   620 C CG  . LEU A 1 86  ? -4.695  -4.675  0.734   1.00 8.95  ? 86  LEU A CG  1 
ATOM   621 C CD1 . LEU A 1 86  ? -4.228  -4.976  -0.690  1.00 12.21 ? 86  LEU A CD1 1 
ATOM   622 C CD2 . LEU A 1 86  ? -4.025  -5.628  1.722   1.00 11.89 ? 86  LEU A CD2 1 
ATOM   623 N N   . ARG A 1 87  ? -3.383  -1.254  3.586   1.00 10.03 ? 87  ARG A N   1 
ATOM   624 C CA  . ARG A 1 87  ? -2.845  0.034   3.985   1.00 10.01 ? 87  ARG A CA  1 
ATOM   625 C C   . ARG A 1 87  ? -1.403  0.155   3.538   1.00 7.67  ? 87  ARG A C   1 
ATOM   626 O O   . ARG A 1 87  ? -0.582  -0.721  3.807   1.00 8.77  ? 87  ARG A O   1 
ATOM   627 C CB  . ARG A 1 87  ? -2.922  0.202   5.506   1.00 12.46 ? 87  ARG A CB  1 
ATOM   628 C CG  . ARG A 1 87  ? -4.330  0.407   6.018   1.00 15.72 ? 87  ARG A CG  1 
ATOM   629 C CD  . ARG A 1 87  ? -4.359  0.604   7.516   1.00 19.80 ? 87  ARG A CD  1 
ATOM   630 N NE  . ARG A 1 87  ? -5.675  1.072   7.931   1.00 21.86 ? 87  ARG A NE  1 
ATOM   631 C CZ  . ARG A 1 87  ? -6.721  0.277   8.126   1.00 26.92 ? 87  ARG A CZ  1 
ATOM   632 N NH1 . ARG A 1 87  ? -6.606  -1.035  7.953   1.00 30.65 ? 87  ARG A NH1 1 
ATOM   633 N NH2 . ARG A 1 87  ? -7.884  0.793   8.497   1.00 28.85 ? 87  ARG A NH2 1 
ATOM   634 N N   . PHE A 1 88  ? -1.085  1.255   2.867   1.00 6.90  ? 88  PHE A N   1 
ATOM   635 C CA  . PHE A 1 88  ? 0.314   1.620   2.630   1.00 5.73  ? 88  PHE A CA  1 
ATOM   636 C C   . PHE A 1 88  ? 0.869   2.259   3.899   1.00 7.18  ? 88  PHE A C   1 
ATOM   637 O O   . PHE A 1 88  ? 0.232   3.151   4.481   1.00 9.33  ? 88  PHE A O   1 
ATOM   638 C CB  . PHE A 1 88  ? 0.464   2.614   1.471   1.00 6.89  ? 88  PHE A CB  1 
ATOM   639 C CG  . PHE A 1 88  ? 0.215   2.029   0.095   1.00 5.67  ? 88  PHE A CG  1 
ATOM   640 C CD1 . PHE A 1 88  ? -1.079  1.868   -0.380  1.00 6.45  ? 88  PHE A CD1 1 
ATOM   641 C CD2 . PHE A 1 88  ? 1.278   1.697   -0.731  1.00 6.25  ? 88  PHE A CD2 1 
ATOM   642 C CE1 . PHE A 1 88  ? -1.306  1.351   -1.653  1.00 7.78  ? 88  PHE A CE1 1 
ATOM   643 C CE2 . PHE A 1 88  ? 1.068   1.169   -2.011  1.00 6.35  ? 88  PHE A CE2 1 
ATOM   644 C CZ  . PHE A 1 88  ? -0.235  0.990   -2.470  1.00 6.68  ? 88  PHE A CZ  1 
ATOM   645 N N   . VAL A 1 89  ? 2.038   1.796   4.322   1.00 5.15  ? 89  VAL A N   1 
ATOM   646 C CA  . VAL A 1 89  ? 2.700   2.311   5.533   1.00 7.86  ? 89  VAL A CA  1 
ATOM   647 C C   . VAL A 1 89  ? 4.079   2.826   5.129   1.00 7.83  ? 89  VAL A C   1 
ATOM   648 O O   . VAL A 1 89  ? 4.806   2.150   4.401   1.00 8.32  ? 89  VAL A O   1 
ATOM   649 C CB  . VAL A 1 89  ? 2.794   1.205   6.610   1.00 8.15  ? 89  VAL A CB  1 
ATOM   650 C CG1 . VAL A 1 89  ? 3.498   1.723   7.861   1.00 10.17 ? 89  VAL A CG1 1 
ATOM   651 C CG2 . VAL A 1 89  ? 1.410   0.729   6.989   1.00 12.55 ? 89  VAL A CG2 1 
ATOM   652 N N   . TRP A 1 90  ? 4.429   4.025   5.617   1.00 6.62  ? 90  TRP A N   1 
ATOM   653 C CA  . TRP A 1 90  ? 5.566   4.792   5.106   1.00 7.61  ? 90  TRP A CA  1 
ATOM   654 C C   . TRP A 1 90  ? 6.436   5.235   6.266   1.00 6.61  ? 90  TRP A C   1 
ATOM   655 O O   . TRP A 1 90  ? 5.915   5.634   7.302   1.00 7.16  ? 90  TRP A O   1 
ATOM   656 C CB  . TRP A 1 90  ? 5.079   6.070   4.408   1.00 7.30  ? 90  TRP A CB  1 
ATOM   657 C CG  . TRP A 1 90  ? 3.943   5.838   3.443   1.00 7.91  ? 90  TRP A CG  1 
ATOM   658 C CD1 . TRP A 1 90  ? 2.614   5.720   3.744   1.00 7.46  ? 90  TRP A CD1 1 
ATOM   659 C CD2 . TRP A 1 90  ? 4.043   5.727   2.022   1.00 6.90  ? 90  TRP A CD2 1 
ATOM   660 N NE1 . TRP A 1 90  ? 1.883   5.515   2.592   1.00 7.52  ? 90  TRP A NE1 1 
ATOM   661 C CE2 . TRP A 1 90  ? 2.739   5.528   1.526   1.00 6.22  ? 90  TRP A CE2 1 
ATOM   662 C CE3 . TRP A 1 90  ? 5.108   5.779   1.118   1.00 9.01  ? 90  TRP A CE3 1 
ATOM   663 C CZ2 . TRP A 1 90  ? 2.475   5.365   0.167   1.00 7.13  ? 90  TRP A CZ2 1 
ATOM   664 C CZ3 . TRP A 1 90  ? 4.846   5.610   -0.230  1.00 10.10 ? 90  TRP A CZ3 1 
ATOM   665 C CH2 . TRP A 1 90  ? 3.541   5.413   -0.693  1.00 8.14  ? 90  TRP A CH2 1 
ATOM   666 N N   . GLU A 1 91  ? 7.749   5.202   6.070   1.00 7.37  ? 91  GLU A N   1 
ATOM   667 C CA  . GLU A 1 91  ? 8.672   5.695   7.083   1.00 7.35  ? 91  GLU A CA  1 
ATOM   668 C C   . GLU A 1 91  ? 10.015  5.989   6.436   1.00 8.80  ? 91  GLU A C   1 
ATOM   669 O O   . GLU A 1 91  ? 10.415  5.309   5.499   1.00 8.75  ? 91  GLU A O   1 
ATOM   670 C CB  . GLU A 1 91  ? 8.833   4.619   8.152   1.00 12.32 ? 91  GLU A CB  1 
ATOM   671 C CG  . GLU A 1 91  ? 9.755   4.944   9.287   1.00 17.36 ? 91  GLU A CG  1 
ATOM   672 C CD  . GLU A 1 91  ? 10.232  3.685   9.982   1.00 21.93 ? 91  GLU A CD  1 
ATOM   673 O OE1 . GLU A 1 91  ? 9.494   2.671   9.957   1.00 23.10 ? 91  GLU A OE1 1 
ATOM   674 O OE2 . GLU A 1 91  ? 11.352  3.707   10.543  1.00 25.53 ? 91  GLU A OE2 1 
ATOM   675 N N   . VAL A 1 92  ? 10.696  7.020   6.916   1.00 9.74  ? 92  VAL A N   1 
ATOM   676 C CA  . VAL A 1 92  ? 12.101  7.209   6.577   1.00 11.86 ? 92  VAL A CA  1 
ATOM   677 C C   . VAL A 1 92  ? 12.838  7.147   7.904   1.00 12.22 ? 92  VAL A C   1 
ATOM   678 O O   . VAL A 1 92  ? 12.703  8.049   8.724   1.00 13.13 ? 92  VAL A O   1 
ATOM   679 C CB  . VAL A 1 92  ? 12.364  8.562   5.886   1.00 12.37 ? 92  VAL A CB  1 
ATOM   680 C CG1 . VAL A 1 92  ? 13.852  8.689   5.528   1.00 14.37 ? 92  VAL A CG1 1 
ATOM   681 C CG2 . VAL A 1 92  ? 11.493  8.725   4.645   1.00 12.91 ? 92  VAL A CG2 1 
ATOM   682 N N   . PRO A 1 93  ? 13.580  6.055   8.148   1.00 15.95 ? 93  PRO A N   1 
ATOM   683 C CA  . PRO A 1 93  ? 14.224  5.863   9.456   1.00 19.27 ? 93  PRO A CA  1 
ATOM   684 C C   . PRO A 1 93  ? 15.222  6.966   9.817   1.00 19.81 ? 93  PRO A C   1 
ATOM   685 O O   . PRO A 1 93  ? 15.911  7.509   8.951   1.00 20.37 ? 93  PRO A O   1 
ATOM   686 C CB  . PRO A 1 93  ? 14.939  4.520   9.294   1.00 20.05 ? 93  PRO A CB  1 
ATOM   687 C CG  . PRO A 1 93  ? 14.153  3.806   8.248   1.00 22.75 ? 93  PRO A CG  1 
ATOM   688 C CD  . PRO A 1 93  ? 13.725  4.871   7.284   1.00 19.46 ? 93  PRO A CD  1 
ATOM   689 N N   . GLY A 1 94  ? 15.286  7.300   11.101  1.00 21.05 ? 94  GLY A N   1 
ATOM   690 C CA  . GLY A 1 94  ? 16.192  8.333   11.571  1.00 20.77 ? 94  GLY A CA  1 
ATOM   691 C C   . GLY A 1 94  ? 15.499  9.425   12.357  1.00 18.36 ? 94  GLY A C   1 
ATOM   692 O O   . GLY A 1 94  ? 14.551  9.164   13.097  1.00 20.25 ? 94  GLY A O   1 
ATOM   693 N N   . GLY A 1 95  ? 15.987  10.654  12.208  1.00 19.08 ? 95  GLY A N   1 
ATOM   694 C CA  . GLY A 1 95  ? 15.445  11.785  12.937  1.00 18.80 ? 95  GLY A CA  1 
ATOM   695 C C   . GLY A 1 95  ? 15.604  13.086  12.176  1.00 17.63 ? 95  GLY A C   1 
ATOM   696 O O   . GLY A 1 95  ? 16.372  13.168  11.220  1.00 21.40 ? 95  GLY A O   1 
ATOM   697 N N   . GLY A 1 96  ? 14.862  14.101  12.597  1.00 23.01 ? 96  GLY A N   1 
ATOM   698 C CA  . GLY A 1 96  ? 14.968  15.413  11.990  1.00 22.27 ? 96  GLY A CA  1 
ATOM   699 C C   . GLY A 1 96  ? 14.048  15.599  10.808  1.00 18.54 ? 96  GLY A C   1 
ATOM   700 O O   . GLY A 1 96  ? 13.362  14.661  10.389  1.00 18.48 ? 96  GLY A O   1 
ATOM   701 N N   . ARG A 1 97  ? 14.038  16.819  10.279  1.00 18.18 ? 97  ARG A N   1 
ATOM   702 C CA  . ARG A 1 97  ? 13.174  17.185  9.169   1.00 15.00 ? 97  ARG A CA  1 
ATOM   703 C C   . ARG A 1 97  ? 13.508  16.397  7.921   1.00 17.50 ? 97  ARG A C   1 
ATOM   704 O O   . ARG A 1 97  ? 14.670  16.147  7.608   1.00 18.56 ? 97  ARG A O   1 
ATOM   705 C CB  . ARG A 1 97  ? 13.295  18.679  8.843   1.00 17.79 ? 97  ARG A CB  1 
ATOM   706 C CG  . ARG A 1 97  ? 12.679  19.614  9.856   1.00 19.72 ? 97  ARG A CG  1 
ATOM   707 C CD  . ARG A 1 97  ? 12.434  20.979  9.218   1.00 19.45 ? 97  ARG A CD  1 
ATOM   708 N NE  . ARG A 1 97  ? 13.667  21.528  8.656   1.00 25.56 ? 97  ARG A NE  1 
ATOM   709 C CZ  . ARG A 1 97  ? 13.728  22.607  7.883   1.00 24.62 ? 97  ARG A CZ  1 
ATOM   710 N NH1 . ARG A 1 97  ? 12.622  23.268  7.563   1.00 30.96 ? 97  ARG A NH1 1 
ATOM   711 N NH2 . ARG A 1 97  ? 14.902  23.022  7.423   1.00 24.89 ? 97  ARG A NH2 1 
ATOM   712 N N   . LEU A 1 98  ? 12.461  16.011  7.209   1.00 15.37 ? 98  LEU A N   1 
ATOM   713 C CA  . LEU A 1 98  ? 12.589  15.418  5.900   1.00 16.69 ? 98  LEU A CA  1 
ATOM   714 C C   . LEU A 1 98  ? 12.623  16.557  4.883   1.00 14.76 ? 98  LEU A C   1 
ATOM   715 O O   . LEU A 1 98  ? 11.702  17.367  4.833   1.00 15.33 ? 98  LEU A O   1 
ATOM   716 C CB  . LEU A 1 98  ? 11.374  14.530  5.676   1.00 15.93 ? 98  LEU A CB  1 
ATOM   717 C CG  . LEU A 1 98  ? 11.461  13.396  4.672   1.00 19.20 ? 98  LEU A CG  1 
ATOM   718 C CD1 . LEU A 1 98  ? 12.775  12.647  4.816   1.00 19.81 ? 98  LEU A CD1 1 
ATOM   719 C CD2 . LEU A 1 98  ? 10.287  12.473  4.924   1.00 16.43 ? 98  LEU A CD2 1 
ATOM   720 N N   . ILE A 1 99  ? 13.691  16.640  4.091   1.00 17.45 ? 99  ILE A N   1 
ATOM   721 C CA  . ILE A 1 99  ? 13.856  17.745  3.149   1.00 14.57 ? 99  ILE A CA  1 
ATOM   722 C C   . ILE A 1 99  ? 14.018  17.300  1.691   1.00 16.80 ? 99  ILE A C   1 
ATOM   723 O O   . ILE A 1 99  ? 15.052  16.751  1.324   1.00 16.61 ? 99  ILE A O   1 
ATOM   724 C CB  . ILE A 1 99  ? 15.061  18.627  3.538   1.00 16.29 ? 99  ILE A CB  1 
ATOM   725 C CG1 . ILE A 1 99  ? 14.880  19.143  4.966   1.00 23.65 ? 99  ILE A CG1 1 
ATOM   726 C CG2 . ILE A 1 99  ? 15.214  19.775  2.566   1.00 21.50 ? 99  ILE A CG2 1 
ATOM   727 C CD1 . ILE A 1 99  ? 16.121  19.704  5.564   1.00 23.87 ? 99  ILE A CD1 1 
ATOM   728 N N   . PRO A 1 100 ? 12.982  17.511  0.857   1.00 14.97 ? 100 PRO A N   1 
ATOM   729 C CA  . PRO A 1 100 ? 11.671  18.062  1.216   1.00 15.31 ? 100 PRO A CA  1 
ATOM   730 C C   . PRO A 1 100 ? 10.805  16.981  1.838   1.00 13.48 ? 100 PRO A C   1 
ATOM   731 O O   . PRO A 1 100 ? 11.265  15.855  2.032   1.00 11.60 ? 100 PRO A O   1 
ATOM   732 C CB  . PRO A 1 100 ? 11.087  18.459  -0.139  1.00 15.24 ? 100 PRO A CB  1 
ATOM   733 C CG  . PRO A 1 100 ? 11.645  17.471  -1.060  1.00 17.29 ? 100 PRO A CG  1 
ATOM   734 C CD  . PRO A 1 100 ? 13.034  17.139  -0.568  1.00 13.11 ? 100 PRO A CD  1 
ATOM   735 N N   . ALA A 1 101 ? 9.557   17.318  2.137   1.00 13.38 ? 101 ALA A N   1 
ATOM   736 C CA  . ALA A 1 101 ? 8.648   16.360  2.736   1.00 13.34 ? 101 ALA A CA  1 
ATOM   737 C C   . ALA A 1 101 ? 8.371   15.217  1.773   1.00 10.28 ? 101 ALA A C   1 
ATOM   738 O O   . ALA A 1 101 ? 8.452   15.377  0.552   1.00 12.84 ? 101 ALA A O   1 
ATOM   739 C CB  . ALA A 1 101 ? 7.337   17.040  3.123   1.00 13.14 ? 101 ALA A CB  1 
ATOM   740 N N   . LEU A 1 102 ? 8.041   14.056  2.322   1.00 11.19 ? 102 LEU A N   1 
ATOM   741 C CA  . LEU A 1 102 ? 7.421   13.014  1.512   1.00 9.64  ? 102 LEU A CA  1 
ATOM   742 C C   . LEU A 1 102 ? 5.960   13.403  1.297   1.00 11.80 ? 102 LEU A C   1 
ATOM   743 O O   . LEU A 1 102 ? 5.231   13.634  2.260   1.00 12.22 ? 102 LEU A O   1 
ATOM   744 C CB  . LEU A 1 102 ? 7.482   11.662  2.218   1.00 11.68 ? 102 LEU A CB  1 
ATOM   745 C CG  . LEU A 1 102 ? 6.666   10.561  1.515   1.00 9.90  ? 102 LEU A CG  1 
ATOM   746 C CD1 . LEU A 1 102 ? 7.310   10.177  0.207   1.00 12.54 ? 102 LEU A CD1 1 
ATOM   747 C CD2 . LEU A 1 102 ? 6.480   9.326   2.404   1.00 13.34 ? 102 LEU A CD2 1 
ATOM   748 N N   . LYS A 1 103 ? 5.543   13.490  0.039   1.00 11.12 ? 103 LYS A N   1 
ATOM   749 C CA  . LYS A 1 103 ? 4.162   13.818  -0.276  1.00 10.29 ? 103 LYS A CA  1 
ATOM   750 C C   . LYS A 1 103 ? 3.611   12.767  -1.222  1.00 8.81  ? 103 LYS A C   1 
ATOM   751 O O   . LYS A 1 103 ? 3.969   12.751  -2.392  1.00 11.30 ? 103 LYS A O   1 
ATOM   752 C CB  . LYS A 1 103 ? 4.077   15.186  -0.948  1.00 13.49 ? 103 LYS A CB  1 
ATOM   753 C CG  . LYS A 1 103 ? 4.621   16.332  -0.111  1.00 16.43 ? 103 LYS A CG  1 
ATOM   754 C CD  . LYS A 1 103 ? 4.500   17.640  -0.871  1.00 24.42 ? 103 LYS A CD  1 
ATOM   755 C CE  . LYS A 1 103 ? 5.112   18.787  -0.096  1.00 26.23 ? 103 LYS A CE  1 
ATOM   756 N NZ  . LYS A 1 103 ? 6.557   18.563  0.178   1.00 32.22 ? 103 LYS A NZ  1 
ATOM   757 N N   . VAL A 1 104 ? 2.741   11.895  -0.725  1.00 8.88  ? 104 VAL A N   1 
ATOM   758 C CA  . VAL A 1 104 ? 2.210   10.819  -1.561  1.00 7.29  ? 104 VAL A CA  1 
ATOM   759 C C   . VAL A 1 104 ? 0.916   11.265  -2.230  1.00 9.84  ? 104 VAL A C   1 
ATOM   760 O O   . VAL A 1 104 ? -0.125  11.331  -1.577  1.00 13.81 ? 104 VAL A O   1 
ATOM   761 C CB  . VAL A 1 104 ? 1.968   9.529   -0.746  1.00 8.06  ? 104 VAL A CB  1 
ATOM   762 C CG1 . VAL A 1 104 ? 1.428   8.426   -1.653  1.00 9.66  ? 104 VAL A CG1 1 
ATOM   763 C CG2 . VAL A 1 104 ? 3.250   9.048   -0.105  1.00 9.69  ? 104 VAL A CG2 1 
ATOM   764 N N   . ARG A 1 105 ? 0.994   11.561  -3.526  1.00 8.26  ? 105 ARG A N   1 
ATOM   765 C CA  . ARG A 1 105 ? -0.156  12.040  -4.293  1.00 11.10 ? 105 ARG A CA  1 
ATOM   766 C C   . ARG A 1 105 ? -1.245  10.998  -4.435  1.00 13.15 ? 105 ARG A C   1 
ATOM   767 O O   . ARG A 1 105 ? -2.428  11.295  -4.311  1.00 13.62 ? 105 ARG A O   1 
ATOM   768 C CB  . ARG A 1 105 ? 0.296   12.484  -5.684  1.00 12.78 ? 105 ARG A CB  1 
ATOM   769 C CG  . ARG A 1 105 ? -0.822  12.995  -6.575  1.00 20.99 ? 105 ARG A CG  1 
ATOM   770 C CD  . ARG A 1 105 ? -0.251  13.630  -7.834  1.00 26.17 ? 105 ARG A CD  1 
ATOM   771 N NE  . ARG A 1 105 ? -1.290  14.015  -8.784  1.00 40.10 ? 105 ARG A NE  1 
ATOM   772 C CZ  . ARG A 1 105 ? -1.139  14.944  -9.724  1.00 42.56 ? 105 ARG A CZ  1 
ATOM   773 N NH1 . ARG A 1 105 ? 0.010   15.601  -9.832  1.00 47.21 ? 105 ARG A NH1 1 
ATOM   774 N NH2 . ARG A 1 105 ? -2.140  15.224  -10.550 1.00 42.84 ? 105 ARG A NH2 1 
ATOM   775 N N   . SER A 1 106 ? -0.848  9.768   -4.718  1.00 9.95  ? 106 SER A N   1 
ATOM   776 C CA  . SER A 1 106 ? -1.826  8.714   -4.861  1.00 8.73  ? 106 SER A CA  1 
ATOM   777 C C   . SER A 1 106 ? -1.188  7.383   -4.544  1.00 7.91  ? 106 SER A C   1 
ATOM   778 O O   . SER A 1 106 ? 0.003   7.192   -4.744  1.00 8.81  ? 106 SER A O   1 
ATOM   779 C CB  . SER A 1 106 ? -2.379  8.693   -6.288  1.00 12.58 ? 106 SER A CB  1 
ATOM   780 O OG  . SER A 1 106 ? -1.337  8.538   -7.232  1.00 19.21 ? 106 SER A OG  1 
ATOM   781 N N   . ASN A 1 107 ? -1.997  6.466   -4.031  1.00 6.51  ? 107 ASN A N   1 
ATOM   782 C CA  . ASN A 1 107 ? -1.575  5.082   -3.933  1.00 6.17  ? 107 ASN A CA  1 
ATOM   783 C C   . ASN A 1 107 ? -2.766  4.202   -4.234  1.00 6.11  ? 107 ASN A C   1 
ATOM   784 O O   . ASN A 1 107 ? -3.900  4.539   -3.885  1.00 7.87  ? 107 ASN A O   1 
ATOM   785 C CB  . ASN A 1 107 ? -0.845  4.739   -2.604  1.00 6.81  ? 107 ASN A CB  1 
ATOM   786 C CG  . ASN A 1 107 ? -1.560  5.223   -1.335  1.00 8.34  ? 107 ASN A CG  1 
ATOM   787 O OD1 . ASN A 1 107 ? -0.896  5.549   -0.336  1.00 8.71  ? 107 ASN A OD1 1 
ATOM   788 N ND2 . ASN A 1 107 ? -2.885  5.212   -1.336  1.00 9.05  ? 107 ASN A ND2 1 
ATOM   789 N N   . GLN A 1 108 ? -2.514  3.090   -4.917  1.00 5.32  ? 108 GLN A N   1 
ATOM   790 C CA  . GLN A 1 108 ? -3.621  2.248   -5.347  1.00 6.21  ? 108 GLN A CA  1 
ATOM   791 C C   . GLN A 1 108 ? -3.231  0.792   -5.370  1.00 6.88  ? 108 GLN A C   1 
ATOM   792 O O   . GLN A 1 108 ? -2.051  0.454   -5.432  1.00 6.52  ? 108 GLN A O   1 
ATOM   793 C CB  . GLN A 1 108 ? -4.069  2.647   -6.745  1.00 7.84  ? 108 GLN A CB  1 
ATOM   794 C CG  . GLN A 1 108 ? -2.974  2.536   -7.760  1.00 11.57 ? 108 GLN A CG  1 
ATOM   795 C CD  . GLN A 1 108 ? -3.422  2.905   -9.154  1.00 16.63 ? 108 GLN A CD  1 
ATOM   796 O OE1 . GLN A 1 108 ? -3.083  3.973   -9.664  1.00 19.75 ? 108 GLN A OE1 1 
ATOM   797 N NE2 . GLN A 1 108 ? -4.177  2.017   -9.783  1.00 20.12 ? 108 GLN A NE2 1 
ATOM   798 N N   . VAL A 1 109 ? -4.252  -0.060  -5.337  1.00 6.21  ? 109 VAL A N   1 
ATOM   799 C CA  . VAL A 1 109 ? -4.065  -1.498  -5.440  1.00 7.24  ? 109 VAL A CA  1 
ATOM   800 C C   . VAL A 1 109 ? -5.096  -2.096  -6.391  1.00 6.85  ? 109 VAL A C   1 
ATOM   801 O O   . VAL A 1 109 ? -6.191  -1.550  -6.566  1.00 7.32  ? 109 VAL A O   1 
ATOM   802 C CB  . VAL A 1 109 ? -4.188  -2.233  -4.071  1.00 6.81  ? 109 VAL A CB  1 
ATOM   803 C CG1 . VAL A 1 109 ? -3.102  -1.780  -3.079  1.00 7.76  ? 109 VAL A CG1 1 
ATOM   804 C CG2 . VAL A 1 109 ? -5.586  -2.052  -3.467  1.00 9.61  ? 109 VAL A CG2 1 
ATOM   805 N N   . ILE A 1 110 ? -4.723  -3.218  -7.004  1.00 5.74  ? 110 ILE A N   1 
ATOM   806 C CA  . ILE A 1 110 ? -5.666  -4.121  -7.680  1.00 6.06  ? 110 ILE A CA  1 
ATOM   807 C C   . ILE A 1 110 ? -5.461  -5.466  -7.008  1.00 7.11  ? 110 ILE A C   1 
ATOM   808 O O   . ILE A 1 110 ? -4.340  -5.977  -6.978  1.00 7.81  ? 110 ILE A O   1 
ATOM   809 C CB  . ILE A 1 110 ? -5.353  -4.258  -9.161  1.00 7.69  ? 110 ILE A CB  1 
ATOM   810 C CG1 . ILE A 1 110 ? -5.620  -2.947  -9.893  1.00 11.65 ? 110 ILE A CG1 1 
ATOM   811 C CG2 . ILE A 1 110 ? -6.218  -5.352  -9.798  1.00 8.28  ? 110 ILE A CG2 1 
ATOM   812 C CD1 . ILE A 1 110 ? -4.924  -2.850  -11.252 1.00 16.04 ? 110 ILE A CD1 1 
ATOM   813 N N   . VAL A 1 111 ? -6.541  -6.042  -6.490  1.00 6.26  ? 111 VAL A N   1 
ATOM   814 C CA  . VAL A 1 111 ? -6.473  -7.289  -5.734  1.00 5.11  ? 111 VAL A CA  1 
ATOM   815 C C   . VAL A 1 111 ? -7.240  -8.369  -6.469  1.00 6.36  ? 111 VAL A C   1 
ATOM   816 O O   . VAL A 1 111 ? -8.449  -8.261  -6.640  1.00 7.02  ? 111 VAL A O   1 
ATOM   817 C CB  . VAL A 1 111 ? -7.100  -7.098  -4.345  1.00 6.62  ? 111 VAL A CB  1 
ATOM   818 C CG1 . VAL A 1 111 ? -7.220  -8.427  -3.600  1.00 8.54  ? 111 VAL A CG1 1 
ATOM   819 C CG2 . VAL A 1 111 ? -6.280  -6.091  -3.521  1.00 6.59  ? 111 VAL A CG2 1 
ATOM   820 N N   . ASN A 1 112 ? -6.534  -9.409  -6.890  1.00 5.00  ? 112 ASN A N   1 
ATOM   821 C CA  . ASN A 1 112 ? -7.174  -10.560 -7.493  1.00 6.71  ? 112 ASN A CA  1 
ATOM   822 C C   . ASN A 1 112 ? -7.570  -11.525 -6.399  1.00 7.95  ? 112 ASN A C   1 
ATOM   823 O O   . ASN A 1 112 ? -6.890  -11.619 -5.381  1.00 8.66  ? 112 ASN A O   1 
ATOM   824 C CB  . ASN A 1 112 ? -6.233  -11.198 -8.507  1.00 7.61  ? 112 ASN A CB  1 
ATOM   825 C CG  . ASN A 1 112 ? -6.026  -10.315 -9.712  1.00 9.31  ? 112 ASN A CG  1 
ATOM   826 O OD1 . ASN A 1 112 ? -6.842  -10.317 -10.631 1.00 14.74 ? 112 ASN A OD1 1 
ATOM   827 N ND2 . ASN A 1 112 ? -4.964  -9.530  -9.703  1.00 10.67 ? 112 ASN A ND2 1 
ATOM   828 N N   . TYR A 1 113 ? -8.709  -12.185 -6.564  1.00 6.63  ? 113 TYR A N   1 
ATOM   829 C CA  . TYR A 1 113 ? -9.157  -13.110 -5.541  1.00 7.89  ? 113 TYR A CA  1 
ATOM   830 C C   . TYR A 1 113 ? -9.885  -14.286 -6.151  1.00 7.47  ? 113 TYR A C   1 
ATOM   831 O O   . TYR A 1 113 ? -10.242 -14.256 -7.329  1.00 10.07 ? 113 TYR A O   1 
ATOM   832 C CB  . TYR A 1 113 ? -10.051 -12.403 -4.514  1.00 8.46  ? 113 TYR A CB  1 
ATOM   833 C CG  . TYR A 1 113 ? -11.321 -11.781 -5.068  1.00 10.30 ? 113 TYR A CG  1 
ATOM   834 C CD1 . TYR A 1 113 ? -12.485 -12.528 -5.185  1.00 12.78 ? 113 TYR A CD1 1 
ATOM   835 C CD2 . TYR A 1 113 ? -11.355 -10.446 -5.458  1.00 10.92 ? 113 TYR A CD2 1 
ATOM   836 C CE1 . TYR A 1 113 ? -13.644 -11.966 -5.680  1.00 13.35 ? 113 TYR A CE1 1 
ATOM   837 C CE2 . TYR A 1 113 ? -12.516 -9.874  -5.953  1.00 11.63 ? 113 TYR A CE2 1 
ATOM   838 C CZ  . TYR A 1 113 ? -13.655 -10.640 -6.057  1.00 12.72 ? 113 TYR A CZ  1 
ATOM   839 O OH  . TYR A 1 113 ? -14.818 -10.096 -6.557  1.00 18.21 ? 113 TYR A OH  1 
ATOM   840 N N   . ARG A 1 114 ? -10.088 -15.311 -5.332  1.00 6.31  ? 114 ARG A N   1 
ATOM   841 C CA  . ARG A 1 114 ? -10.783 -16.525 -5.761  1.00 9.77  ? 114 ARG A CA  1 
ATOM   842 C C   . ARG A 1 114 ? -11.625 -17.043 -4.611  1.00 9.57  ? 114 ARG A C   1 
ATOM   843 O O   . ARG A 1 114 ? -11.369 -16.720 -3.455  1.00 10.66 ? 114 ARG A O   1 
ATOM   844 C CB  . ARG A 1 114 ? -9.780  -17.601 -6.194  1.00 10.72 ? 114 ARG A CB  1 
ATOM   845 C CG  . ARG A 1 114 ? -8.945  -18.143 -5.049  1.00 14.34 ? 114 ARG A CG  1 
ATOM   846 C CD  . ARG A 1 114 ? -7.904  -19.175 -5.478  1.00 17.51 ? 114 ARG A CD  1 
ATOM   847 N NE  . ARG A 1 114 ? -7.046  -19.495 -4.341  1.00 19.90 ? 114 ARG A NE  1 
ATOM   848 C CZ  . ARG A 1 114 ? -7.344  -20.396 -3.410  1.00 20.44 ? 114 ARG A CZ  1 
ATOM   849 N NH1 . ARG A 1 114 ? -8.471  -21.088 -3.490  1.00 21.90 ? 114 ARG A NH1 1 
ATOM   850 N NH2 . ARG A 1 114 ? -6.512  -20.611 -2.400  1.00 22.15 ? 114 ARG A NH2 1 
ATOM   851 N N   . HIS A 1 115 ? -12.635 -17.852 -4.920  1.00 14.64 ? 115 HIS A N   1 
ATOM   852 C CA  . HIS A 1 115 ? -13.467 -18.467 -3.893  1.00 15.78 ? 115 HIS A CA  1 
ATOM   853 C C   . HIS A 1 115 ? -12.870 -19.806 -3.478  1.00 22.15 ? 115 HIS A C   1 
ATOM   854 O O   . HIS A 1 115 ? -12.566 -20.642 -4.327  1.00 26.45 ? 115 HIS A O   1 
ATOM   855 C CB  . HIS A 1 115 ? -14.882 -18.657 -4.405  1.00 20.86 ? 115 HIS A CB  1 
HETATM 856 O O   . HOH B 2 .   ? 5.737   13.819  10.036  1.00 8.98  ? 201 HOH A O   1 
HETATM 857 O O   . HOH B 2 .   ? -2.599  -18.446 -4.615  1.00 8.12  ? 202 HOH A O   1 
HETATM 858 O O   . HOH B 2 .   ? -0.702  -11.343 -2.970  1.00 7.78  ? 203 HOH A O   1 
HETATM 859 O O   . HOH B 2 .   ? 7.393   13.280  -2.261  1.00 12.33 ? 204 HOH A O   1 
HETATM 860 O O   . HOH B 2 .   ? 9.577   9.168   8.681   1.00 8.94  ? 205 HOH A O   1 
HETATM 861 O O   . HOH B 2 .   ? -4.166  -10.408 6.876   1.00 14.67 ? 206 HOH A O   1 
HETATM 862 O O   . HOH B 2 .   ? 2.191   4.271   12.685  1.00 15.97 ? 207 HOH A O   1 
HETATM 863 O O   . HOH B 2 .   ? 7.013   1.115   6.215   1.00 14.63 ? 208 HOH A O   1 
HETATM 864 O O   . HOH B 2 .   ? -3.708  2.507   1.903   1.00 13.46 ? 209 HOH A O   1 
HETATM 865 O O   . HOH B 2 .   ? -5.096  5.894   0.677   1.00 12.70 ? 210 HOH A O   1 
HETATM 866 O O   . HOH B 2 .   ? 16.334  10.721  2.989   1.00 19.34 ? 211 HOH A O   1 
HETATM 867 O O   . HOH B 2 .   ? -15.638 -12.162 -11.491 1.00 16.16 ? 212 HOH A O   1 
HETATM 868 O O   . HOH B 2 .   ? 10.659  13.537  -0.417  1.00 15.15 ? 213 HOH A O   1 
HETATM 869 O O   . HOH B 2 .   ? 8.273   -8.488  1.985   1.00 18.39 ? 214 HOH A O   1 
HETATM 870 O O   . HOH B 2 .   ? -8.599  -13.030 -10.158 1.00 18.97 ? 215 HOH A O   1 
HETATM 871 O O   . HOH B 2 .   ? 6.300   9.552   -8.343  1.00 20.72 ? 216 HOH A O   1 
HETATM 872 O O   . HOH B 2 .   ? 12.975  14.048  1.040   1.00 16.17 ? 217 HOH A O   1 
HETATM 873 O O   . HOH B 2 .   ? -13.190 -12.440 2.036   1.00 17.04 ? 218 HOH A O   1 
HETATM 874 O O   . HOH B 2 .   ? -6.936  -14.918 -8.900  1.00 19.20 ? 219 HOH A O   1 
HETATM 875 O O   . HOH B 2 .   ? -1.010  6.755   10.492  1.00 18.87 ? 220 HOH A O   1 
HETATM 876 O O   . HOH B 2 .   ? 8.376   -4.789  -4.640  1.00 17.35 ? 221 HOH A O   1 
HETATM 877 O O   . HOH B 2 .   ? -11.450 -5.319  0.699   1.00 20.88 ? 222 HOH A O   1 
HETATM 878 O O   . HOH B 2 .   ? 7.981   16.536  -1.829  1.00 18.86 ? 223 HOH A O   1 
HETATM 879 O O   . HOH B 2 .   ? 6.681   -10.022 -5.752  1.00 19.96 ? 224 HOH A O   1 
HETATM 880 O O   . HOH B 2 .   ? -4.022  8.766   3.169   1.00 17.81 ? 225 HOH A O   1 
HETATM 881 O O   . HOH B 2 .   ? 8.759   1.704   -2.597  1.00 17.25 ? 226 HOH A O   1 
HETATM 882 O O   . HOH B 2 .   ? 15.992  18.767  11.380  1.00 18.30 ? 227 HOH A O   1 
HETATM 883 O O   . HOH B 2 .   ? 3.444   -12.246 3.133   1.00 22.77 ? 228 HOH A O   1 
HETATM 884 O O   . HOH B 2 .   ? 5.556   -12.396 -5.000  1.00 21.08 ? 229 HOH A O   1 
HETATM 885 O O   . HOH B 2 .   ? -12.922 -0.523  -10.425 1.00 18.97 ? 230 HOH A O   1 
HETATM 886 O O   . HOH B 2 .   ? -4.748  2.561   -12.344 1.00 19.66 ? 231 HOH A O   1 
HETATM 887 O O   . HOH B 2 .   ? -10.501 -21.505 -5.751  1.00 19.70 ? 232 HOH A O   1 
HETATM 888 O O   . HOH B 2 .   ? -15.339 -15.822 -12.088 1.00 20.42 ? 233 HOH A O   1 
HETATM 889 O O   . HOH B 2 .   ? -13.266 -2.215  -5.659  1.00 22.50 ? 234 HOH A O   1 
HETATM 890 O O   . HOH B 2 .   ? -4.938  -17.919 -2.797  1.00 18.79 ? 235 HOH A O   1 
HETATM 891 O O   . HOH B 2 .   ? 16.228  15.358  3.086   1.00 22.85 ? 236 HOH A O   1 
HETATM 892 O O   . HOH B 2 .   ? 11.920  1.506   -3.218  1.00 24.47 ? 237 HOH A O   1 
HETATM 893 O O   . HOH B 2 .   ? 5.878   -6.046  -4.960  1.00 17.00 ? 238 HOH A O   1 
HETATM 894 O O   . HOH B 2 .   ? 9.682   6.014   -4.124  1.00 17.02 ? 239 HOH A O   1 
HETATM 895 O O   . HOH B 2 .   ? -0.511  12.363  6.290   1.00 24.12 ? 240 HOH A O   1 
HETATM 896 O O   . HOH B 2 .   ? 10.305  0.194   0.530   1.00 20.93 ? 241 HOH A O   1 
HETATM 897 O O   . HOH B 2 .   ? 8.275   -3.728  -7.683  1.00 19.52 ? 242 HOH A O   1 
HETATM 898 O O   . HOH B 2 .   ? -4.392  -13.187 7.116   1.00 22.74 ? 243 HOH A O   1 
HETATM 899 O O   . HOH B 2 .   ? -4.583  -3.081  6.961   1.00 20.99 ? 244 HOH A O   1 
HETATM 900 O O   . HOH B 2 .   ? -10.566 -11.088 7.979   1.00 23.66 ? 245 HOH A O   1 
HETATM 901 O O   . HOH B 2 .   ? 5.934   -10.002 5.518   1.00 17.84 ? 246 HOH A O   1 
HETATM 902 O O   . HOH B 2 .   ? 7.074   1.893   8.835   1.00 19.38 ? 247 HOH A O   1 
HETATM 903 O O   . HOH B 2 .   ? -8.451  5.746   0.924   1.00 28.05 ? 248 HOH A O   1 
HETATM 904 O O   . HOH B 2 .   ? 17.759  7.976   4.853   1.00 27.41 ? 249 HOH A O   1 
HETATM 905 O O   . HOH B 2 .   ? 6.058   2.764   -11.518 1.00 26.34 ? 250 HOH A O   1 
HETATM 906 O O   . HOH B 2 .   ? 8.713   20.089  1.769   1.00 25.54 ? 251 HOH A O   1 
HETATM 907 O O   . HOH B 2 .   ? -11.533 3.340   -9.765  1.00 25.28 ? 252 HOH A O   1 
HETATM 908 O O   . HOH B 2 .   ? 9.602   -7.120  6.436   1.00 22.58 ? 253 HOH A O   1 
HETATM 909 O O   . HOH B 2 .   ? 10.587  9.650   16.181  1.00 24.94 ? 254 HOH A O   1 
HETATM 910 O O   . HOH B 2 .   ? -6.542  -12.577 8.159   1.00 30.48 ? 255 HOH A O   1 
HETATM 911 O O   . HOH B 2 .   ? 3.995   4.537   -10.327 1.00 25.12 ? 256 HOH A O   1 
HETATM 912 O O   . HOH B 2 .   ? 14.335  3.680   -0.199  1.00 27.11 ? 257 HOH A O   1 
HETATM 913 O O   . HOH B 2 .   ? -11.759 5.962   -3.922  1.00 24.85 ? 258 HOH A O   1 
HETATM 914 O O   . HOH B 2 .   ? 6.361   -9.845  -2.150  1.00 24.06 ? 259 HOH A O   1 
HETATM 915 O O   . HOH B 2 .   ? 13.606  6.248   -1.891  1.00 22.02 ? 260 HOH A O   1 
HETATM 916 O O   . HOH B 2 .   ? -6.504  8.580   -5.654  1.00 23.23 ? 261 HOH A O   1 
HETATM 917 O O   . HOH B 2 .   ? -3.167  8.875   7.000   1.00 26.37 ? 262 HOH A O   1 
HETATM 918 O O   . HOH B 2 .   ? -15.249 -3.113  0.769   1.00 23.90 ? 263 HOH A O   1 
HETATM 919 O O   . HOH B 2 .   ? 10.676  12.718  14.154  1.00 25.54 ? 264 HOH A O   1 
HETATM 920 O O   . HOH B 2 .   ? 7.039   -3.978  11.980  1.00 28.16 ? 265 HOH A O   1 
HETATM 921 O O   . HOH B 2 .   ? 15.426  2.465   4.940   1.00 27.13 ? 266 HOH A O   1 
HETATM 922 O O   . HOH B 2 .   ? -10.585 6.223   -6.427  1.00 22.79 ? 267 HOH A O   1 
HETATM 923 O O   . HOH B 2 .   ? -1.582  -4.950  9.521   1.00 24.56 ? 268 HOH A O   1 
HETATM 924 O O   . HOH B 2 .   ? -4.826  11.028  -5.275  1.00 23.65 ? 269 HOH A O   1 
HETATM 925 O O   . HOH B 2 .   ? -6.135  0.597   -8.843  1.00 17.14 ? 270 HOH A O   1 
HETATM 926 O O   . HOH B 2 .   ? -3.004  10.825  5.088   1.00 30.85 ? 271 HOH A O   1 
HETATM 927 O O   . HOH B 2 .   ? -13.049 -2.720  -8.405  1.00 17.79 ? 272 HOH A O   1 
HETATM 928 O O   . HOH B 2 .   ? -16.374 -2.328  -8.693  1.00 25.40 ? 273 HOH A O   1 
HETATM 929 O O   . HOH B 2 .   ? 3.742   -10.834 6.193   1.00 26.44 ? 274 HOH A O   1 
HETATM 930 O O   . HOH B 2 .   ? -11.972 -15.989 3.350   1.00 28.07 ? 275 HOH A O   1 
HETATM 931 O O   . HOH B 2 .   ? 8.333   18.762  -2.785  1.00 31.39 ? 276 HOH A O   1 
HETATM 932 O O   . HOH B 2 .   ? -12.539 -13.045 7.051   1.00 31.25 ? 277 HOH A O   1 
HETATM 933 O O   . HOH B 2 .   ? 4.983   -6.313  -11.701 1.00 27.07 ? 278 HOH A O   1 
HETATM 934 O O   . HOH B 2 .   ? -11.506 0.196   5.398   1.00 29.46 ? 279 HOH A O   1 
HETATM 935 O O   . HOH B 2 .   ? -7.322  3.442   -10.120 1.00 28.20 ? 280 HOH A O   1 
HETATM 936 O O   . HOH B 2 .   ? 17.987  15.602  5.817   1.00 27.76 ? 281 HOH A O   1 
HETATM 937 O O   . HOH B 2 .   ? 17.170  16.605  8.378   1.00 27.55 ? 282 HOH A O   1 
HETATM 938 O O   . HOH B 2 .   ? -5.160  -7.012  12.984  1.00 26.98 ? 283 HOH A O   1 
HETATM 939 O O   . HOH B 2 .   ? -3.613  6.179   10.247  1.00 28.90 ? 284 HOH A O   1 
HETATM 940 O O   . HOH B 2 .   ? -1.025  5.721   -7.935  1.00 8.53  ? 285 HOH A O   1 
HETATM 941 O O   . HOH B 2 .   ? 1.542   -2.823  -10.818 1.00 24.38 ? 286 HOH A O   1 
# 
